data_3IY2
# 
_entry.id   3IY2 
# 
_audit_conform.dict_name       mmcif_pdbx.dic 
_audit_conform.dict_version    5.398 
_audit_conform.dict_location   http://mmcif.pdb.org/dictionaries/ascii/mmcif_pdbx.dic 
# 
loop_
_database_2.database_id 
_database_2.database_code 
_database_2.pdbx_database_accession 
_database_2.pdbx_DOI 
PDB   3IY2         pdb_00003iy2 10.2210/pdb3iy2/pdb 
RCSB  RCSB160008   ?            ?                   
WWPDB D_1000160008 ?            ?                   
# 
loop_
_pdbx_audit_revision_history.ordinal 
_pdbx_audit_revision_history.data_content_type 
_pdbx_audit_revision_history.major_revision 
_pdbx_audit_revision_history.minor_revision 
_pdbx_audit_revision_history.revision_date 
1 'Structure model' 1 0 2009-05-12 
2 'Structure model' 1 1 2011-07-13 
3 'Structure model' 1 2 2018-07-18 
4 'Structure model' 1 3 2024-11-06 
# 
_pdbx_audit_revision_details.ordinal             1 
_pdbx_audit_revision_details.revision_ordinal    1 
_pdbx_audit_revision_details.data_content_type   'Structure model' 
_pdbx_audit_revision_details.provider            repository 
_pdbx_audit_revision_details.type                'Initial release' 
_pdbx_audit_revision_details.description         ? 
_pdbx_audit_revision_details.details             ? 
# 
loop_
_pdbx_audit_revision_group.ordinal 
_pdbx_audit_revision_group.revision_ordinal 
_pdbx_audit_revision_group.data_content_type 
_pdbx_audit_revision_group.group 
1 2 'Structure model' 'Version format compliance' 
2 3 'Structure model' 'Data collection'           
3 4 'Structure model' 'Data collection'           
4 4 'Structure model' 'Database references'       
5 4 'Structure model' 'Structure summary'         
# 
loop_
_pdbx_audit_revision_category.ordinal 
_pdbx_audit_revision_category.revision_ordinal 
_pdbx_audit_revision_category.data_content_type 
_pdbx_audit_revision_category.category 
1 3 'Structure model' em_software               
2 4 'Structure model' chem_comp_atom            
3 4 'Structure model' chem_comp_bond            
4 4 'Structure model' database_2                
5 4 'Structure model' pdbx_entry_details        
6 4 'Structure model' pdbx_modification_feature 
# 
loop_
_pdbx_audit_revision_item.ordinal 
_pdbx_audit_revision_item.revision_ordinal 
_pdbx_audit_revision_item.data_content_type 
_pdbx_audit_revision_item.item 
1 3 'Structure model' '_em_software.image_processing_id'    
2 4 'Structure model' '_database_2.pdbx_DOI'                
3 4 'Structure model' '_database_2.pdbx_database_accession' 
# 
_pdbx_database_status.status_code                     REL 
_pdbx_database_status.entry_id                        3IY2 
_pdbx_database_status.recvd_initial_deposition_date   2009-04-09 
_pdbx_database_status.deposit_site                    RCSB 
_pdbx_database_status.process_site                    RCSB 
_pdbx_database_status.status_code_sf                  ? 
_pdbx_database_status.status_code_mr                  ? 
_pdbx_database_status.SG_entry                        ? 
_pdbx_database_status.pdb_format_compatible           Y 
_pdbx_database_status.status_code_cs                  ? 
_pdbx_database_status.methods_development_category    ? 
_pdbx_database_status.status_code_nmr_data            ? 
# 
_pdbx_database_related.db_name        EMDB 
_pdbx_database_related.db_id          EMD-5107 
_pdbx_database_related.content_type   'associated EM volume' 
_pdbx_database_related.details        
;the cryoEM 
reconstruction of the virus-Fab 6 complex
;
# 
loop_
_audit_author.name 
_audit_author.pdbx_ordinal 
'Hafenstein, S.' 1 
'Bowman, V.D.'   2 
'Sun, T.'        3 
'Nelson, C.D.'   4 
'Palermo, L.M.'  5 
'Chipman, P.R.'  6 
'Battisti, A.J.' 7 
'Parrish, C.R.'  8 
'Rossmann, M.G.' 9 
# 
_citation.id                        primary 
_citation.title                     'Structural comparison of different antibodies interacting with parvovirus capsids' 
_citation.journal_abbrev            J.Virol. 
_citation.journal_volume            83 
_citation.page_first                5556 
_citation.page_last                 5566 
_citation.year                      2009 
_citation.journal_id_ASTM           JOVIAM 
_citation.country                   US 
_citation.journal_id_ISSN           0022-538X 
_citation.journal_id_CSD            0825 
_citation.book_publisher            ? 
_citation.pdbx_database_id_PubMed   19321620 
_citation.pdbx_database_id_DOI      10.1128/JVI.02532-08 
# 
loop_
_citation_author.citation_id 
_citation_author.name 
_citation_author.ordinal 
_citation_author.identifier_ORCID 
primary 'Hafenstein, S.' 1 ? 
primary 'Bowman, V.D.'   2 ? 
primary 'Sun, T.'        3 ? 
primary 'Nelson, C.D.'   4 ? 
primary 'Palermo, L.M.'  5 ? 
primary 'Chipman, P.R.'  6 ? 
primary 'Battisti, A.J.' 7 ? 
primary 'Parrish, C.R.'  8 ? 
primary 'Rossmann, M.G.' 9 ? 
# 
loop_
_entity.id 
_entity.type 
_entity.src_method 
_entity.pdbx_description 
_entity.formula_weight 
_entity.pdbx_number_of_molecules 
_entity.pdbx_ec 
_entity.pdbx_mutation 
_entity.pdbx_fragment 
_entity.details 
1 polymer nat 'Antibody 6, light chain' 11739.198 1 ? ? 'fragment of antibody 6' ? 
2 polymer nat 'Antibody 6, heavy chain' 12260.739 1 ? ? 'FRAGMENT OF ANTIBODY 6' ? 
# 
loop_
_entity_poly.entity_id 
_entity_poly.type 
_entity_poly.nstd_linkage 
_entity_poly.nstd_monomer 
_entity_poly.pdbx_seq_one_letter_code 
_entity_poly.pdbx_seq_one_letter_code_can 
_entity_poly.pdbx_strand_id 
_entity_poly.pdbx_target_identifier 
1 'polypeptide(L)' no no 
;LMTQIPASLSASVGETVTITCRATKNIYSYLAWYQQKQGKSPQVLVHNAKTLTEGVPSRFSGSGSGTQFSLKINSLQPED
FGSYYCQHHYATPYTFGGGTKLEIKRA
;
;LMTQIPASLSASVGETVTITCRATKNIYSYLAWYQQKQGKSPQVLVHNAKTLTEGVPSRFSGSGSGTQFSLKINSLQPED
FGSYYCQHHYATPYTFGGGTKLEIKRA
;
A ? 
2 'polypeptide(L)' no no 
;SGTVLARPGASVKMSCKASGYTFTYWMHWVKQRPGQGLEWIGAIFPGNSDSDYNQKFKGKAKLTAVTSTSNETAYMDLSS
LTDSAVYYCTRKDYGTEVFVYWGQGTLVTVS
;
;SGTVLARPGASVKMSCKASGYTFTYWMHWVKQRPGQGLEWIGAIFPGNSDSDYNQKFKGKAKLTAVTSTSNETAYMDLSS
LTDSAVYYCTRKDYGTEVFVYWGQGTLVTVS
;
B ? 
# 
loop_
_entity_poly_seq.entity_id 
_entity_poly_seq.num 
_entity_poly_seq.mon_id 
_entity_poly_seq.hetero 
1 1   LEU n 
1 2   MET n 
1 3   THR n 
1 4   GLN n 
1 5   ILE n 
1 6   PRO n 
1 7   ALA n 
1 8   SER n 
1 9   LEU n 
1 10  SER n 
1 11  ALA n 
1 12  SER n 
1 13  VAL n 
1 14  GLY n 
1 15  GLU n 
1 16  THR n 
1 17  VAL n 
1 18  THR n 
1 19  ILE n 
1 20  THR n 
1 21  CYS n 
1 22  ARG n 
1 23  ALA n 
1 24  THR n 
1 25  LYS n 
1 26  ASN n 
1 27  ILE n 
1 28  TYR n 
1 29  SER n 
1 30  TYR n 
1 31  LEU n 
1 32  ALA n 
1 33  TRP n 
1 34  TYR n 
1 35  GLN n 
1 36  GLN n 
1 37  LYS n 
1 38  GLN n 
1 39  GLY n 
1 40  LYS n 
1 41  SER n 
1 42  PRO n 
1 43  GLN n 
1 44  VAL n 
1 45  LEU n 
1 46  VAL n 
1 47  HIS n 
1 48  ASN n 
1 49  ALA n 
1 50  LYS n 
1 51  THR n 
1 52  LEU n 
1 53  THR n 
1 54  GLU n 
1 55  GLY n 
1 56  VAL n 
1 57  PRO n 
1 58  SER n 
1 59  ARG n 
1 60  PHE n 
1 61  SER n 
1 62  GLY n 
1 63  SER n 
1 64  GLY n 
1 65  SER n 
1 66  GLY n 
1 67  THR n 
1 68  GLN n 
1 69  PHE n 
1 70  SER n 
1 71  LEU n 
1 72  LYS n 
1 73  ILE n 
1 74  ASN n 
1 75  SER n 
1 76  LEU n 
1 77  GLN n 
1 78  PRO n 
1 79  GLU n 
1 80  ASP n 
1 81  PHE n 
1 82  GLY n 
1 83  SER n 
1 84  TYR n 
1 85  TYR n 
1 86  CYS n 
1 87  GLN n 
1 88  HIS n 
1 89  HIS n 
1 90  TYR n 
1 91  ALA n 
1 92  THR n 
1 93  PRO n 
1 94  TYR n 
1 95  THR n 
1 96  PHE n 
1 97  GLY n 
1 98  GLY n 
1 99  GLY n 
1 100 THR n 
1 101 LYS n 
1 102 LEU n 
1 103 GLU n 
1 104 ILE n 
1 105 LYS n 
1 106 ARG n 
1 107 ALA n 
2 1   SER n 
2 2   GLY n 
2 3   THR n 
2 4   VAL n 
2 5   LEU n 
2 6   ALA n 
2 7   ARG n 
2 8   PRO n 
2 9   GLY n 
2 10  ALA n 
2 11  SER n 
2 12  VAL n 
2 13  LYS n 
2 14  MET n 
2 15  SER n 
2 16  CYS n 
2 17  LYS n 
2 18  ALA n 
2 19  SER n 
2 20  GLY n 
2 21  TYR n 
2 22  THR n 
2 23  PHE n 
2 24  THR n 
2 25  TYR n 
2 26  TRP n 
2 27  MET n 
2 28  HIS n 
2 29  TRP n 
2 30  VAL n 
2 31  LYS n 
2 32  GLN n 
2 33  ARG n 
2 34  PRO n 
2 35  GLY n 
2 36  GLN n 
2 37  GLY n 
2 38  LEU n 
2 39  GLU n 
2 40  TRP n 
2 41  ILE n 
2 42  GLY n 
2 43  ALA n 
2 44  ILE n 
2 45  PHE n 
2 46  PRO n 
2 47  GLY n 
2 48  ASN n 
2 49  SER n 
2 50  ASP n 
2 51  SER n 
2 52  ASP n 
2 53  TYR n 
2 54  ASN n 
2 55  GLN n 
2 56  LYS n 
2 57  PHE n 
2 58  LYS n 
2 59  GLY n 
2 60  LYS n 
2 61  ALA n 
2 62  LYS n 
2 63  LEU n 
2 64  THR n 
2 65  ALA n 
2 66  VAL n 
2 67  THR n 
2 68  SER n 
2 69  THR n 
2 70  SER n 
2 71  ASN n 
2 72  GLU n 
2 73  THR n 
2 74  ALA n 
2 75  TYR n 
2 76  MET n 
2 77  ASP n 
2 78  LEU n 
2 79  SER n 
2 80  SER n 
2 81  LEU n 
2 82  THR n 
2 83  ASP n 
2 84  SER n 
2 85  ALA n 
2 86  VAL n 
2 87  TYR n 
2 88  TYR n 
2 89  CYS n 
2 90  THR n 
2 91  ARG n 
2 92  LYS n 
2 93  ASP n 
2 94  TYR n 
2 95  GLY n 
2 96  THR n 
2 97  GLU n 
2 98  VAL n 
2 99  PHE n 
2 100 VAL n 
2 101 TYR n 
2 102 TRP n 
2 103 GLY n 
2 104 GLN n 
2 105 GLY n 
2 106 THR n 
2 107 LEU n 
2 108 VAL n 
2 109 THR n 
2 110 VAL n 
2 111 SER n 
# 
loop_
_entity_src_nat.entity_id 
_entity_src_nat.pdbx_src_id 
_entity_src_nat.pdbx_alt_source_flag 
_entity_src_nat.pdbx_beg_seq_num 
_entity_src_nat.pdbx_end_seq_num 
_entity_src_nat.common_name 
_entity_src_nat.pdbx_organism_scientific 
_entity_src_nat.pdbx_ncbi_taxonomy_id 
_entity_src_nat.genus 
_entity_src_nat.species 
_entity_src_nat.strain 
_entity_src_nat.tissue 
_entity_src_nat.tissue_fraction 
_entity_src_nat.pdbx_secretion 
_entity_src_nat.pdbx_fragment 
_entity_src_nat.pdbx_variant 
_entity_src_nat.pdbx_cell_line 
_entity_src_nat.pdbx_atcc 
_entity_src_nat.pdbx_cellular_location 
_entity_src_nat.pdbx_organ 
_entity_src_nat.pdbx_organelle 
_entity_src_nat.pdbx_cell 
_entity_src_nat.pdbx_plasmid_name 
_entity_src_nat.pdbx_plasmid_details 
_entity_src_nat.details 
1 1 sample ? ? ? 'Mus musculus' 10090 ? ? ? ? ? ? ? ? ? ? ? ? ? ? ? ? ? 
2 1 sample ? ? ? 'Mus musculus' 10090 ? ? ? ? ? ? ? ? ? ? ? ? ? ? ? ? ? 
# 
loop_
_chem_comp.id 
_chem_comp.type 
_chem_comp.mon_nstd_flag 
_chem_comp.name 
_chem_comp.pdbx_synonyms 
_chem_comp.formula 
_chem_comp.formula_weight 
ALA 'L-peptide linking' y ALANINE         ? 'C3 H7 N O2'     89.093  
ARG 'L-peptide linking' y ARGININE        ? 'C6 H15 N4 O2 1' 175.209 
ASN 'L-peptide linking' y ASPARAGINE      ? 'C4 H8 N2 O3'    132.118 
ASP 'L-peptide linking' y 'ASPARTIC ACID' ? 'C4 H7 N O4'     133.103 
CYS 'L-peptide linking' y CYSTEINE        ? 'C3 H7 N O2 S'   121.158 
GLN 'L-peptide linking' y GLUTAMINE       ? 'C5 H10 N2 O3'   146.144 
GLU 'L-peptide linking' y 'GLUTAMIC ACID' ? 'C5 H9 N O4'     147.129 
GLY 'peptide linking'   y GLYCINE         ? 'C2 H5 N O2'     75.067  
HIS 'L-peptide linking' y HISTIDINE       ? 'C6 H10 N3 O2 1' 156.162 
ILE 'L-peptide linking' y ISOLEUCINE      ? 'C6 H13 N O2'    131.173 
LEU 'L-peptide linking' y LEUCINE         ? 'C6 H13 N O2'    131.173 
LYS 'L-peptide linking' y LYSINE          ? 'C6 H15 N2 O2 1' 147.195 
MET 'L-peptide linking' y METHIONINE      ? 'C5 H11 N O2 S'  149.211 
PHE 'L-peptide linking' y PHENYLALANINE   ? 'C9 H11 N O2'    165.189 
PRO 'L-peptide linking' y PROLINE         ? 'C5 H9 N O2'     115.130 
SER 'L-peptide linking' y SERINE          ? 'C3 H7 N O3'     105.093 
THR 'L-peptide linking' y THREONINE       ? 'C4 H9 N O3'     119.119 
TRP 'L-peptide linking' y TRYPTOPHAN      ? 'C11 H12 N2 O2'  204.225 
TYR 'L-peptide linking' y TYROSINE        ? 'C9 H11 N O3'    181.189 
VAL 'L-peptide linking' y VALINE          ? 'C5 H11 N O2'    117.146 
# 
loop_
_pdbx_poly_seq_scheme.asym_id 
_pdbx_poly_seq_scheme.entity_id 
_pdbx_poly_seq_scheme.seq_id 
_pdbx_poly_seq_scheme.mon_id 
_pdbx_poly_seq_scheme.ndb_seq_num 
_pdbx_poly_seq_scheme.pdb_seq_num 
_pdbx_poly_seq_scheme.auth_seq_num 
_pdbx_poly_seq_scheme.pdb_mon_id 
_pdbx_poly_seq_scheme.auth_mon_id 
_pdbx_poly_seq_scheme.pdb_strand_id 
_pdbx_poly_seq_scheme.pdb_ins_code 
_pdbx_poly_seq_scheme.hetero 
A 1 1   LEU 1   1   1   LEU LEU A . n 
A 1 2   MET 2   2   2   MET MET A . n 
A 1 3   THR 3   3   3   THR THR A . n 
A 1 4   GLN 4   4   4   GLN GLN A . n 
A 1 5   ILE 5   5   5   ILE ILE A . n 
A 1 6   PRO 6   6   6   PRO PRO A . n 
A 1 7   ALA 7   7   7   ALA ALA A . n 
A 1 8   SER 8   8   8   SER SER A . n 
A 1 9   LEU 9   9   9   LEU LEU A . n 
A 1 10  SER 10  10  10  SER SER A . n 
A 1 11  ALA 11  11  11  ALA ALA A . n 
A 1 12  SER 12  12  12  SER SER A . n 
A 1 13  VAL 13  13  13  VAL VAL A . n 
A 1 14  GLY 14  14  14  GLY GLY A . n 
A 1 15  GLU 15  15  15  GLU GLU A . n 
A 1 16  THR 16  16  16  THR THR A . n 
A 1 17  VAL 17  17  17  VAL VAL A . n 
A 1 18  THR 18  18  18  THR THR A . n 
A 1 19  ILE 19  19  19  ILE ILE A . n 
A 1 20  THR 20  20  20  THR THR A . n 
A 1 21  CYS 21  21  21  CYS CYS A . n 
A 1 22  ARG 22  22  22  ARG ARG A . n 
A 1 23  ALA 23  23  23  ALA ALA A . n 
A 1 24  THR 24  24  24  THR THR A . n 
A 1 25  LYS 25  25  25  LYS LYS A . n 
A 1 26  ASN 26  26  26  ASN ASN A . n 
A 1 27  ILE 27  27  27  ILE ILE A . n 
A 1 28  TYR 28  28  28  TYR TYR A . n 
A 1 29  SER 29  29  29  SER SER A . n 
A 1 30  TYR 30  30  30  TYR TYR A . n 
A 1 31  LEU 31  31  31  LEU LEU A . n 
A 1 32  ALA 32  32  32  ALA ALA A . n 
A 1 33  TRP 33  33  33  TRP TRP A . n 
A 1 34  TYR 34  34  34  TYR TYR A . n 
A 1 35  GLN 35  35  35  GLN GLN A . n 
A 1 36  GLN 36  36  36  GLN GLN A . n 
A 1 37  LYS 37  37  37  LYS LYS A . n 
A 1 38  GLN 38  38  38  GLN GLN A . n 
A 1 39  GLY 39  39  39  GLY GLY A . n 
A 1 40  LYS 40  40  40  LYS LYS A . n 
A 1 41  SER 41  41  41  SER SER A . n 
A 1 42  PRO 42  42  42  PRO PRO A . n 
A 1 43  GLN 43  43  43  GLN GLN A . n 
A 1 44  VAL 44  44  44  VAL VAL A . n 
A 1 45  LEU 45  45  45  LEU LEU A . n 
A 1 46  VAL 46  46  46  VAL VAL A . n 
A 1 47  HIS 47  47  47  HIS HIS A . n 
A 1 48  ASN 48  48  48  ASN ASN A . n 
A 1 49  ALA 49  49  49  ALA ALA A . n 
A 1 50  LYS 50  50  50  LYS LYS A . n 
A 1 51  THR 51  51  51  THR THR A . n 
A 1 52  LEU 52  52  52  LEU LEU A . n 
A 1 53  THR 53  53  53  THR THR A . n 
A 1 54  GLU 54  54  54  GLU GLU A . n 
A 1 55  GLY 55  55  55  GLY GLY A . n 
A 1 56  VAL 56  56  56  VAL VAL A . n 
A 1 57  PRO 57  57  57  PRO PRO A . n 
A 1 58  SER 58  58  58  SER SER A . n 
A 1 59  ARG 59  59  59  ARG ARG A . n 
A 1 60  PHE 60  60  60  PHE PHE A . n 
A 1 61  SER 61  61  61  SER SER A . n 
A 1 62  GLY 62  62  62  GLY GLY A . n 
A 1 63  SER 63  63  63  SER SER A . n 
A 1 64  GLY 64  64  64  GLY GLY A . n 
A 1 65  SER 65  65  65  SER SER A . n 
A 1 66  GLY 66  66  66  GLY GLY A . n 
A 1 67  THR 67  67  67  THR THR A . n 
A 1 68  GLN 68  68  68  GLN GLN A . n 
A 1 69  PHE 69  69  69  PHE PHE A . n 
A 1 70  SER 70  70  70  SER SER A . n 
A 1 71  LEU 71  71  71  LEU LEU A . n 
A 1 72  LYS 72  72  72  LYS LYS A . n 
A 1 73  ILE 73  73  73  ILE ILE A . n 
A 1 74  ASN 74  74  74  ASN ASN A . n 
A 1 75  SER 75  75  75  SER SER A . n 
A 1 76  LEU 76  76  76  LEU LEU A . n 
A 1 77  GLN 77  77  77  GLN GLN A . n 
A 1 78  PRO 78  78  78  PRO PRO A . n 
A 1 79  GLU 79  79  79  GLU GLU A . n 
A 1 80  ASP 80  80  80  ASP ASP A . n 
A 1 81  PHE 81  81  81  PHE PHE A . n 
A 1 82  GLY 82  82  82  GLY GLY A . n 
A 1 83  SER 83  83  83  SER SER A . n 
A 1 84  TYR 84  84  84  TYR TYR A . n 
A 1 85  TYR 85  85  85  TYR TYR A . n 
A 1 86  CYS 86  86  86  CYS CYS A . n 
A 1 87  GLN 87  87  87  GLN GLN A . n 
A 1 88  HIS 88  88  88  HIS HIS A . n 
A 1 89  HIS 89  89  89  HIS HIS A . n 
A 1 90  TYR 90  90  90  TYR TYR A . n 
A 1 91  ALA 91  91  91  ALA ALA A . n 
A 1 92  THR 92  92  92  THR THR A . n 
A 1 93  PRO 93  93  93  PRO PRO A . n 
A 1 94  TYR 94  94  94  TYR TYR A . n 
A 1 95  THR 95  95  95  THR THR A . n 
A 1 96  PHE 96  96  96  PHE PHE A . n 
A 1 97  GLY 97  97  97  GLY GLY A . n 
A 1 98  GLY 98  98  98  GLY GLY A . n 
A 1 99  GLY 99  99  99  GLY GLY A . n 
A 1 100 THR 100 100 100 THR THR A . n 
A 1 101 LYS 101 101 101 LYS LYS A . n 
A 1 102 LEU 102 102 102 LEU LEU A . n 
A 1 103 GLU 103 103 103 GLU GLU A . n 
A 1 104 ILE 104 104 104 ILE ILE A . n 
A 1 105 LYS 105 105 105 LYS LYS A . n 
A 1 106 ARG 106 106 106 ARG ARG A . n 
A 1 107 ALA 107 107 107 ALA ALA A . n 
B 2 1   SER 1   108 108 SER SER B . n 
B 2 2   GLY 2   109 109 GLY GLY B . n 
B 2 3   THR 3   110 110 THR THR B . n 
B 2 4   VAL 4   111 111 VAL VAL B . n 
B 2 5   LEU 5   112 112 LEU LEU B . n 
B 2 6   ALA 6   113 113 ALA ALA B . n 
B 2 7   ARG 7   114 114 ARG ARG B . n 
B 2 8   PRO 8   115 115 PRO PRO B . n 
B 2 9   GLY 9   116 116 GLY GLY B . n 
B 2 10  ALA 10  117 117 ALA ALA B . n 
B 2 11  SER 11  118 118 SER SER B . n 
B 2 12  VAL 12  119 119 VAL VAL B . n 
B 2 13  LYS 13  120 120 LYS LYS B . n 
B 2 14  MET 14  121 121 MET MET B . n 
B 2 15  SER 15  122 122 SER SER B . n 
B 2 16  CYS 16  123 123 CYS CYS B . n 
B 2 17  LYS 17  124 124 LYS LYS B . n 
B 2 18  ALA 18  125 125 ALA ALA B . n 
B 2 19  SER 19  126 126 SER SER B . n 
B 2 20  GLY 20  127 127 GLY GLY B . n 
B 2 21  TYR 21  128 128 TYR TYR B . n 
B 2 22  THR 22  129 129 THR THR B . n 
B 2 23  PHE 23  130 130 PHE PHE B . n 
B 2 24  THR 24  131 131 THR THR B . n 
B 2 25  TYR 25  132 132 TYR TYR B . n 
B 2 26  TRP 26  133 133 TRP TRP B . n 
B 2 27  MET 27  134 134 MET MET B . n 
B 2 28  HIS 28  135 135 HIS HIS B . n 
B 2 29  TRP 29  136 136 TRP TRP B . n 
B 2 30  VAL 30  137 137 VAL VAL B . n 
B 2 31  LYS 31  138 138 LYS LYS B . n 
B 2 32  GLN 32  139 139 GLN GLN B . n 
B 2 33  ARG 33  140 140 ARG ARG B . n 
B 2 34  PRO 34  141 141 PRO PRO B . n 
B 2 35  GLY 35  142 142 GLY GLY B . n 
B 2 36  GLN 36  143 143 GLN GLN B . n 
B 2 37  GLY 37  144 144 GLY GLY B . n 
B 2 38  LEU 38  145 145 LEU LEU B . n 
B 2 39  GLU 39  146 146 GLU GLU B . n 
B 2 40  TRP 40  147 147 TRP TRP B . n 
B 2 41  ILE 41  148 148 ILE ILE B . n 
B 2 42  GLY 42  149 149 GLY GLY B . n 
B 2 43  ALA 43  150 150 ALA ALA B . n 
B 2 44  ILE 44  151 151 ILE ILE B . n 
B 2 45  PHE 45  152 152 PHE PHE B . n 
B 2 46  PRO 46  153 153 PRO PRO B . n 
B 2 47  GLY 47  154 154 GLY GLY B . n 
B 2 48  ASN 48  155 155 ASN ASN B . n 
B 2 49  SER 49  156 156 SER SER B . n 
B 2 50  ASP 50  157 157 ASP ASP B . n 
B 2 51  SER 51  158 158 SER SER B . n 
B 2 52  ASP 52  159 159 ASP ASP B . n 
B 2 53  TYR 53  160 160 TYR TYR B . n 
B 2 54  ASN 54  161 161 ASN ASN B . n 
B 2 55  GLN 55  162 162 GLN GLN B . n 
B 2 56  LYS 56  163 163 LYS LYS B . n 
B 2 57  PHE 57  164 164 PHE PHE B . n 
B 2 58  LYS 58  165 165 LYS LYS B . n 
B 2 59  GLY 59  166 166 GLY GLY B . n 
B 2 60  LYS 60  167 167 LYS LYS B . n 
B 2 61  ALA 61  168 168 ALA ALA B . n 
B 2 62  LYS 62  169 169 LYS LYS B . n 
B 2 63  LEU 63  170 170 LEU LEU B . n 
B 2 64  THR 64  171 171 THR THR B . n 
B 2 65  ALA 65  172 172 ALA ALA B . n 
B 2 66  VAL 66  173 173 VAL VAL B . n 
B 2 67  THR 67  174 174 THR THR B . n 
B 2 68  SER 68  175 175 SER SER B . n 
B 2 69  THR 69  176 176 THR THR B . n 
B 2 70  SER 70  177 177 SER SER B . n 
B 2 71  ASN 71  178 178 ASN ASN B . n 
B 2 72  GLU 72  179 179 GLU GLU B . n 
B 2 73  THR 73  180 180 THR THR B . n 
B 2 74  ALA 74  181 181 ALA ALA B . n 
B 2 75  TYR 75  182 182 TYR TYR B . n 
B 2 76  MET 76  183 183 MET MET B . n 
B 2 77  ASP 77  184 184 ASP ASP B . n 
B 2 78  LEU 78  185 185 LEU LEU B . n 
B 2 79  SER 79  186 186 SER SER B . n 
B 2 80  SER 80  187 187 SER SER B . n 
B 2 81  LEU 81  188 188 LEU LEU B . n 
B 2 82  THR 82  189 189 THR THR B . n 
B 2 83  ASP 83  190 190 ASP ASP B . n 
B 2 84  SER 84  191 191 SER SER B . n 
B 2 85  ALA 85  192 192 ALA ALA B . n 
B 2 86  VAL 86  193 193 VAL VAL B . n 
B 2 87  TYR 87  194 194 TYR TYR B . n 
B 2 88  TYR 88  195 195 TYR TYR B . n 
B 2 89  CYS 89  196 196 CYS CYS B . n 
B 2 90  THR 90  197 197 THR THR B . n 
B 2 91  ARG 91  198 198 ARG ARG B . n 
B 2 92  LYS 92  199 199 LYS LYS B . n 
B 2 93  ASP 93  200 200 ASP ASP B . n 
B 2 94  TYR 94  201 201 TYR TYR B . n 
B 2 95  GLY 95  202 202 GLY GLY B . n 
B 2 96  THR 96  203 203 THR THR B . n 
B 2 97  GLU 97  204 204 GLU GLU B . n 
B 2 98  VAL 98  205 205 VAL VAL B . n 
B 2 99  PHE 99  206 206 PHE PHE B . n 
B 2 100 VAL 100 207 207 VAL VAL B . n 
B 2 101 TYR 101 208 208 TYR TYR B . n 
B 2 102 TRP 102 209 209 TRP TRP B . n 
B 2 103 GLY 103 210 210 GLY GLY B . n 
B 2 104 GLN 104 211 211 GLN GLN B . n 
B 2 105 GLY 105 212 212 GLY GLY B . n 
B 2 106 THR 106 213 213 THR THR B . n 
B 2 107 LEU 107 214 214 LEU LEU B . n 
B 2 108 VAL 108 215 215 VAL VAL B . n 
B 2 109 THR 109 216 216 THR THR B . n 
B 2 110 VAL 110 217 217 VAL VAL B . n 
B 2 111 SER 111 218 218 SER SER B . n 
# 
_cell.entry_id           3IY2 
_cell.length_a           1.000 
_cell.length_b           1.000 
_cell.length_c           1.000 
_cell.angle_alpha        90.00 
_cell.angle_beta         90.00 
_cell.angle_gamma        90.00 
_cell.Z_PDB              1 
_cell.pdbx_unique_axis   ? 
_cell.length_a_esd       ? 
_cell.length_b_esd       ? 
_cell.length_c_esd       ? 
_cell.angle_alpha_esd    ? 
_cell.angle_beta_esd     ? 
_cell.angle_gamma_esd    ? 
# 
_symmetry.entry_id                         3IY2 
_symmetry.space_group_name_H-M             'P 1' 
_symmetry.pdbx_full_space_group_name_H-M   ? 
_symmetry.cell_setting                     ? 
_symmetry.Int_Tables_number                1 
_symmetry.space_group_name_Hall            ? 
# 
_exptl.entry_id          3IY2 
_exptl.method            'ELECTRON MICROSCOPY' 
_exptl.crystals_number   ? 
# 
_exptl_crystal.id                    1 
_exptl_crystal.density_meas          ? 
_exptl_crystal.density_Matthews      ? 
_exptl_crystal.density_percent_sol   ? 
_exptl_crystal.description           ? 
# 
_diffrn.id                     1 
_diffrn.ambient_temp           ? 
_diffrn.ambient_temp_details   ? 
_diffrn.crystal_id             1 
# 
_diffrn_radiation.diffrn_id                        1 
_diffrn_radiation.wavelength_id                    1 
_diffrn_radiation.pdbx_monochromatic_or_laue_m_l   M 
_diffrn_radiation.monochromator                    ? 
_diffrn_radiation.pdbx_diffrn_protocol             'SINGLE WAVELENGTH' 
_diffrn_radiation.pdbx_scattering_type             ? 
# 
_diffrn_radiation_wavelength.id           1 
_diffrn_radiation_wavelength.wavelength   . 
_diffrn_radiation_wavelength.wt           1.0 
# 
_refine_hist.pdbx_refine_id                   'ELECTRON MICROSCOPY' 
_refine_hist.cycle_id                         LAST 
_refine_hist.pdbx_number_atoms_protein        1690 
_refine_hist.pdbx_number_atoms_nucleic_acid   0 
_refine_hist.pdbx_number_atoms_ligand         0 
_refine_hist.number_atoms_solvent             0 
_refine_hist.number_atoms_total               1690 
_refine_hist.d_res_high                       . 
_refine_hist.d_res_low                        . 
# 
_struct.entry_id                  3IY2 
_struct.title                     
'Variable domains of the computer generated model (WAM) of Fab 6 fitted into the cryoEM reconstruction of the virus-Fab 6 complex' 
_struct.pdbx_model_details        ? 
_struct.pdbx_CASP_flag            ? 
_struct.pdbx_model_type_details   ? 
# 
_struct_keywords.entry_id        3IY2 
_struct_keywords.pdbx_keywords   'IMMUNE SYSTEM' 
_struct_keywords.text            'cryoEM, neutralizing antibody, parvovirus, canine, feline, fab footprint, IMMUNE SYSTEM' 
# 
loop_
_struct_asym.id 
_struct_asym.pdbx_blank_PDB_chainid_flag 
_struct_asym.pdbx_modified 
_struct_asym.entity_id 
_struct_asym.details 
A N N 1 ? 
B N N 2 ? 
# 
loop_
_struct_ref.id 
_struct_ref.db_name 
_struct_ref.db_code 
_struct_ref.pdbx_db_accession 
_struct_ref.entity_id 
_struct_ref.pdbx_align_begin 
_struct_ref.pdbx_seq_one_letter_code 
_struct_ref.pdbx_db_isoform 
1 PDB 3IY2 3IY2 1 1 
;LMTQIPASLSASVGETVTITCRATKNIYSYLAWYQQKQGKSPQVLVHNAKTLTEGVPSRFSGSGSGTQFSLKINSLQPED
FGSYYCQHHYATPYTFGGGTKLEIKRA
;
? 
2 PDB 3IY2 3IY2 2 1 
;SGTVLARPGASVKMSCKASGYTFTYWMHWVKQRPGQGLEWIGAIFPGNSDSDYNQKFKGKAKLTAVTSTSNETAYMDLSS
LTDSAVYYCTRKDYGTEVFVYWGQGTLVTVS
;
? 
# 
loop_
_struct_ref_seq.align_id 
_struct_ref_seq.ref_id 
_struct_ref_seq.pdbx_PDB_id_code 
_struct_ref_seq.pdbx_strand_id 
_struct_ref_seq.seq_align_beg 
_struct_ref_seq.pdbx_seq_align_beg_ins_code 
_struct_ref_seq.seq_align_end 
_struct_ref_seq.pdbx_seq_align_end_ins_code 
_struct_ref_seq.pdbx_db_accession 
_struct_ref_seq.db_align_beg 
_struct_ref_seq.pdbx_db_align_beg_ins_code 
_struct_ref_seq.db_align_end 
_struct_ref_seq.pdbx_db_align_end_ins_code 
_struct_ref_seq.pdbx_auth_seq_align_beg 
_struct_ref_seq.pdbx_auth_seq_align_end 
1 1 3IY2 A 1 ? 107 ? 3IY2 1   ? 107 ? 1   107 
2 2 3IY2 B 1 ? 111 ? 3IY2 108 ? 218 ? 108 218 
# 
_pdbx_struct_assembly.id                   1 
_pdbx_struct_assembly.details              author_defined_assembly 
_pdbx_struct_assembly.method_details       ? 
_pdbx_struct_assembly.oligomeric_details   dimeric 
_pdbx_struct_assembly.oligomeric_count     2 
# 
_pdbx_struct_assembly_gen.assembly_id       1 
_pdbx_struct_assembly_gen.oper_expression   1 
_pdbx_struct_assembly_gen.asym_id_list      A,B 
# 
_pdbx_struct_oper_list.id                   1 
_pdbx_struct_oper_list.type                 'identity operation' 
_pdbx_struct_oper_list.name                 1_555 
_pdbx_struct_oper_list.symmetry_operation   x,y,z 
_pdbx_struct_oper_list.matrix[1][1]         1.0000000000 
_pdbx_struct_oper_list.matrix[1][2]         0.0000000000 
_pdbx_struct_oper_list.matrix[1][3]         0.0000000000 
_pdbx_struct_oper_list.vector[1]            0.0000000000 
_pdbx_struct_oper_list.matrix[2][1]         0.0000000000 
_pdbx_struct_oper_list.matrix[2][2]         1.0000000000 
_pdbx_struct_oper_list.matrix[2][3]         0.0000000000 
_pdbx_struct_oper_list.vector[2]            0.0000000000 
_pdbx_struct_oper_list.matrix[3][1]         0.0000000000 
_pdbx_struct_oper_list.matrix[3][2]         0.0000000000 
_pdbx_struct_oper_list.matrix[3][3]         1.0000000000 
_pdbx_struct_oper_list.vector[3]            0.0000000000 
# 
_struct_biol.id        1 
_struct_biol.details   ? 
# 
loop_
_struct_conf.conf_type_id 
_struct_conf.id 
_struct_conf.pdbx_PDB_helix_id 
_struct_conf.beg_label_comp_id 
_struct_conf.beg_label_asym_id 
_struct_conf.beg_label_seq_id 
_struct_conf.pdbx_beg_PDB_ins_code 
_struct_conf.end_label_comp_id 
_struct_conf.end_label_asym_id 
_struct_conf.end_label_seq_id 
_struct_conf.pdbx_end_PDB_ins_code 
_struct_conf.beg_auth_comp_id 
_struct_conf.beg_auth_asym_id 
_struct_conf.beg_auth_seq_id 
_struct_conf.end_auth_comp_id 
_struct_conf.end_auth_asym_id 
_struct_conf.end_auth_seq_id 
_struct_conf.pdbx_PDB_helix_class 
_struct_conf.details 
_struct_conf.pdbx_PDB_helix_length 
HELX_P HELX_P1 1 GLN A 77 ? PHE A 81 ? GLN A 77  PHE A 81  5 ? 5 
HELX_P HELX_P2 2 GLN B 55 ? LYS B 58 ? GLN B 162 LYS B 165 5 ? 4 
HELX_P HELX_P3 3 SER B 80 ? SER B 84 ? SER B 187 SER B 191 5 ? 5 
# 
_struct_conf_type.id          HELX_P 
_struct_conf_type.criteria    ? 
_struct_conf_type.reference   ? 
# 
loop_
_struct_conn.id 
_struct_conn.conn_type_id 
_struct_conn.pdbx_leaving_atom_flag 
_struct_conn.pdbx_PDB_id 
_struct_conn.ptnr1_label_asym_id 
_struct_conn.ptnr1_label_comp_id 
_struct_conn.ptnr1_label_seq_id 
_struct_conn.ptnr1_label_atom_id 
_struct_conn.pdbx_ptnr1_label_alt_id 
_struct_conn.pdbx_ptnr1_PDB_ins_code 
_struct_conn.pdbx_ptnr1_standard_comp_id 
_struct_conn.ptnr1_symmetry 
_struct_conn.ptnr2_label_asym_id 
_struct_conn.ptnr2_label_comp_id 
_struct_conn.ptnr2_label_seq_id 
_struct_conn.ptnr2_label_atom_id 
_struct_conn.pdbx_ptnr2_label_alt_id 
_struct_conn.pdbx_ptnr2_PDB_ins_code 
_struct_conn.ptnr1_auth_asym_id 
_struct_conn.ptnr1_auth_comp_id 
_struct_conn.ptnr1_auth_seq_id 
_struct_conn.ptnr2_auth_asym_id 
_struct_conn.ptnr2_auth_comp_id 
_struct_conn.ptnr2_auth_seq_id 
_struct_conn.ptnr2_symmetry 
_struct_conn.pdbx_ptnr3_label_atom_id 
_struct_conn.pdbx_ptnr3_label_seq_id 
_struct_conn.pdbx_ptnr3_label_comp_id 
_struct_conn.pdbx_ptnr3_label_asym_id 
_struct_conn.pdbx_ptnr3_label_alt_id 
_struct_conn.pdbx_ptnr3_PDB_ins_code 
_struct_conn.details 
_struct_conn.pdbx_dist_value 
_struct_conn.pdbx_value_order 
_struct_conn.pdbx_role 
disulf1 disulf ? ? A CYS 21 SG ? ? ? 1_555 A CYS 86 SG ? ? A CYS 21  A CYS 86  1_555 ? ? ? ? ? ? ? 2.587 ? ? 
disulf2 disulf ? ? B CYS 16 SG ? ? ? 1_555 B CYS 89 SG ? ? B CYS 123 B CYS 196 1_555 ? ? ? ? ? ? ? 2.575 ? ? 
# 
_struct_conn_type.id          disulf 
_struct_conn_type.criteria    ? 
_struct_conn_type.reference   ? 
# 
loop_
_pdbx_modification_feature.ordinal 
_pdbx_modification_feature.label_comp_id 
_pdbx_modification_feature.label_asym_id 
_pdbx_modification_feature.label_seq_id 
_pdbx_modification_feature.label_alt_id 
_pdbx_modification_feature.modified_residue_label_comp_id 
_pdbx_modification_feature.modified_residue_label_asym_id 
_pdbx_modification_feature.modified_residue_label_seq_id 
_pdbx_modification_feature.modified_residue_label_alt_id 
_pdbx_modification_feature.auth_comp_id 
_pdbx_modification_feature.auth_asym_id 
_pdbx_modification_feature.auth_seq_id 
_pdbx_modification_feature.PDB_ins_code 
_pdbx_modification_feature.symmetry 
_pdbx_modification_feature.modified_residue_auth_comp_id 
_pdbx_modification_feature.modified_residue_auth_asym_id 
_pdbx_modification_feature.modified_residue_auth_seq_id 
_pdbx_modification_feature.modified_residue_PDB_ins_code 
_pdbx_modification_feature.modified_residue_symmetry 
_pdbx_modification_feature.comp_id_linking_atom 
_pdbx_modification_feature.modified_residue_id_linking_atom 
_pdbx_modification_feature.modified_residue_id 
_pdbx_modification_feature.ref_pcm_id 
_pdbx_modification_feature.ref_comp_id 
_pdbx_modification_feature.type 
_pdbx_modification_feature.category 
1 CYS A 21 ? CYS A 86 ? CYS A 21  ? 1_555 CYS A 86  ? 1_555 SG SG . . . None 'Disulfide bridge' 
2 CYS B 16 ? CYS B 89 ? CYS B 123 ? 1_555 CYS B 196 ? 1_555 SG SG . . . None 'Disulfide bridge' 
# 
loop_
_struct_mon_prot_cis.pdbx_id 
_struct_mon_prot_cis.label_comp_id 
_struct_mon_prot_cis.label_seq_id 
_struct_mon_prot_cis.label_asym_id 
_struct_mon_prot_cis.label_alt_id 
_struct_mon_prot_cis.pdbx_PDB_ins_code 
_struct_mon_prot_cis.auth_comp_id 
_struct_mon_prot_cis.auth_seq_id 
_struct_mon_prot_cis.auth_asym_id 
_struct_mon_prot_cis.pdbx_label_comp_id_2 
_struct_mon_prot_cis.pdbx_label_seq_id_2 
_struct_mon_prot_cis.pdbx_label_asym_id_2 
_struct_mon_prot_cis.pdbx_PDB_ins_code_2 
_struct_mon_prot_cis.pdbx_auth_comp_id_2 
_struct_mon_prot_cis.pdbx_auth_seq_id_2 
_struct_mon_prot_cis.pdbx_auth_asym_id_2 
_struct_mon_prot_cis.pdbx_PDB_model_num 
_struct_mon_prot_cis.pdbx_omega_angle 
1 ILE 5  A . ? ILE 5  A PRO 6  A ? PRO 6  A 1 3.97  
2 THR 92 A . ? THR 92 A PRO 93 A ? PRO 93 A 1 -2.95 
# 
loop_
_struct_sheet.id 
_struct_sheet.type 
_struct_sheet.number_strands 
_struct_sheet.details 
A ? 4 ? 
B ? 6 ? 
C ? 6 ? 
D ? 3 ? 
# 
loop_
_struct_sheet_order.sheet_id 
_struct_sheet_order.range_id_1 
_struct_sheet_order.range_id_2 
_struct_sheet_order.offset 
_struct_sheet_order.sense 
A 1 2 ? anti-parallel 
A 2 3 ? anti-parallel 
A 3 4 ? anti-parallel 
B 1 2 ? parallel      
B 2 3 ? anti-parallel 
B 3 4 ? anti-parallel 
B 4 5 ? anti-parallel 
B 5 6 ? anti-parallel 
C 1 2 ? parallel      
C 2 3 ? anti-parallel 
C 3 4 ? anti-parallel 
C 4 5 ? anti-parallel 
C 5 6 ? anti-parallel 
D 1 2 ? anti-parallel 
D 2 3 ? anti-parallel 
# 
loop_
_struct_sheet_range.sheet_id 
_struct_sheet_range.id 
_struct_sheet_range.beg_label_comp_id 
_struct_sheet_range.beg_label_asym_id 
_struct_sheet_range.beg_label_seq_id 
_struct_sheet_range.pdbx_beg_PDB_ins_code 
_struct_sheet_range.end_label_comp_id 
_struct_sheet_range.end_label_asym_id 
_struct_sheet_range.end_label_seq_id 
_struct_sheet_range.pdbx_end_PDB_ins_code 
_struct_sheet_range.beg_auth_comp_id 
_struct_sheet_range.beg_auth_asym_id 
_struct_sheet_range.beg_auth_seq_id 
_struct_sheet_range.end_auth_comp_id 
_struct_sheet_range.end_auth_asym_id 
_struct_sheet_range.end_auth_seq_id 
A 1 MET A 2   ? ILE A 5   ? MET A 2   ILE A 5   
A 2 VAL A 17  ? ALA A 23  ? VAL A 17  ALA A 23  
A 3 GLN A 68  ? ILE A 73  ? GLN A 68  ILE A 73  
A 4 PHE A 60  ? SER A 65  ? PHE A 60  SER A 65  
B 1 SER A 8   ? SER A 12  ? SER A 8   SER A 12  
B 2 THR A 100 ? LYS A 105 ? THR A 100 LYS A 105 
B 3 GLY A 82  ? HIS A 88  ? GLY A 82  HIS A 88  
B 4 LEU A 31  ? GLN A 36  ? LEU A 31  GLN A 36  
B 5 GLN A 43  ? HIS A 47  ? GLN A 43  HIS A 47  
B 6 THR A 51  ? LEU A 52  ? THR A 51  LEU A 52  
C 1 VAL B 4   ? ALA B 6   ? VAL B 111 ALA B 113 
C 2 LEU B 107 ? VAL B 110 ? LEU B 214 VAL B 217 
C 3 ALA B 85  ? LYS B 92  ? ALA B 192 LYS B 199 
C 4 TRP B 26  ? GLN B 32  ? TRP B 133 GLN B 139 
C 5 LEU B 38  ? PHE B 45  ? LEU B 145 PHE B 152 
C 6 ASP B 50  ? TYR B 53  ? ASP B 157 TYR B 160 
D 1 SER B 11  ? LYS B 17  ? SER B 118 LYS B 124 
D 2 ASN B 71  ? ASP B 77  ? ASN B 178 ASP B 184 
D 3 ALA B 61  ? VAL B 66  ? ALA B 168 VAL B 173 
# 
loop_
_pdbx_struct_sheet_hbond.sheet_id 
_pdbx_struct_sheet_hbond.range_id_1 
_pdbx_struct_sheet_hbond.range_id_2 
_pdbx_struct_sheet_hbond.range_1_label_atom_id 
_pdbx_struct_sheet_hbond.range_1_label_comp_id 
_pdbx_struct_sheet_hbond.range_1_label_asym_id 
_pdbx_struct_sheet_hbond.range_1_label_seq_id 
_pdbx_struct_sheet_hbond.range_1_PDB_ins_code 
_pdbx_struct_sheet_hbond.range_1_auth_atom_id 
_pdbx_struct_sheet_hbond.range_1_auth_comp_id 
_pdbx_struct_sheet_hbond.range_1_auth_asym_id 
_pdbx_struct_sheet_hbond.range_1_auth_seq_id 
_pdbx_struct_sheet_hbond.range_2_label_atom_id 
_pdbx_struct_sheet_hbond.range_2_label_comp_id 
_pdbx_struct_sheet_hbond.range_2_label_asym_id 
_pdbx_struct_sheet_hbond.range_2_label_seq_id 
_pdbx_struct_sheet_hbond.range_2_PDB_ins_code 
_pdbx_struct_sheet_hbond.range_2_auth_atom_id 
_pdbx_struct_sheet_hbond.range_2_auth_comp_id 
_pdbx_struct_sheet_hbond.range_2_auth_asym_id 
_pdbx_struct_sheet_hbond.range_2_auth_seq_id 
A 1 2 N ILE A 5   ? N ILE A 5   O THR A 20  ? O THR A 20  
A 2 3 N ILE A 19  ? N ILE A 19  O LEU A 71  ? O LEU A 71  
A 3 4 O SER A 70  ? O SER A 70  N SER A 63  ? N SER A 63  
B 1 2 N ALA A 11  ? N ALA A 11  O LYS A 105 ? O LYS A 105 
B 2 3 O LEU A 102 ? O LEU A 102 N GLY A 82  ? N GLY A 82  
B 3 4 O TYR A 85  ? O TYR A 85  N TYR A 34  ? N TYR A 34  
B 4 5 N TRP A 33  ? N TRP A 33  O VAL A 46  ? O VAL A 46  
B 5 6 N HIS A 47  ? N HIS A 47  O THR A 51  ? O THR A 51  
C 1 2 N VAL B 4   ? N VAL B 111 O THR B 109 ? O THR B 216 
C 2 3 O VAL B 108 ? O VAL B 215 N ALA B 85  ? N ALA B 192 
C 3 4 O VAL B 86  ? O VAL B 193 N GLN B 32  ? N GLN B 139 
C 4 5 N LYS B 31  ? N LYS B 138 O GLU B 39  ? O GLU B 146 
C 5 6 N ALA B 43  ? N ALA B 150 O ASP B 52  ? O ASP B 159 
D 1 2 N MET B 14  ? N MET B 121 O ALA B 74  ? O ALA B 181 
D 2 3 O THR B 73  ? O THR B 180 N THR B 64  ? N THR B 171 
# 
_pdbx_entry_details.entry_id                   3IY2 
_pdbx_entry_details.compound_details           ? 
_pdbx_entry_details.source_details             ? 
_pdbx_entry_details.nonpolymer_details         ? 
_pdbx_entry_details.sequence_details           ? 
_pdbx_entry_details.has_ligand_of_interest     ? 
_pdbx_entry_details.has_protein_modification   Y 
# 
loop_
_pdbx_validate_rmsd_bond.id 
_pdbx_validate_rmsd_bond.PDB_model_num 
_pdbx_validate_rmsd_bond.auth_atom_id_1 
_pdbx_validate_rmsd_bond.auth_asym_id_1 
_pdbx_validate_rmsd_bond.auth_comp_id_1 
_pdbx_validate_rmsd_bond.auth_seq_id_1 
_pdbx_validate_rmsd_bond.PDB_ins_code_1 
_pdbx_validate_rmsd_bond.label_alt_id_1 
_pdbx_validate_rmsd_bond.auth_atom_id_2 
_pdbx_validate_rmsd_bond.auth_asym_id_2 
_pdbx_validate_rmsd_bond.auth_comp_id_2 
_pdbx_validate_rmsd_bond.auth_seq_id_2 
_pdbx_validate_rmsd_bond.PDB_ins_code_2 
_pdbx_validate_rmsd_bond.label_alt_id_2 
_pdbx_validate_rmsd_bond.bond_value 
_pdbx_validate_rmsd_bond.bond_target_value 
_pdbx_validate_rmsd_bond.bond_deviation 
_pdbx_validate_rmsd_bond.bond_standard_deviation 
_pdbx_validate_rmsd_bond.linker_flag 
1 1 C  A THR 67  ? ? O   A THR 67  ? ? 1.016 1.229 -0.213 0.019 N 
2 1 C  A THR 67  ? ? N   A GLN 68  ? ? 1.503 1.336 0.167  0.023 Y 
3 1 CZ B PHE 164 ? ? CE2 B PHE 164 ? ? 1.233 1.369 -0.136 0.019 N 
# 
loop_
_pdbx_validate_rmsd_angle.id 
_pdbx_validate_rmsd_angle.PDB_model_num 
_pdbx_validate_rmsd_angle.auth_atom_id_1 
_pdbx_validate_rmsd_angle.auth_asym_id_1 
_pdbx_validate_rmsd_angle.auth_comp_id_1 
_pdbx_validate_rmsd_angle.auth_seq_id_1 
_pdbx_validate_rmsd_angle.PDB_ins_code_1 
_pdbx_validate_rmsd_angle.label_alt_id_1 
_pdbx_validate_rmsd_angle.auth_atom_id_2 
_pdbx_validate_rmsd_angle.auth_asym_id_2 
_pdbx_validate_rmsd_angle.auth_comp_id_2 
_pdbx_validate_rmsd_angle.auth_seq_id_2 
_pdbx_validate_rmsd_angle.PDB_ins_code_2 
_pdbx_validate_rmsd_angle.label_alt_id_2 
_pdbx_validate_rmsd_angle.auth_atom_id_3 
_pdbx_validate_rmsd_angle.auth_asym_id_3 
_pdbx_validate_rmsd_angle.auth_comp_id_3 
_pdbx_validate_rmsd_angle.auth_seq_id_3 
_pdbx_validate_rmsd_angle.PDB_ins_code_3 
_pdbx_validate_rmsd_angle.label_alt_id_3 
_pdbx_validate_rmsd_angle.angle_value 
_pdbx_validate_rmsd_angle.angle_target_value 
_pdbx_validate_rmsd_angle.angle_deviation 
_pdbx_validate_rmsd_angle.angle_standard_deviation 
_pdbx_validate_rmsd_angle.linker_flag 
1  1 CA  A VAL 17  ? ? CB  A VAL 17  ? ? CG2 A VAL 17  ? ? 97.03  110.90 -13.87 1.50 N 
2  1 CB  A TYR 30  ? ? CG  A TYR 30  ? ? CD2 A TYR 30  ? ? 117.07 121.00 -3.93  0.60 N 
3  1 N   A GLU 54  ? ? CA  A GLU 54  ? ? CB  A GLU 54  ? ? 98.70  110.60 -11.90 1.80 N 
4  1 NE  A ARG 59  ? ? CZ  A ARG 59  ? ? NH1 A ARG 59  ? ? 123.63 120.30 3.33   0.50 N 
5  1 OE1 A GLN 68  ? ? CD  A GLN 68  ? ? NE2 A GLN 68  ? ? 103.25 121.90 -18.65 2.30 N 
6  1 CG  A GLN 68  ? ? CD  A GLN 68  ? ? NE2 A GLN 68  ? ? 134.78 116.70 18.08  2.40 N 
7  1 ND1 A HIS 88  ? ? CE1 A HIS 88  ? ? NE2 A HIS 88  ? ? 120.81 111.50 9.31   1.30 N 
8  1 ND1 A HIS 89  ? ? CE1 A HIS 89  ? ? NE2 A HIS 89  ? ? 119.31 111.50 7.81   1.30 N 
9  1 CB  A PRO 93  ? ? CA  A PRO 93  ? ? C   A PRO 93  ? ? 86.14  112.00 -25.86 2.50 N 
10 1 N   B HIS 135 ? ? CA  B HIS 135 ? ? CB  B HIS 135 ? ? 94.96  110.60 -15.64 1.80 N 
11 1 CB  B HIS 135 ? ? CG  B HIS 135 ? ? CD2 B HIS 135 ? ? 111.93 129.70 -17.77 1.60 N 
12 1 CG  B HIS 135 ? ? ND1 B HIS 135 ? ? CE1 B HIS 135 ? ? 97.78  105.70 -7.92  1.30 N 
13 1 ND1 B HIS 135 ? ? CE1 B HIS 135 ? ? NE2 B HIS 135 ? ? 119.36 111.50 7.86   1.30 N 
14 1 CD1 B TRP 136 ? ? NE1 B TRP 136 ? ? CE2 B TRP 136 ? ? 103.51 109.00 -5.49  0.90 N 
15 1 CG  B GLU 146 ? ? CD  B GLU 146 ? ? OE1 B GLU 146 ? ? 96.98  118.30 -21.32 2.00 N 
16 1 CG  B GLU 146 ? ? CD  B GLU 146 ? ? OE2 B GLU 146 ? ? 136.18 118.30 17.88  2.00 N 
17 1 CD1 B TRP 147 ? ? NE1 B TRP 147 ? ? CE2 B TRP 147 ? ? 101.87 109.00 -7.13  0.90 N 
18 1 CG1 B ILE 148 ? ? CB  B ILE 148 ? ? CG2 B ILE 148 ? ? 94.60  111.40 -16.80 2.20 N 
19 1 CB  B PHE 164 ? ? CG  B PHE 164 ? ? CD2 B PHE 164 ? ? 114.31 120.80 -6.49  0.70 N 
20 1 CD1 B PHE 164 ? ? CG  B PHE 164 ? ? CD2 B PHE 164 ? ? 127.30 118.30 9.00   1.30 N 
21 1 CB  B PHE 164 ? ? CG  B PHE 164 ? ? CD1 B PHE 164 ? ? 116.10 120.80 -4.70  0.70 N 
22 1 CG  B PHE 164 ? ? CD1 B PHE 164 ? ? CE1 B PHE 164 ? ? 113.87 120.80 -6.93  1.10 N 
23 1 CG  B PHE 164 ? ? CD2 B PHE 164 ? ? CE2 B PHE 164 ? ? 109.79 120.80 -11.01 1.10 N 
24 1 CD1 B PHE 164 ? ? CE1 B PHE 164 ? ? CZ  B PHE 164 ? ? 86.40  120.10 -33.70 1.20 N 
25 1 CZ  B PHE 164 ? ? CE2 B PHE 164 ? ? CD2 B PHE 164 ? ? 93.90  120.10 -26.20 1.20 N 
26 1 CB  B LEU 170 ? ? CA  B LEU 170 ? ? C   B LEU 170 ? ? 97.44  110.20 -12.76 1.90 N 
27 1 N   B LEU 170 ? ? CA  B LEU 170 ? ? CB  B LEU 170 ? ? 90.34  110.40 -20.06 2.00 N 
28 1 CB  B LEU 170 ? ? CG  B LEU 170 ? ? CD2 B LEU 170 ? ? 95.70  111.00 -15.30 1.70 N 
29 1 CA  B VAL 205 ? ? CB  B VAL 205 ? ? CG2 B VAL 205 ? ? 94.93  110.90 -15.97 1.50 N 
30 1 CB  B TYR 208 ? ? CG  B TYR 208 ? ? CD2 B TYR 208 ? ? 116.49 121.00 -4.51  0.60 N 
# 
loop_
_pdbx_validate_torsion.id 
_pdbx_validate_torsion.PDB_model_num 
_pdbx_validate_torsion.auth_comp_id 
_pdbx_validate_torsion.auth_asym_id 
_pdbx_validate_torsion.auth_seq_id 
_pdbx_validate_torsion.PDB_ins_code 
_pdbx_validate_torsion.label_alt_id 
_pdbx_validate_torsion.phi 
_pdbx_validate_torsion.psi 
1  1 TYR A 28  ? ? 55.55   -114.08 
2  1 LEU A 45  ? ? -122.24 -59.25  
3  1 ALA A 49  ? ? 61.48   -51.67  
4  1 ALA A 91  ? ? 66.26   153.16  
5  1 VAL B 111 ? ? 123.04  -169.09 
6  1 ASN B 155 ? ? -177.35 -17.30  
7  1 ALA B 192 ? ? 169.85  172.49  
8  1 GLU B 204 ? ? -81.42  -104.97 
9  1 TYR B 208 ? ? -31.22  151.10  
10 1 TRP B 209 ? ? -178.38 2.24    
11 1 THR B 213 ? ? 163.32  103.72  
# 
_pdbx_validate_chiral.id              1 
_pdbx_validate_chiral.PDB_model_num   1 
_pdbx_validate_chiral.auth_atom_id    CA 
_pdbx_validate_chiral.label_alt_id    ? 
_pdbx_validate_chiral.auth_asym_id    B 
_pdbx_validate_chiral.auth_comp_id    TYR 
_pdbx_validate_chiral.auth_seq_id     208 
_pdbx_validate_chiral.PDB_ins_code    ? 
_pdbx_validate_chiral.details         PLANAR 
_pdbx_validate_chiral.omega           . 
# 
loop_
_pdbx_validate_planes.id 
_pdbx_validate_planes.PDB_model_num 
_pdbx_validate_planes.auth_comp_id 
_pdbx_validate_planes.auth_asym_id 
_pdbx_validate_planes.auth_seq_id 
_pdbx_validate_planes.PDB_ins_code 
_pdbx_validate_planes.label_alt_id 
_pdbx_validate_planes.rmsd 
_pdbx_validate_planes.type 
1 1 GLN A 68  ? ? 0.098 'SIDE CHAIN' 
2 1 HIS B 135 ? ? 0.187 'SIDE CHAIN' 
3 1 PHE B 164 ? ? 0.182 'SIDE CHAIN' 
4 1 PHE B 206 ? ? 0.112 'SIDE CHAIN' 
5 1 TYR B 208 ? ? 0.132 'SIDE CHAIN' 
# 
_em_3d_reconstruction.entry_id                    3IY2 
_em_3d_reconstruction.id                          1 
_em_3d_reconstruction.resolution_method           'FSC 0.5 CUT-OFF' 
_em_3d_reconstruction.symmetry_type               POINT 
_em_3d_reconstruction.image_processing_id         1 
_em_3d_reconstruction.method                      'common lines' 
_em_3d_reconstruction.resolution                  18 
_em_3d_reconstruction.num_particles               2520 
_em_3d_reconstruction.nominal_pixel_size          ? 
_em_3d_reconstruction.actual_pixel_size           ? 
_em_3d_reconstruction.magnification_calibration   ? 
_em_3d_reconstruction.details                     ? 
_em_3d_reconstruction.num_class_averages          ? 
_em_3d_reconstruction.algorithm                   ? 
# 
_em_buffer.id            1 
_em_buffer.specimen_id   1 
_em_buffer.name          ? 
_em_buffer.pH            7.5 
_em_buffer.details       '10mM Tris-HCL' 
# 
loop_
_em_entity_assembly.id 
_em_entity_assembly.name 
_em_entity_assembly.type 
_em_entity_assembly.parent_id 
_em_entity_assembly.synonym 
_em_entity_assembly.details 
_em_entity_assembly.oligomeric_details 
1 'Fab fragment from MAb B interacting with feline panleukopenia virus (FPV)' COMPLEX 0 ?   ? ? 
2 'feline panleukopenia virus'                                                VIRUS   1 FPV ? ? 
# 
_em_image_scans.entry_id                3IY2 
_em_image_scans.id                      1 
_em_image_scans.image_recording_id      1 
_em_image_scans.number_digital_images   42 
_em_image_scans.scanner_model           'ZEISS SCAI' 
_em_image_scans.sampling_size           7 
_em_image_scans.od_range                0.9 
_em_image_scans.quant_bit_size          ? 
_em_image_scans.details                 'scanned at 7 microns and bin averaged to 14' 
_em_image_scans.citation_id             ? 
# 
_em_imaging.entry_id                        3IY2 
_em_imaging.id                              1 
_em_imaging.microscope_model                'FEI/PHILIPS CM300FEG/T' 
_em_imaging.electron_source                 'TUNGSTEN HAIRPIN' 
_em_imaging.specimen_id                     1 
_em_imaging.specimen_holder_type            'side mounted nitrogen cooled' 
_em_imaging.specimen_holder_model           'GATAN LIQUID NITROGEN' 
_em_imaging.accelerating_voltage            300 
_em_imaging.illumination_mode               'FLOOD BEAM' 
_em_imaging.mode                            'BRIGHT FIELD' 
_em_imaging.nominal_defocus_min             1.2 
_em_imaging.nominal_defocus_max             4.2 
_em_imaging.tilt_angle_min                  0.0 
_em_imaging.tilt_angle_max                  0.0 
_em_imaging.nominal_magnification           45000 
_em_imaging.calibrated_magnification        47190 
_em_imaging.temperature                     93 
_em_imaging.recording_temperature_minimum   93 
_em_imaging.recording_temperature_maximum   93 
_em_imaging.detector_distance               0.0 
_em_imaging.date                            2005-04-15 
_em_imaging.electron_beam_tilt_params       ? 
_em_imaging.astigmatism                     'objective lens astigmatism was corrected at 100,000 times magnification' 
_em_imaging.details                         ? 
_em_imaging.nominal_cs                      ? 
_em_imaging.citation_id                     ? 
# 
_em_virus_entity.id                    1 
_em_virus_entity.virus_host_category   VERTEBRATES 
_em_virus_entity.entity_assembly_id    1 
_em_virus_entity.virus_type            VIRION 
_em_virus_entity.virus_isolate         STRAIN 
_em_virus_entity.empty                 YES 
_em_virus_entity.enveloped             NO 
_em_virus_entity.details               ? 
# 
_em_vitrification.entry_id              3IY2 
_em_vitrification.id                    1 
_em_vitrification.instrument            'HOMEMADE PLUNGER' 
_em_vitrification.cryogen_name          ETHANE 
_em_vitrification.humidity              ? 
_em_vitrification.temp                  120 
_em_vitrification.method                'blot before plunging' 
_em_vitrification.time_resolved_state   ? 
_em_vitrification.details               ? 
_em_vitrification.citation_id           ? 
_em_vitrification.specimen_id           1 
# 
_em_experiment.reconstruction_method   'SINGLE PARTICLE' 
_em_experiment.entry_id                3IY2 
_em_experiment.id                      1 
_em_experiment.aggregation_state       PARTICLE 
_em_experiment.entity_assembly_id      1 
# 
_em_single_particle_entity.entry_id              3IY2 
_em_single_particle_entity.id                    1 
_em_single_particle_entity.point_symmetry        I 
_em_single_particle_entity.image_processing_id   1 
# 
loop_
_chem_comp_atom.comp_id 
_chem_comp_atom.atom_id 
_chem_comp_atom.type_symbol 
_chem_comp_atom.pdbx_aromatic_flag 
_chem_comp_atom.pdbx_stereo_config 
_chem_comp_atom.pdbx_ordinal 
ALA N    N N N 1   
ALA CA   C N S 2   
ALA C    C N N 3   
ALA O    O N N 4   
ALA CB   C N N 5   
ALA OXT  O N N 6   
ALA H    H N N 7   
ALA H2   H N N 8   
ALA HA   H N N 9   
ALA HB1  H N N 10  
ALA HB2  H N N 11  
ALA HB3  H N N 12  
ALA HXT  H N N 13  
ARG N    N N N 14  
ARG CA   C N S 15  
ARG C    C N N 16  
ARG O    O N N 17  
ARG CB   C N N 18  
ARG CG   C N N 19  
ARG CD   C N N 20  
ARG NE   N N N 21  
ARG CZ   C N N 22  
ARG NH1  N N N 23  
ARG NH2  N N N 24  
ARG OXT  O N N 25  
ARG H    H N N 26  
ARG H2   H N N 27  
ARG HA   H N N 28  
ARG HB2  H N N 29  
ARG HB3  H N N 30  
ARG HG2  H N N 31  
ARG HG3  H N N 32  
ARG HD2  H N N 33  
ARG HD3  H N N 34  
ARG HE   H N N 35  
ARG HH11 H N N 36  
ARG HH12 H N N 37  
ARG HH21 H N N 38  
ARG HH22 H N N 39  
ARG HXT  H N N 40  
ASN N    N N N 41  
ASN CA   C N S 42  
ASN C    C N N 43  
ASN O    O N N 44  
ASN CB   C N N 45  
ASN CG   C N N 46  
ASN OD1  O N N 47  
ASN ND2  N N N 48  
ASN OXT  O N N 49  
ASN H    H N N 50  
ASN H2   H N N 51  
ASN HA   H N N 52  
ASN HB2  H N N 53  
ASN HB3  H N N 54  
ASN HD21 H N N 55  
ASN HD22 H N N 56  
ASN HXT  H N N 57  
ASP N    N N N 58  
ASP CA   C N S 59  
ASP C    C N N 60  
ASP O    O N N 61  
ASP CB   C N N 62  
ASP CG   C N N 63  
ASP OD1  O N N 64  
ASP OD2  O N N 65  
ASP OXT  O N N 66  
ASP H    H N N 67  
ASP H2   H N N 68  
ASP HA   H N N 69  
ASP HB2  H N N 70  
ASP HB3  H N N 71  
ASP HD2  H N N 72  
ASP HXT  H N N 73  
CYS N    N N N 74  
CYS CA   C N R 75  
CYS C    C N N 76  
CYS O    O N N 77  
CYS CB   C N N 78  
CYS SG   S N N 79  
CYS OXT  O N N 80  
CYS H    H N N 81  
CYS H2   H N N 82  
CYS HA   H N N 83  
CYS HB2  H N N 84  
CYS HB3  H N N 85  
CYS HG   H N N 86  
CYS HXT  H N N 87  
GLN N    N N N 88  
GLN CA   C N S 89  
GLN C    C N N 90  
GLN O    O N N 91  
GLN CB   C N N 92  
GLN CG   C N N 93  
GLN CD   C N N 94  
GLN OE1  O N N 95  
GLN NE2  N N N 96  
GLN OXT  O N N 97  
GLN H    H N N 98  
GLN H2   H N N 99  
GLN HA   H N N 100 
GLN HB2  H N N 101 
GLN HB3  H N N 102 
GLN HG2  H N N 103 
GLN HG3  H N N 104 
GLN HE21 H N N 105 
GLN HE22 H N N 106 
GLN HXT  H N N 107 
GLU N    N N N 108 
GLU CA   C N S 109 
GLU C    C N N 110 
GLU O    O N N 111 
GLU CB   C N N 112 
GLU CG   C N N 113 
GLU CD   C N N 114 
GLU OE1  O N N 115 
GLU OE2  O N N 116 
GLU OXT  O N N 117 
GLU H    H N N 118 
GLU H2   H N N 119 
GLU HA   H N N 120 
GLU HB2  H N N 121 
GLU HB3  H N N 122 
GLU HG2  H N N 123 
GLU HG3  H N N 124 
GLU HE2  H N N 125 
GLU HXT  H N N 126 
GLY N    N N N 127 
GLY CA   C N N 128 
GLY C    C N N 129 
GLY O    O N N 130 
GLY OXT  O N N 131 
GLY H    H N N 132 
GLY H2   H N N 133 
GLY HA2  H N N 134 
GLY HA3  H N N 135 
GLY HXT  H N N 136 
HIS N    N N N 137 
HIS CA   C N S 138 
HIS C    C N N 139 
HIS O    O N N 140 
HIS CB   C N N 141 
HIS CG   C Y N 142 
HIS ND1  N Y N 143 
HIS CD2  C Y N 144 
HIS CE1  C Y N 145 
HIS NE2  N Y N 146 
HIS OXT  O N N 147 
HIS H    H N N 148 
HIS H2   H N N 149 
HIS HA   H N N 150 
HIS HB2  H N N 151 
HIS HB3  H N N 152 
HIS HD1  H N N 153 
HIS HD2  H N N 154 
HIS HE1  H N N 155 
HIS HE2  H N N 156 
HIS HXT  H N N 157 
ILE N    N N N 158 
ILE CA   C N S 159 
ILE C    C N N 160 
ILE O    O N N 161 
ILE CB   C N S 162 
ILE CG1  C N N 163 
ILE CG2  C N N 164 
ILE CD1  C N N 165 
ILE OXT  O N N 166 
ILE H    H N N 167 
ILE H2   H N N 168 
ILE HA   H N N 169 
ILE HB   H N N 170 
ILE HG12 H N N 171 
ILE HG13 H N N 172 
ILE HG21 H N N 173 
ILE HG22 H N N 174 
ILE HG23 H N N 175 
ILE HD11 H N N 176 
ILE HD12 H N N 177 
ILE HD13 H N N 178 
ILE HXT  H N N 179 
LEU N    N N N 180 
LEU CA   C N S 181 
LEU C    C N N 182 
LEU O    O N N 183 
LEU CB   C N N 184 
LEU CG   C N N 185 
LEU CD1  C N N 186 
LEU CD2  C N N 187 
LEU OXT  O N N 188 
LEU H    H N N 189 
LEU H2   H N N 190 
LEU HA   H N N 191 
LEU HB2  H N N 192 
LEU HB3  H N N 193 
LEU HG   H N N 194 
LEU HD11 H N N 195 
LEU HD12 H N N 196 
LEU HD13 H N N 197 
LEU HD21 H N N 198 
LEU HD22 H N N 199 
LEU HD23 H N N 200 
LEU HXT  H N N 201 
LYS N    N N N 202 
LYS CA   C N S 203 
LYS C    C N N 204 
LYS O    O N N 205 
LYS CB   C N N 206 
LYS CG   C N N 207 
LYS CD   C N N 208 
LYS CE   C N N 209 
LYS NZ   N N N 210 
LYS OXT  O N N 211 
LYS H    H N N 212 
LYS H2   H N N 213 
LYS HA   H N N 214 
LYS HB2  H N N 215 
LYS HB3  H N N 216 
LYS HG2  H N N 217 
LYS HG3  H N N 218 
LYS HD2  H N N 219 
LYS HD3  H N N 220 
LYS HE2  H N N 221 
LYS HE3  H N N 222 
LYS HZ1  H N N 223 
LYS HZ2  H N N 224 
LYS HZ3  H N N 225 
LYS HXT  H N N 226 
MET N    N N N 227 
MET CA   C N S 228 
MET C    C N N 229 
MET O    O N N 230 
MET CB   C N N 231 
MET CG   C N N 232 
MET SD   S N N 233 
MET CE   C N N 234 
MET OXT  O N N 235 
MET H    H N N 236 
MET H2   H N N 237 
MET HA   H N N 238 
MET HB2  H N N 239 
MET HB3  H N N 240 
MET HG2  H N N 241 
MET HG3  H N N 242 
MET HE1  H N N 243 
MET HE2  H N N 244 
MET HE3  H N N 245 
MET HXT  H N N 246 
PHE N    N N N 247 
PHE CA   C N S 248 
PHE C    C N N 249 
PHE O    O N N 250 
PHE CB   C N N 251 
PHE CG   C Y N 252 
PHE CD1  C Y N 253 
PHE CD2  C Y N 254 
PHE CE1  C Y N 255 
PHE CE2  C Y N 256 
PHE CZ   C Y N 257 
PHE OXT  O N N 258 
PHE H    H N N 259 
PHE H2   H N N 260 
PHE HA   H N N 261 
PHE HB2  H N N 262 
PHE HB3  H N N 263 
PHE HD1  H N N 264 
PHE HD2  H N N 265 
PHE HE1  H N N 266 
PHE HE2  H N N 267 
PHE HZ   H N N 268 
PHE HXT  H N N 269 
PRO N    N N N 270 
PRO CA   C N S 271 
PRO C    C N N 272 
PRO O    O N N 273 
PRO CB   C N N 274 
PRO CG   C N N 275 
PRO CD   C N N 276 
PRO OXT  O N N 277 
PRO H    H N N 278 
PRO HA   H N N 279 
PRO HB2  H N N 280 
PRO HB3  H N N 281 
PRO HG2  H N N 282 
PRO HG3  H N N 283 
PRO HD2  H N N 284 
PRO HD3  H N N 285 
PRO HXT  H N N 286 
SER N    N N N 287 
SER CA   C N S 288 
SER C    C N N 289 
SER O    O N N 290 
SER CB   C N N 291 
SER OG   O N N 292 
SER OXT  O N N 293 
SER H    H N N 294 
SER H2   H N N 295 
SER HA   H N N 296 
SER HB2  H N N 297 
SER HB3  H N N 298 
SER HG   H N N 299 
SER HXT  H N N 300 
THR N    N N N 301 
THR CA   C N S 302 
THR C    C N N 303 
THR O    O N N 304 
THR CB   C N R 305 
THR OG1  O N N 306 
THR CG2  C N N 307 
THR OXT  O N N 308 
THR H    H N N 309 
THR H2   H N N 310 
THR HA   H N N 311 
THR HB   H N N 312 
THR HG1  H N N 313 
THR HG21 H N N 314 
THR HG22 H N N 315 
THR HG23 H N N 316 
THR HXT  H N N 317 
TRP N    N N N 318 
TRP CA   C N S 319 
TRP C    C N N 320 
TRP O    O N N 321 
TRP CB   C N N 322 
TRP CG   C Y N 323 
TRP CD1  C Y N 324 
TRP CD2  C Y N 325 
TRP NE1  N Y N 326 
TRP CE2  C Y N 327 
TRP CE3  C Y N 328 
TRP CZ2  C Y N 329 
TRP CZ3  C Y N 330 
TRP CH2  C Y N 331 
TRP OXT  O N N 332 
TRP H    H N N 333 
TRP H2   H N N 334 
TRP HA   H N N 335 
TRP HB2  H N N 336 
TRP HB3  H N N 337 
TRP HD1  H N N 338 
TRP HE1  H N N 339 
TRP HE3  H N N 340 
TRP HZ2  H N N 341 
TRP HZ3  H N N 342 
TRP HH2  H N N 343 
TRP HXT  H N N 344 
TYR N    N N N 345 
TYR CA   C N S 346 
TYR C    C N N 347 
TYR O    O N N 348 
TYR CB   C N N 349 
TYR CG   C Y N 350 
TYR CD1  C Y N 351 
TYR CD2  C Y N 352 
TYR CE1  C Y N 353 
TYR CE2  C Y N 354 
TYR CZ   C Y N 355 
TYR OH   O N N 356 
TYR OXT  O N N 357 
TYR H    H N N 358 
TYR H2   H N N 359 
TYR HA   H N N 360 
TYR HB2  H N N 361 
TYR HB3  H N N 362 
TYR HD1  H N N 363 
TYR HD2  H N N 364 
TYR HE1  H N N 365 
TYR HE2  H N N 366 
TYR HH   H N N 367 
TYR HXT  H N N 368 
VAL N    N N N 369 
VAL CA   C N S 370 
VAL C    C N N 371 
VAL O    O N N 372 
VAL CB   C N N 373 
VAL CG1  C N N 374 
VAL CG2  C N N 375 
VAL OXT  O N N 376 
VAL H    H N N 377 
VAL H2   H N N 378 
VAL HA   H N N 379 
VAL HB   H N N 380 
VAL HG11 H N N 381 
VAL HG12 H N N 382 
VAL HG13 H N N 383 
VAL HG21 H N N 384 
VAL HG22 H N N 385 
VAL HG23 H N N 386 
VAL HXT  H N N 387 
# 
loop_
_chem_comp_bond.comp_id 
_chem_comp_bond.atom_id_1 
_chem_comp_bond.atom_id_2 
_chem_comp_bond.value_order 
_chem_comp_bond.pdbx_aromatic_flag 
_chem_comp_bond.pdbx_stereo_config 
_chem_comp_bond.pdbx_ordinal 
ALA N   CA   sing N N 1   
ALA N   H    sing N N 2   
ALA N   H2   sing N N 3   
ALA CA  C    sing N N 4   
ALA CA  CB   sing N N 5   
ALA CA  HA   sing N N 6   
ALA C   O    doub N N 7   
ALA C   OXT  sing N N 8   
ALA CB  HB1  sing N N 9   
ALA CB  HB2  sing N N 10  
ALA CB  HB3  sing N N 11  
ALA OXT HXT  sing N N 12  
ARG N   CA   sing N N 13  
ARG N   H    sing N N 14  
ARG N   H2   sing N N 15  
ARG CA  C    sing N N 16  
ARG CA  CB   sing N N 17  
ARG CA  HA   sing N N 18  
ARG C   O    doub N N 19  
ARG C   OXT  sing N N 20  
ARG CB  CG   sing N N 21  
ARG CB  HB2  sing N N 22  
ARG CB  HB3  sing N N 23  
ARG CG  CD   sing N N 24  
ARG CG  HG2  sing N N 25  
ARG CG  HG3  sing N N 26  
ARG CD  NE   sing N N 27  
ARG CD  HD2  sing N N 28  
ARG CD  HD3  sing N N 29  
ARG NE  CZ   sing N N 30  
ARG NE  HE   sing N N 31  
ARG CZ  NH1  sing N N 32  
ARG CZ  NH2  doub N N 33  
ARG NH1 HH11 sing N N 34  
ARG NH1 HH12 sing N N 35  
ARG NH2 HH21 sing N N 36  
ARG NH2 HH22 sing N N 37  
ARG OXT HXT  sing N N 38  
ASN N   CA   sing N N 39  
ASN N   H    sing N N 40  
ASN N   H2   sing N N 41  
ASN CA  C    sing N N 42  
ASN CA  CB   sing N N 43  
ASN CA  HA   sing N N 44  
ASN C   O    doub N N 45  
ASN C   OXT  sing N N 46  
ASN CB  CG   sing N N 47  
ASN CB  HB2  sing N N 48  
ASN CB  HB3  sing N N 49  
ASN CG  OD1  doub N N 50  
ASN CG  ND2  sing N N 51  
ASN ND2 HD21 sing N N 52  
ASN ND2 HD22 sing N N 53  
ASN OXT HXT  sing N N 54  
ASP N   CA   sing N N 55  
ASP N   H    sing N N 56  
ASP N   H2   sing N N 57  
ASP CA  C    sing N N 58  
ASP CA  CB   sing N N 59  
ASP CA  HA   sing N N 60  
ASP C   O    doub N N 61  
ASP C   OXT  sing N N 62  
ASP CB  CG   sing N N 63  
ASP CB  HB2  sing N N 64  
ASP CB  HB3  sing N N 65  
ASP CG  OD1  doub N N 66  
ASP CG  OD2  sing N N 67  
ASP OD2 HD2  sing N N 68  
ASP OXT HXT  sing N N 69  
CYS N   CA   sing N N 70  
CYS N   H    sing N N 71  
CYS N   H2   sing N N 72  
CYS CA  C    sing N N 73  
CYS CA  CB   sing N N 74  
CYS CA  HA   sing N N 75  
CYS C   O    doub N N 76  
CYS C   OXT  sing N N 77  
CYS CB  SG   sing N N 78  
CYS CB  HB2  sing N N 79  
CYS CB  HB3  sing N N 80  
CYS SG  HG   sing N N 81  
CYS OXT HXT  sing N N 82  
GLN N   CA   sing N N 83  
GLN N   H    sing N N 84  
GLN N   H2   sing N N 85  
GLN CA  C    sing N N 86  
GLN CA  CB   sing N N 87  
GLN CA  HA   sing N N 88  
GLN C   O    doub N N 89  
GLN C   OXT  sing N N 90  
GLN CB  CG   sing N N 91  
GLN CB  HB2  sing N N 92  
GLN CB  HB3  sing N N 93  
GLN CG  CD   sing N N 94  
GLN CG  HG2  sing N N 95  
GLN CG  HG3  sing N N 96  
GLN CD  OE1  doub N N 97  
GLN CD  NE2  sing N N 98  
GLN NE2 HE21 sing N N 99  
GLN NE2 HE22 sing N N 100 
GLN OXT HXT  sing N N 101 
GLU N   CA   sing N N 102 
GLU N   H    sing N N 103 
GLU N   H2   sing N N 104 
GLU CA  C    sing N N 105 
GLU CA  CB   sing N N 106 
GLU CA  HA   sing N N 107 
GLU C   O    doub N N 108 
GLU C   OXT  sing N N 109 
GLU CB  CG   sing N N 110 
GLU CB  HB2  sing N N 111 
GLU CB  HB3  sing N N 112 
GLU CG  CD   sing N N 113 
GLU CG  HG2  sing N N 114 
GLU CG  HG3  sing N N 115 
GLU CD  OE1  doub N N 116 
GLU CD  OE2  sing N N 117 
GLU OE2 HE2  sing N N 118 
GLU OXT HXT  sing N N 119 
GLY N   CA   sing N N 120 
GLY N   H    sing N N 121 
GLY N   H2   sing N N 122 
GLY CA  C    sing N N 123 
GLY CA  HA2  sing N N 124 
GLY CA  HA3  sing N N 125 
GLY C   O    doub N N 126 
GLY C   OXT  sing N N 127 
GLY OXT HXT  sing N N 128 
HIS N   CA   sing N N 129 
HIS N   H    sing N N 130 
HIS N   H2   sing N N 131 
HIS CA  C    sing N N 132 
HIS CA  CB   sing N N 133 
HIS CA  HA   sing N N 134 
HIS C   O    doub N N 135 
HIS C   OXT  sing N N 136 
HIS CB  CG   sing N N 137 
HIS CB  HB2  sing N N 138 
HIS CB  HB3  sing N N 139 
HIS CG  ND1  sing Y N 140 
HIS CG  CD2  doub Y N 141 
HIS ND1 CE1  doub Y N 142 
HIS ND1 HD1  sing N N 143 
HIS CD2 NE2  sing Y N 144 
HIS CD2 HD2  sing N N 145 
HIS CE1 NE2  sing Y N 146 
HIS CE1 HE1  sing N N 147 
HIS NE2 HE2  sing N N 148 
HIS OXT HXT  sing N N 149 
ILE N   CA   sing N N 150 
ILE N   H    sing N N 151 
ILE N   H2   sing N N 152 
ILE CA  C    sing N N 153 
ILE CA  CB   sing N N 154 
ILE CA  HA   sing N N 155 
ILE C   O    doub N N 156 
ILE C   OXT  sing N N 157 
ILE CB  CG1  sing N N 158 
ILE CB  CG2  sing N N 159 
ILE CB  HB   sing N N 160 
ILE CG1 CD1  sing N N 161 
ILE CG1 HG12 sing N N 162 
ILE CG1 HG13 sing N N 163 
ILE CG2 HG21 sing N N 164 
ILE CG2 HG22 sing N N 165 
ILE CG2 HG23 sing N N 166 
ILE CD1 HD11 sing N N 167 
ILE CD1 HD12 sing N N 168 
ILE CD1 HD13 sing N N 169 
ILE OXT HXT  sing N N 170 
LEU N   CA   sing N N 171 
LEU N   H    sing N N 172 
LEU N   H2   sing N N 173 
LEU CA  C    sing N N 174 
LEU CA  CB   sing N N 175 
LEU CA  HA   sing N N 176 
LEU C   O    doub N N 177 
LEU C   OXT  sing N N 178 
LEU CB  CG   sing N N 179 
LEU CB  HB2  sing N N 180 
LEU CB  HB3  sing N N 181 
LEU CG  CD1  sing N N 182 
LEU CG  CD2  sing N N 183 
LEU CG  HG   sing N N 184 
LEU CD1 HD11 sing N N 185 
LEU CD1 HD12 sing N N 186 
LEU CD1 HD13 sing N N 187 
LEU CD2 HD21 sing N N 188 
LEU CD2 HD22 sing N N 189 
LEU CD2 HD23 sing N N 190 
LEU OXT HXT  sing N N 191 
LYS N   CA   sing N N 192 
LYS N   H    sing N N 193 
LYS N   H2   sing N N 194 
LYS CA  C    sing N N 195 
LYS CA  CB   sing N N 196 
LYS CA  HA   sing N N 197 
LYS C   O    doub N N 198 
LYS C   OXT  sing N N 199 
LYS CB  CG   sing N N 200 
LYS CB  HB2  sing N N 201 
LYS CB  HB3  sing N N 202 
LYS CG  CD   sing N N 203 
LYS CG  HG2  sing N N 204 
LYS CG  HG3  sing N N 205 
LYS CD  CE   sing N N 206 
LYS CD  HD2  sing N N 207 
LYS CD  HD3  sing N N 208 
LYS CE  NZ   sing N N 209 
LYS CE  HE2  sing N N 210 
LYS CE  HE3  sing N N 211 
LYS NZ  HZ1  sing N N 212 
LYS NZ  HZ2  sing N N 213 
LYS NZ  HZ3  sing N N 214 
LYS OXT HXT  sing N N 215 
MET N   CA   sing N N 216 
MET N   H    sing N N 217 
MET N   H2   sing N N 218 
MET CA  C    sing N N 219 
MET CA  CB   sing N N 220 
MET CA  HA   sing N N 221 
MET C   O    doub N N 222 
MET C   OXT  sing N N 223 
MET CB  CG   sing N N 224 
MET CB  HB2  sing N N 225 
MET CB  HB3  sing N N 226 
MET CG  SD   sing N N 227 
MET CG  HG2  sing N N 228 
MET CG  HG3  sing N N 229 
MET SD  CE   sing N N 230 
MET CE  HE1  sing N N 231 
MET CE  HE2  sing N N 232 
MET CE  HE3  sing N N 233 
MET OXT HXT  sing N N 234 
PHE N   CA   sing N N 235 
PHE N   H    sing N N 236 
PHE N   H2   sing N N 237 
PHE CA  C    sing N N 238 
PHE CA  CB   sing N N 239 
PHE CA  HA   sing N N 240 
PHE C   O    doub N N 241 
PHE C   OXT  sing N N 242 
PHE CB  CG   sing N N 243 
PHE CB  HB2  sing N N 244 
PHE CB  HB3  sing N N 245 
PHE CG  CD1  doub Y N 246 
PHE CG  CD2  sing Y N 247 
PHE CD1 CE1  sing Y N 248 
PHE CD1 HD1  sing N N 249 
PHE CD2 CE2  doub Y N 250 
PHE CD2 HD2  sing N N 251 
PHE CE1 CZ   doub Y N 252 
PHE CE1 HE1  sing N N 253 
PHE CE2 CZ   sing Y N 254 
PHE CE2 HE2  sing N N 255 
PHE CZ  HZ   sing N N 256 
PHE OXT HXT  sing N N 257 
PRO N   CA   sing N N 258 
PRO N   CD   sing N N 259 
PRO N   H    sing N N 260 
PRO CA  C    sing N N 261 
PRO CA  CB   sing N N 262 
PRO CA  HA   sing N N 263 
PRO C   O    doub N N 264 
PRO C   OXT  sing N N 265 
PRO CB  CG   sing N N 266 
PRO CB  HB2  sing N N 267 
PRO CB  HB3  sing N N 268 
PRO CG  CD   sing N N 269 
PRO CG  HG2  sing N N 270 
PRO CG  HG3  sing N N 271 
PRO CD  HD2  sing N N 272 
PRO CD  HD3  sing N N 273 
PRO OXT HXT  sing N N 274 
SER N   CA   sing N N 275 
SER N   H    sing N N 276 
SER N   H2   sing N N 277 
SER CA  C    sing N N 278 
SER CA  CB   sing N N 279 
SER CA  HA   sing N N 280 
SER C   O    doub N N 281 
SER C   OXT  sing N N 282 
SER CB  OG   sing N N 283 
SER CB  HB2  sing N N 284 
SER CB  HB3  sing N N 285 
SER OG  HG   sing N N 286 
SER OXT HXT  sing N N 287 
THR N   CA   sing N N 288 
THR N   H    sing N N 289 
THR N   H2   sing N N 290 
THR CA  C    sing N N 291 
THR CA  CB   sing N N 292 
THR CA  HA   sing N N 293 
THR C   O    doub N N 294 
THR C   OXT  sing N N 295 
THR CB  OG1  sing N N 296 
THR CB  CG2  sing N N 297 
THR CB  HB   sing N N 298 
THR OG1 HG1  sing N N 299 
THR CG2 HG21 sing N N 300 
THR CG2 HG22 sing N N 301 
THR CG2 HG23 sing N N 302 
THR OXT HXT  sing N N 303 
TRP N   CA   sing N N 304 
TRP N   H    sing N N 305 
TRP N   H2   sing N N 306 
TRP CA  C    sing N N 307 
TRP CA  CB   sing N N 308 
TRP CA  HA   sing N N 309 
TRP C   O    doub N N 310 
TRP C   OXT  sing N N 311 
TRP CB  CG   sing N N 312 
TRP CB  HB2  sing N N 313 
TRP CB  HB3  sing N N 314 
TRP CG  CD1  doub Y N 315 
TRP CG  CD2  sing Y N 316 
TRP CD1 NE1  sing Y N 317 
TRP CD1 HD1  sing N N 318 
TRP CD2 CE2  doub Y N 319 
TRP CD2 CE3  sing Y N 320 
TRP NE1 CE2  sing Y N 321 
TRP NE1 HE1  sing N N 322 
TRP CE2 CZ2  sing Y N 323 
TRP CE3 CZ3  doub Y N 324 
TRP CE3 HE3  sing N N 325 
TRP CZ2 CH2  doub Y N 326 
TRP CZ2 HZ2  sing N N 327 
TRP CZ3 CH2  sing Y N 328 
TRP CZ3 HZ3  sing N N 329 
TRP CH2 HH2  sing N N 330 
TRP OXT HXT  sing N N 331 
TYR N   CA   sing N N 332 
TYR N   H    sing N N 333 
TYR N   H2   sing N N 334 
TYR CA  C    sing N N 335 
TYR CA  CB   sing N N 336 
TYR CA  HA   sing N N 337 
TYR C   O    doub N N 338 
TYR C   OXT  sing N N 339 
TYR CB  CG   sing N N 340 
TYR CB  HB2  sing N N 341 
TYR CB  HB3  sing N N 342 
TYR CG  CD1  doub Y N 343 
TYR CG  CD2  sing Y N 344 
TYR CD1 CE1  sing Y N 345 
TYR CD1 HD1  sing N N 346 
TYR CD2 CE2  doub Y N 347 
TYR CD2 HD2  sing N N 348 
TYR CE1 CZ   doub Y N 349 
TYR CE1 HE1  sing N N 350 
TYR CE2 CZ   sing Y N 351 
TYR CE2 HE2  sing N N 352 
TYR CZ  OH   sing N N 353 
TYR OH  HH   sing N N 354 
TYR OXT HXT  sing N N 355 
VAL N   CA   sing N N 356 
VAL N   H    sing N N 357 
VAL N   H2   sing N N 358 
VAL CA  C    sing N N 359 
VAL CA  CB   sing N N 360 
VAL CA  HA   sing N N 361 
VAL C   O    doub N N 362 
VAL C   OXT  sing N N 363 
VAL CB  CG1  sing N N 364 
VAL CB  CG2  sing N N 365 
VAL CB  HB   sing N N 366 
VAL CG1 HG11 sing N N 367 
VAL CG1 HG12 sing N N 368 
VAL CG1 HG13 sing N N 369 
VAL CG2 HG21 sing N N 370 
VAL CG2 HG22 sing N N 371 
VAL CG2 HG23 sing N N 372 
VAL OXT HXT  sing N N 373 
# 
_em_ctf_correction.id        1 
_em_ctf_correction.details   robem 
_em_ctf_correction.type      . 
# 
_em_image_processing.id                   1 
_em_image_processing.image_recording_id   1 
_em_image_processing.details              ? 
# 
_em_image_recording.avg_electron_dose_per_image   37 
_em_image_recording.details                       ? 
_em_image_recording.id                            1 
_em_image_recording.film_or_detector_model        'KODAK SO-163 FILM' 
_em_image_recording.imaging_id                    1 
_em_image_recording.detector_mode                 ? 
_em_image_recording.average_exposure_time         ? 
_em_image_recording.num_diffraction_images        ? 
_em_image_recording.num_grids_imaged              ? 
_em_image_recording.num_real_images               ? 
# 
loop_
_em_software.id 
_em_software.name 
_em_software.version 
_em_software.category 
_em_software.details 
_em_software.image_processing_id 
1 EM3DR ? RECONSTRUCTION ? 1 
2 EMPFT ? RECONSTRUCTION ? 1 
# 
_em_specimen.experiment_id           1 
_em_specimen.id                      1 
_em_specimen.concentration           1 
_em_specimen.vitrification_applied   YES 
_em_specimen.staining_applied        NO 
_em_specimen.embedding_applied       NO 
_em_specimen.shadowing_applied       NO 
_em_specimen.details                 '10mM Tris-HCL' 
# 
_em_virus_natural_host.entity_assembly_id   1 
_em_virus_natural_host.id                   1 
_em_virus_natural_host.ncbi_tax_id          9685 
_em_virus_natural_host.organism             'Felis catus' 
_em_virus_natural_host.strain               ? 
# 
_em_virus_shell.entity_assembly_id   1 
_em_virus_shell.id                   1 
_em_virus_shell.name                 ? 
_em_virus_shell.diameter             ? 
_em_virus_shell.triangulation        1 
# 
_atom_sites.entry_id                    3IY2 
_atom_sites.fract_transf_matrix[1][1]   1.000000 
_atom_sites.fract_transf_matrix[1][2]   0.000000 
_atom_sites.fract_transf_matrix[1][3]   0.000000 
_atom_sites.fract_transf_matrix[2][1]   0.000000 
_atom_sites.fract_transf_matrix[2][2]   1.000000 
_atom_sites.fract_transf_matrix[2][3]   0.000000 
_atom_sites.fract_transf_matrix[3][1]   0.000000 
_atom_sites.fract_transf_matrix[3][2]   0.000000 
_atom_sites.fract_transf_matrix[3][3]   1.000000 
_atom_sites.fract_transf_vector[1]      0.00000 
_atom_sites.fract_transf_vector[2]      0.00000 
_atom_sites.fract_transf_vector[3]      0.00000 
# 
loop_
_atom_type.symbol 
C 
N 
O 
S 
# 
loop_
_atom_site.group_PDB 
_atom_site.id 
_atom_site.type_symbol 
_atom_site.label_atom_id 
_atom_site.label_alt_id 
_atom_site.label_comp_id 
_atom_site.label_asym_id 
_atom_site.label_entity_id 
_atom_site.label_seq_id 
_atom_site.pdbx_PDB_ins_code 
_atom_site.Cartn_x 
_atom_site.Cartn_y 
_atom_site.Cartn_z 
_atom_site.occupancy 
_atom_site.B_iso_or_equiv 
_atom_site.pdbx_formal_charge 
_atom_site.auth_seq_id 
_atom_site.auth_comp_id 
_atom_site.auth_asym_id 
_atom_site.auth_atom_id 
_atom_site.pdbx_PDB_model_num 
ATOM 1    N N   . LEU A 1 1   ? 4.550   -10.270 9.157   1.00 73.74  ? 1   LEU A N   1 
ATOM 2    C CA  . LEU A 1 1   ? 4.397   -10.263 7.692   1.00 67.24  ? 1   LEU A CA  1 
ATOM 3    C C   . LEU A 1 1   ? 2.981   -10.741 7.363   1.00 67.65  ? 1   LEU A C   1 
ATOM 4    O O   . LEU A 1 1   ? 2.169   -10.814 8.267   1.00 65.67  ? 1   LEU A O   1 
ATOM 5    C CB  . LEU A 1 1   ? 5.390   -11.241 7.071   1.00 73.29  ? 1   LEU A CB  1 
ATOM 6    C CG  . LEU A 1 1   ? 6.902   -11.021 7.173   1.00 76.01  ? 1   LEU A CG  1 
ATOM 7    C CD1 . LEU A 1 1   ? 7.643   -12.313 6.823   1.00 83.69  ? 1   LEU A CD1 1 
ATOM 8    C CD2 . LEU A 1 1   ? 7.370   -9.869  6.284   1.00 72.17  ? 1   LEU A CD2 1 
ATOM 9    N N   . MET A 1 2   ? 2.749   -11.089 6.076   1.00 70.60  ? 2   MET A N   1 
ATOM 10   C CA  . MET A 1 2   ? 1.391   -11.496 5.653   1.00 72.66  ? 2   MET A CA  1 
ATOM 11   C C   . MET A 1 2   ? 1.343   -12.565 4.533   1.00 78.70  ? 2   MET A C   1 
ATOM 12   O O   . MET A 1 2   ? 2.215   -12.609 3.682   1.00 79.81  ? 2   MET A O   1 
ATOM 13   C CB  . MET A 1 2   ? 0.669   -10.282 5.085   1.00 69.43  ? 2   MET A CB  1 
ATOM 14   C CG  . MET A 1 2   ? -0.748  -10.173 5.627   1.00 69.57  ? 2   MET A CG  1 
ATOM 15   S SD  . MET A 1 2   ? -0.598  -9.378  7.226   1.00 64.03  ? 2   MET A SD  1 
ATOM 16   C CE  . MET A 1 2   ? -2.192  -9.820  7.919   1.00 65.10  ? 2   MET A CE  1 
ATOM 17   N N   . THR A 1 3   ? 0.256   -13.368 4.571   1.00 82.22  ? 3   THR A N   1 
ATOM 18   C CA  . THR A 1 3   ? 0.003   -14.417 3.564   1.00 88.10  ? 3   THR A CA  1 
ATOM 19   C C   . THR A 1 3   ? -1.459  -14.206 3.122   1.00 87.24  ? 3   THR A C   1 
ATOM 20   O O   . THR A 1 3   ? -2.350  -14.095 3.945   1.00 85.96  ? 3   THR A O   1 
ATOM 21   C CB  . THR A 1 3   ? 0.167   -15.838 4.164   1.00 93.42  ? 3   THR A CB  1 
ATOM 22   O OG1 . THR A 1 3   ? 1.534   -16.248 4.303   1.00 96.15  ? 3   THR A OG1 1 
ATOM 23   C CG2 . THR A 1 3   ? -0.610  -16.895 3.378   1.00 97.98  ? 3   THR A CG2 1 
ATOM 24   N N   . GLN A 1 4   ? -1.668  -14.118 1.803   1.00 87.64  ? 4   GLN A N   1 
ATOM 25   C CA  . GLN A 1 4   ? -3.024  -13.872 1.309   1.00 86.80  ? 4   GLN A CA  1 
ATOM 26   C C   . GLN A 1 4   ? -3.426  -15.039 0.424   1.00 90.82  ? 4   GLN A C   1 
ATOM 27   O O   . GLN A 1 4   ? -2.684  -15.449 -0.457  1.00 92.76  ? 4   GLN A O   1 
ATOM 28   C CB  . GLN A 1 4   ? -2.994  -12.580 0.492   1.00 83.60  ? 4   GLN A CB  1 
ATOM 29   C CG  . GLN A 1 4   ? -4.375  -11.992 0.230   1.00 82.59  ? 4   GLN A CG  1 
ATOM 30   C CD  . GLN A 1 4   ? -4.241  -10.579 -0.287  1.00 79.78  ? 4   GLN A CD  1 
ATOM 31   O OE1 . GLN A 1 4   ? -3.233  -9.901  -0.126  1.00 76.99  ? 4   GLN A OE1 1 
ATOM 32   N NE2 . GLN A 1 4   ? -5.286  -10.112 -0.911  1.00 80.23  ? 4   GLN A NE2 1 
ATOM 33   N N   . ILE A 1 5   ? -4.594  -15.599 0.706   1.00 91.66  ? 5   ILE A N   1 
ATOM 34   C CA  . ILE A 1 5   ? -5.060  -16.713 -0.113  1.00 94.30  ? 5   ILE A CA  1 
ATOM 35   C C   . ILE A 1 5   ? -6.524  -16.404 -0.323  1.00 92.00  ? 5   ILE A C   1 
ATOM 36   O O   . ILE A 1 5   ? -7.171  -15.882 0.610   1.00 90.10  ? 5   ILE A O   1 
ATOM 37   C CB  . ILE A 1 5   ? -4.796  -18.032 0.633   1.00 97.97  ? 5   ILE A CB  1 
ATOM 38   C CG1 . ILE A 1 5   ? -5.944  -19.031 0.513   1.00 98.74  ? 5   ILE A CG1 1 
ATOM 39   C CG2 . ILE A 1 5   ? -4.442  -17.844 2.105   1.00 97.83  ? 5   ILE A CG2 1 
ATOM 40   C CD1 . ILE A 1 5   ? -5.934  -19.827 -0.788  1.00 100.37 ? 5   ILE A CD1 1 
ATOM 41   N N   . PRO A 1 6   ? -7.112  -16.612 -1.498  1.00 91.83  ? 6   PRO A N   1 
ATOM 42   C CA  . PRO A 1 6   ? -6.458  -17.227 -2.674  1.00 94.20  ? 6   PRO A CA  1 
ATOM 43   C C   . PRO A 1 6   ? -5.775  -16.201 -3.589  1.00 93.01  ? 6   PRO A C   1 
ATOM 44   O O   . PRO A 1 6   ? -5.915  -15.008 -3.428  1.00 90.47  ? 6   PRO A O   1 
ATOM 45   C CB  . PRO A 1 6   ? -7.691  -17.742 -3.430  1.00 94.05  ? 6   PRO A CB  1 
ATOM 46   C CG  . PRO A 1 6   ? -8.714  -16.634 -3.176  1.00 90.65  ? 6   PRO A CG  1 
ATOM 47   C CD  . PRO A 1 6   ? -8.510  -16.293 -1.700  1.00 89.76  ? 6   PRO A CD  1 
ATOM 48   N N   . ALA A 1 7   ? -5.039  -16.730 -4.577  1.00 95.13  ? 7   ALA A N   1 
ATOM 49   C CA  . ALA A 1 7   ? -4.329  -15.849 -5.501  1.00 94.35  ? 7   ALA A CA  1 
ATOM 50   C C   . ALA A 1 7   ? -5.307  -15.304 -6.540  1.00 93.68  ? 7   ALA A C   1 
ATOM 51   O O   . ALA A 1 7   ? -5.321  -14.114 -6.801  1.00 92.00  ? 7   ALA A O   1 
ATOM 52   C CB  . ALA A 1 7   ? -3.210  -16.647 -6.175  1.00 97.31  ? 7   ALA A CB  1 
ATOM 53   N N   . SER A 1 8   ? -6.112  -16.195 -7.137  1.00 95.15  ? 8   SER A N   1 
ATOM 54   C CA  . SER A 1 8   ? -7.079  -15.752 -8.151  1.00 94.78  ? 8   SER A CA  1 
ATOM 55   C C   . SER A 1 8   ? -8.464  -16.063 -7.580  1.00 93.58  ? 8   SER A C   1 
ATOM 56   O O   . SER A 1 8   ? -8.610  -16.983 -6.792  1.00 94.07  ? 8   SER A O   1 
ATOM 57   C CB  . SER A 1 8   ? -6.858  -16.563 -9.445  1.00 97.30  ? 8   SER A CB  1 
ATOM 58   O OG  . SER A 1 8   ? -7.695  -16.165 -10.537 1.00 97.25  ? 8   SER A OG  1 
ATOM 59   N N   . LEU A 1 9   ? -9.478  -15.298 -8.003  1.00 91.99  ? 9   LEU A N   1 
ATOM 60   C CA  . LEU A 1 9   ? -10.820 -15.528 -7.463  1.00 90.38  ? 9   LEU A CA  1 
ATOM 61   C C   . LEU A 1 9   ? -11.859 -15.211 -8.539  1.00 90.25  ? 9   LEU A C   1 
ATOM 62   O O   . LEU A 1 9   ? -12.243 -14.068 -8.725  1.00 89.75  ? 9   LEU A O   1 
ATOM 63   C CB  . LEU A 1 9   ? -11.021 -14.670 -6.217  1.00 87.91  ? 9   LEU A CB  1 
ATOM 64   C CG  . LEU A 1 9   ? -12.371 -14.715 -5.513  1.00 86.04  ? 9   LEU A CG  1 
ATOM 65   C CD1 . LEU A 1 9   ? -12.915 -16.133 -5.322  1.00 86.84  ? 9   LEU A CD1 1 
ATOM 66   C CD2 . LEU A 1 9   ? -12.059 -14.021 -4.193  1.00 84.92  ? 9   LEU A CD2 1 
ATOM 67   N N   . SER A 1 10  ? -12.280 -16.255 -9.260  1.00 91.53  ? 10  SER A N   1 
ATOM 68   C CA  . SER A 1 10  ? -13.306 -16.046 -10.271 1.00 94.35  ? 10  SER A CA  1 
ATOM 69   C C   . SER A 1 10  ? -14.647 -16.005 -9.568  1.00 94.31  ? 10  SER A C   1 
ATOM 70   O O   . SER A 1 10  ? -14.955 -16.864 -8.748  1.00 92.30  ? 10  SER A O   1 
ATOM 71   C CB  . SER A 1 10  ? -13.144 -17.037 -11.446 1.00 96.69  ? 10  SER A CB  1 
ATOM 72   O OG  . SER A 1 10  ? -13.251 -18.445 -11.211 1.00 97.45  ? 10  SER A OG  1 
ATOM 73   N N   . ALA A 1 11  ? -15.420 -14.964 -9.842  1.00 94.89  ? 11  ALA A N   1 
ATOM 74   C CA  . ALA A 1 11  ? -16.700 -14.896 -9.158  1.00 90.04  ? 11  ALA A CA  1 
ATOM 75   C C   . ALA A 1 11  ? -17.749 -14.313 -10.079 1.00 92.86  ? 11  ALA A C   1 
ATOM 76   O O   . ALA A 1 11  ? -17.407 -13.592 -11.003 1.00 92.77  ? 11  ALA A O   1 
ATOM 77   C CB  . ALA A 1 11  ? -16.563 -14.238 -7.791  1.00 82.21  ? 11  ALA A CB  1 
ATOM 78   N N   . SER A 1 12  ? -19.005 -14.696 -9.884  1.00 91.37  ? 12  SER A N   1 
ATOM 79   C CA  . SER A 1 12  ? -20.057 -14.236 -10.794 1.00 86.85  ? 12  SER A CA  1 
ATOM 80   C C   . SER A 1 12  ? -20.680 -13.010 -10.166 1.00 78.88  ? 12  SER A C   1 
ATOM 81   O O   . SER A 1 12  ? -20.621 -12.853 -8.959  1.00 77.13  ? 12  SER A O   1 
ATOM 82   C CB  . SER A 1 12  ? -21.154 -15.301 -10.920 1.00 84.40  ? 12  SER A CB  1 
ATOM 83   O OG  . SER A 1 12  ? -20.774 -16.380 -11.750 1.00 91.34  ? 12  SER A OG  1 
ATOM 84   N N   . VAL A 1 13  ? -21.278 -12.156 -10.992 1.00 80.78  ? 13  VAL A N   1 
ATOM 85   C CA  . VAL A 1 13  ? -21.896 -10.951 -10.437 1.00 82.54  ? 13  VAL A CA  1 
ATOM 86   C C   . VAL A 1 13  ? -23.002 -11.385 -9.496  1.00 78.96  ? 13  VAL A C   1 
ATOM 87   O O   . VAL A 1 13  ? -23.687 -12.371 -9.746  1.00 77.52  ? 13  VAL A O   1 
ATOM 88   C CB  . VAL A 1 13  ? -22.448 -10.098 -11.580 1.00 90.62  ? 13  VAL A CB  1 
ATOM 89   C CG1 . VAL A 1 13  ? -23.316 -8.938  -11.097 1.00 83.66  ? 13  VAL A CG1 1 
ATOM 90   C CG2 . VAL A 1 13  ? -21.335 -9.594  -12.495 1.00 86.52  ? 13  VAL A CG2 1 
ATOM 91   N N   . GLY A 1 14  ? -23.106 -10.725 -8.350  1.00 72.64  ? 14  GLY A N   1 
ATOM 92   C CA  . GLY A 1 14  ? -24.147 -11.100 -7.413  1.00 70.99  ? 14  GLY A CA  1 
ATOM 93   C C   . GLY A 1 14  ? -23.563 -12.026 -6.357  1.00 70.51  ? 14  GLY A C   1 
ATOM 94   O O   . GLY A 1 14  ? -24.050 -12.043 -5.237  1.00 68.90  ? 14  GLY A O   1 
ATOM 95   N N   . GLU A 1 15  ? -22.521 -12.773 -6.721  1.00 72.00  ? 15  GLU A N   1 
ATOM 96   C CA  . GLU A 1 15  ? -21.901 -13.720 -5.784  1.00 72.67  ? 15  GLU A CA  1 
ATOM 97   C C   . GLU A 1 15  ? -21.274 -13.049 -4.599  1.00 73.10  ? 15  GLU A C   1 
ATOM 98   O O   . GLU A 1 15  ? -21.106 -11.847 -4.593  1.00 73.22  ? 15  GLU A O   1 
ATOM 99   C CB  . GLU A 1 15  ? -20.755 -14.436 -6.491  1.00 75.29  ? 15  GLU A CB  1 
ATOM 100  C CG  . GLU A 1 15  ? -20.999 -15.819 -7.080  1.00 76.52  ? 15  GLU A CG  1 
ATOM 101  C CD  . GLU A 1 15  ? -22.437 -16.321 -7.090  1.00 75.66  ? 15  GLU A CD  1 
ATOM 102  O OE1 . GLU A 1 15  ? -23.433 -15.554 -7.027  1.00 73.72  ? 15  GLU A OE1 1 
ATOM 103  O OE2 . GLU A 1 15  ? -22.577 -17.545 -7.187  1.00 77.37  ? 15  GLU A OE2 1 
ATOM 104  N N   . THR A 1 16  ? -20.894 -13.879 -3.626  1.00 74.10  ? 16  THR A N   1 
ATOM 105  C CA  . THR A 1 16  ? -20.222 -13.346 -2.443  1.00 75.29  ? 16  THR A CA  1 
ATOM 106  C C   . THR A 1 16  ? -18.798 -13.809 -2.634  1.00 77.46  ? 16  THR A C   1 
ATOM 107  O O   . THR A 1 16  ? -18.567 -14.825 -3.281  1.00 78.22  ? 16  THR A O   1 
ATOM 108  C CB  . THR A 1 16  ? -20.767 -13.968 -1.140  1.00 76.05  ? 16  THR A CB  1 
ATOM 109  O OG1 . THR A 1 16  ? -19.969 -13.589 -0.005  1.00 78.68  ? 16  THR A OG1 1 
ATOM 110  C CG2 . THR A 1 16  ? -20.967 -15.484 -1.219  1.00 76.62  ? 16  THR A CG2 1 
ATOM 111  N N   . VAL A 1 17  ? -17.856 -13.071 -2.062  1.00 78.70  ? 17  VAL A N   1 
ATOM 112  C CA  . VAL A 1 17  ? -16.507 -13.557 -2.103  1.00 80.17  ? 17  VAL A CA  1 
ATOM 113  C C   . VAL A 1 17  ? -15.804 -13.249 -0.786  1.00 81.93  ? 17  VAL A C   1 
ATOM 114  O O   . VAL A 1 17  ? -16.310 -12.419 -0.038  1.00 82.14  ? 17  VAL A O   1 
ATOM 115  C CB  . VAL A 1 17  ? -15.861 -13.130 -3.397  1.00 80.80  ? 17  VAL A CB  1 
ATOM 116  C CG1 . VAL A 1 17  ? -15.532 -11.660 -3.599  1.00 81.39  ? 17  VAL A CG1 1 
ATOM 117  C CG2 . VAL A 1 17  ? -14.690 -14.036 -3.323  1.00 82.25  ? 17  VAL A CG2 1 
ATOM 118  N N   . THR A 1 18  ? -14.741 -14.001 -0.468  1.00 82.87  ? 18  THR A N   1 
ATOM 119  C CA  . THR A 1 18  ? -14.037 -13.832 0.800   1.00 83.87  ? 18  THR A CA  1 
ATOM 120  C C   . THR A 1 18  ? -12.549 -13.945 0.473   1.00 84.12  ? 18  THR A C   1 
ATOM 121  O O   . THR A 1 18  ? -12.139 -14.889 -0.184  1.00 85.09  ? 18  THR A O   1 
ATOM 122  C CB  . THR A 1 18  ? -14.417 -14.963 1.766   1.00 85.13  ? 18  THR A CB  1 
ATOM 123  O OG1 . THR A 1 18  ? -15.832 -15.077 1.891   1.00 84.82  ? 18  THR A OG1 1 
ATOM 124  C CG2 . THR A 1 18  ? -13.692 -14.853 3.111   1.00 86.44  ? 18  THR A CG2 1 
ATOM 125  N N   . ILE A 1 19  ? -11.770 -12.958 0.927   1.00 84.17  ? 19  ILE A N   1 
ATOM 126  C CA  . ILE A 1 19  ? -10.316 -13.032 0.759   1.00 84.16  ? 19  ILE A CA  1 
ATOM 127  C C   . ILE A 1 19  ? -9.745  -12.922 2.169   1.00 84.26  ? 19  ILE A C   1 
ATOM 128  O O   . ILE A 1 19  ? -10.203 -12.103 2.940   1.00 83.84  ? 19  ILE A O   1 
ATOM 129  C CB  . ILE A 1 19  ? -9.825  -11.865 -0.102  1.00 83.80  ? 19  ILE A CB  1 
ATOM 130  C CG1 . ILE A 1 19  ? -10.543 -11.862 -1.445  1.00 83.81  ? 19  ILE A CG1 1 
ATOM 131  C CG2 . ILE A 1 19  ? -8.326  -11.984 -0.350  1.00 83.74  ? 19  ILE A CG2 1 
ATOM 132  C CD1 . ILE A 1 19  ? -10.858 -10.468 -1.971  1.00 83.41  ? 19  ILE A CD1 1 
ATOM 133  N N   . THR A 1 20  ? -8.777  -13.780 2.506   1.00 85.44  ? 20  THR A N   1 
ATOM 134  C CA  . THR A 1 20  ? -8.276  -13.793 3.892   1.00 85.08  ? 20  THR A CA  1 
ATOM 135  C C   . THR A 1 20  ? -6.764  -13.570 3.954   1.00 84.42  ? 20  THR A C   1 
ATOM 136  O O   . THR A 1 20  ? -6.035  -13.835 3.011   1.00 85.68  ? 20  THR A O   1 
ATOM 137  C CB  . THR A 1 20  ? -8.629  -15.122 4.578   1.00 86.79  ? 20  THR A CB  1 
ATOM 138  O OG1 . THR A 1 20  ? -10.016 -15.421 4.423   1.00 87.31  ? 20  THR A OG1 1 
ATOM 139  C CG2 . THR A 1 20  ? -8.194  -15.214 6.046   1.00 86.16  ? 20  THR A CG2 1 
ATOM 140  N N   . CYS A 1 21  ? -6.312  -13.097 5.116   1.00 82.10  ? 21  CYS A N   1 
ATOM 141  C CA  . CYS A 1 21  ? -4.884  -12.954 5.329   1.00 80.67  ? 21  CYS A CA  1 
ATOM 142  C C   . CYS A 1 21  ? -4.522  -13.473 6.696   1.00 79.58  ? 21  CYS A C   1 
ATOM 143  O O   . CYS A 1 21  ? -5.339  -13.488 7.614   1.00 77.69  ? 21  CYS A O   1 
ATOM 144  C CB  . CYS A 1 21  ? -4.520  -11.488 5.207   1.00 77.10  ? 21  CYS A CB  1 
ATOM 145  S SG  . CYS A 1 21  ? -4.330  -11.218 3.449   1.00 78.38  ? 21  CYS A SG  1 
ATOM 146  N N   . ARG A 1 22  ? -3.276  -13.900 6.793   1.00 80.58  ? 22  ARG A N   1 
ATOM 147  C CA  . ARG A 1 22  ? -2.762  -14.417 8.050   1.00 78.78  ? 22  ARG A CA  1 
ATOM 148  C C   . ARG A 1 22  ? -1.459  -13.713 8.356   1.00 75.39  ? 22  ARG A C   1 
ATOM 149  O O   . ARG A 1 22  ? -0.794  -13.213 7.440   1.00 76.05  ? 22  ARG A O   1 
ATOM 150  C CB  . ARG A 1 22  ? -2.536  -15.930 7.986   1.00 85.05  ? 22  ARG A CB  1 
ATOM 151  C CG  . ARG A 1 22  ? -1.264  -16.433 7.325   1.00 90.09  ? 22  ARG A CG  1 
ATOM 152  C CD  . ARG A 1 22  ? -1.051  -17.933 7.516   1.00 96.83  ? 22  ARG A CD  1 
ATOM 153  N NE  . ARG A 1 22  ? 0.188   -18.293 6.835   1.00 100.97 ? 22  ARG A NE  1 
ATOM 154  C CZ  . ARG A 1 22  ? 0.575   -19.556 6.805   1.00 107.30 ? 22  ARG A CZ  1 
ATOM 155  N NH1 . ARG A 1 22  ? -0.086  -20.482 7.477   1.00 109.70 ? 22  ARG A NH1 1 
ATOM 156  N NH2 . ARG A 1 22  ? 1.633   -19.893 6.092   1.00 111.14 ? 22  ARG A NH2 1 
ATOM 157  N N   . ALA A 1 23  ? -1.083  -13.663 9.618   1.00 73.51  ? 23  ALA A N   1 
ATOM 158  C CA  . ALA A 1 23  ? 0.118   -12.949 10.001  1.00 79.30  ? 23  ALA A CA  1 
ATOM 159  C C   . ALA A 1 23  ? 0.947   -13.889 10.849  1.00 84.04  ? 23  ALA A C   1 
ATOM 160  O O   . ALA A 1 23  ? 0.515   -14.994 11.179  1.00 82.89  ? 23  ALA A O   1 
ATOM 161  C CB  . ALA A 1 23  ? -0.247  -11.721 10.835  1.00 88.35  ? 23  ALA A CB  1 
ATOM 162  N N   . THR A 1 24  ? 2.141   -13.440 11.187  1.00 77.29  ? 24  THR A N   1 
ATOM 163  C CA  . THR A 1 24  ? 3.092   -14.330 11.840  1.00 74.70  ? 24  THR A CA  1 
ATOM 164  C C   . THR A 1 24  ? 3.035   -14.066 13.331  1.00 83.02  ? 24  THR A C   1 
ATOM 165  O O   . THR A 1 24  ? 3.461   -14.893 14.136  1.00 89.18  ? 24  THR A O   1 
ATOM 166  C CB  . THR A 1 24  ? 4.495   -13.995 11.321  1.00 78.52  ? 24  THR A CB  1 
ATOM 167  O OG1 . THR A 1 24  ? 4.844   -12.632 11.561  1.00 82.57  ? 24  THR A OG1 1 
ATOM 168  C CG2 . THR A 1 24  ? 4.725   -14.403 9.865   1.00 82.73  ? 24  THR A CG2 1 
ATOM 169  N N   . LYS A 1 25  ? 2.574   -12.892 13.721  1.00 88.73  ? 25  LYS A N   1 
ATOM 170  C CA  . LYS A 1 25  ? 2.499   -12.606 15.151  1.00 100.00 ? 25  LYS A CA  1 
ATOM 171  C C   . LYS A 1 25  ? 1.156   -11.954 15.377  1.00 100.00 ? 25  LYS A C   1 
ATOM 172  O O   . LYS A 1 25  ? 0.453   -11.661 14.405  1.00 99.70  ? 25  LYS A O   1 
ATOM 173  C CB  . LYS A 1 25  ? 3.601   -11.632 15.574  1.00 100.00 ? 25  LYS A CB  1 
ATOM 174  C CG  . LYS A 1 25  ? 5.017   -12.201 15.533  1.00 100.00 ? 25  LYS A CG  1 
ATOM 175  C CD  . LYS A 1 25  ? 6.063   -11.203 16.027  1.00 100.00 ? 25  LYS A CD  1 
ATOM 176  C CE  . LYS A 1 25  ? 7.479   -11.770 15.949  1.00 100.00 ? 25  LYS A CE  1 
ATOM 177  N NZ  . LYS A 1 25  ? 8.439   -10.766 16.428  1.00 100.00 ? 25  LYS A NZ  1 
ATOM 178  N N   . ASN A 1 26  ? 0.816   -11.743 16.636  1.00 100.00 ? 26  ASN A N   1 
ATOM 179  C CA  . ASN A 1 26  ? -0.508  -11.239 16.996  1.00 100.00 ? 26  ASN A CA  1 
ATOM 180  C C   . ASN A 1 26  ? -0.554  -9.757  16.710  1.00 100.00 ? 26  ASN A C   1 
ATOM 181  O O   . ASN A 1 26  ? 0.352   -9.024  17.096  1.00 100.00 ? 26  ASN A O   1 
ATOM 182  C CB  . ASN A 1 26  ? -0.722  -11.437 18.500  1.00 100.00 ? 26  ASN A CB  1 
ATOM 183  C CG  . ASN A 1 26  ? -0.969  -12.898 18.840  1.00 100.00 ? 26  ASN A CG  1 
ATOM 184  O OD1 . ASN A 1 26  ? -1.611  -13.625 18.085  1.00 100.00 ? 26  ASN A OD1 1 
ATOM 185  N ND2 . ASN A 1 26  ? -0.485  -13.351 19.987  1.00 100.00 ? 26  ASN A ND2 1 
ATOM 186  N N   . ILE A 1 27  ? -1.603  -9.303  16.054  1.00 100.00 ? 27  ILE A N   1 
ATOM 187  C CA  . ILE A 1 27  ? -1.578  -7.930  15.573  1.00 100.00 ? 27  ILE A CA  1 
ATOM 188  C C   . ILE A 1 27  ? -2.885  -7.271  15.942  1.00 100.00 ? 27  ILE A C   1 
ATOM 189  O O   . ILE A 1 27  ? -3.270  -6.281  15.325  1.00 100.00 ? 27  ILE A O   1 
ATOM 190  C CB  . ILE A 1 27  ? -1.399  -7.879  14.055  1.00 100.00 ? 27  ILE A CB  1 
ATOM 191  C CG1 . ILE A 1 27  ? -2.512  -8.591  13.297  1.00 93.38  ? 27  ILE A CG1 1 
ATOM 192  C CG2 . ILE A 1 27  ? -0.026  -8.307  13.536  1.00 94.53  ? 27  ILE A CG2 1 
ATOM 193  C CD1 . ILE A 1 27  ? -2.436  -8.276  11.809  1.00 78.70  ? 27  ILE A CD1 1 
ATOM 194  N N   . TYR A 1 28  ? -3.528  -7.816  16.959  1.00 100.00 ? 28  TYR A N   1 
ATOM 195  C CA  . TYR A 1 28  ? -4.765  -7.230  17.484  1.00 100.00 ? 28  TYR A CA  1 
ATOM 196  C C   . TYR A 1 28  ? -5.805  -7.079  16.384  1.00 100.00 ? 28  TYR A C   1 
ATOM 197  O O   . TYR A 1 28  ? -6.273  -8.075  15.832  1.00 100.00 ? 28  TYR A O   1 
ATOM 198  C CB  . TYR A 1 28  ? -4.553  -5.948  18.301  1.00 100.00 ? 28  TYR A CB  1 
ATOM 199  C CG  . TYR A 1 28  ? -3.959  -6.181  19.679  1.00 100.00 ? 28  TYR A CG  1 
ATOM 200  C CD1 . TYR A 1 28  ? -4.769  -6.473  20.707  1.00 100.00 ? 28  TYR A CD1 1 
ATOM 201  C CD2 . TYR A 1 28  ? -2.640  -6.058  19.891  1.00 100.00 ? 28  TYR A CD2 1 
ATOM 202  C CE1 . TYR A 1 28  ? -4.263  -6.665  21.936  1.00 100.00 ? 28  TYR A CE1 1 
ATOM 203  C CE2 . TYR A 1 28  ? -2.133  -6.251  21.118  1.00 100.00 ? 28  TYR A CE2 1 
ATOM 204  C CZ  . TYR A 1 28  ? -2.944  -6.561  22.142  1.00 100.00 ? 28  TYR A CZ  1 
ATOM 205  O OH  . TYR A 1 28  ? -2.414  -6.779  23.390  1.00 100.00 ? 28  TYR A OH  1 
ATOM 206  N N   . SER A 1 29  ? -6.164  -5.858  16.033  1.00 100.00 ? 29  SER A N   1 
ATOM 207  C CA  . SER A 1 29  ? -7.169  -5.697  14.987  1.00 100.00 ? 29  SER A CA  1 
ATOM 208  C C   . SER A 1 29  ? -6.632  -4.637  14.065  1.00 100.00 ? 29  SER A C   1 
ATOM 209  O O   . SER A 1 29  ? -7.343  -3.818  13.479  1.00 100.00 ? 29  SER A O   1 
ATOM 210  C CB  . SER A 1 29  ? -8.509  -5.268  15.583  1.00 92.53  ? 29  SER A CB  1 
ATOM 211  O OG  . SER A 1 29  ? -9.115  -6.283  16.376  1.00 75.14  ? 29  SER A OG  1 
ATOM 212  N N   . TYR A 1 30  ? -5.333  -4.629  13.962  1.00 100.00 ? 30  TYR A N   1 
ATOM 213  C CA  . TYR A 1 30  ? -4.701  -3.586  13.197  1.00 100.00 ? 30  TYR A CA  1 
ATOM 214  C C   . TYR A 1 30  ? -4.519  -4.048  11.754  1.00 88.16  ? 30  TYR A C   1 
ATOM 215  O O   . TYR A 1 30  ? -3.453  -4.564  11.418  1.00 83.89  ? 30  TYR A O   1 
ATOM 216  C CB  . TYR A 1 30  ? -3.345  -3.324  13.866  1.00 100.00 ? 30  TYR A CB  1 
ATOM 217  C CG  . TYR A 1 30  ? -3.443  -2.829  15.299  1.00 100.00 ? 30  TYR A CG  1 
ATOM 218  C CD1 . TYR A 1 30  ? -4.245  -1.827  15.691  1.00 100.00 ? 30  TYR A CD1 1 
ATOM 219  C CD2 . TYR A 1 30  ? -2.697  -3.457  16.211  1.00 100.00 ? 30  TYR A CD2 1 
ATOM 220  C CE1 . TYR A 1 30  ? -4.331  -1.498  16.991  1.00 100.00 ? 30  TYR A CE1 1 
ATOM 221  C CE2 . TYR A 1 30  ? -2.779  -3.135  17.503  1.00 100.00 ? 30  TYR A CE2 1 
ATOM 222  C CZ  . TYR A 1 30  ? -3.612  -2.170  17.902  1.00 100.00 ? 30  TYR A CZ  1 
ATOM 223  O OH  . TYR A 1 30  ? -3.725  -1.911  19.244  1.00 100.00 ? 30  TYR A OH  1 
ATOM 224  N N   . LEU A 1 31  ? -5.501  -3.880  10.878  1.00 72.58  ? 31  LEU A N   1 
ATOM 225  C CA  . LEU A 1 31  ? -5.371  -4.495  9.555   1.00 68.61  ? 31  LEU A CA  1 
ATOM 226  C C   . LEU A 1 31  ? -6.264  -3.784  8.551   1.00 64.45  ? 31  LEU A C   1 
ATOM 227  O O   . LEU A 1 31  ? -7.423  -3.490  8.853   1.00 68.58  ? 31  LEU A O   1 
ATOM 228  C CB  . LEU A 1 31  ? -5.810  -5.956  9.685   1.00 76.38  ? 31  LEU A CB  1 
ATOM 229  C CG  . LEU A 1 31  ? -4.995  -6.928  8.839   1.00 74.53  ? 31  LEU A CG  1 
ATOM 230  C CD1 . LEU A 1 31  ? -5.212  -6.880  7.330   1.00 66.00  ? 31  LEU A CD1 1 
ATOM 231  C CD2 . LEU A 1 31  ? -3.526  -6.780  9.178   1.00 69.29  ? 31  LEU A CD2 1 
ATOM 232  N N   . ALA A 1 32  ? -5.765  -3.489  7.366   1.00 64.39  ? 32  ALA A N   1 
ATOM 233  C CA  . ALA A 1 32  ? -6.631  -2.843  6.381   1.00 67.57  ? 32  ALA A CA  1 
ATOM 234  C C   . ALA A 1 32  ? -6.619  -3.522  5.028   1.00 70.22  ? 32  ALA A C   1 
ATOM 235  O O   . ALA A 1 32  ? -5.830  -4.422  4.784   1.00 68.87  ? 32  ALA A O   1 
ATOM 236  C CB  . ALA A 1 32  ? -6.132  -1.451  6.099   1.00 64.71  ? 32  ALA A CB  1 
ATOM 237  N N   . TRP A 1 33  ? -7.518  -3.042  4.162   1.00 74.12  ? 33  TRP A N   1 
ATOM 238  C CA  . TRP A 1 33  ? -7.733  -3.722  2.881   1.00 76.35  ? 33  TRP A CA  1 
ATOM 239  C C   . TRP A 1 33  ? -7.757  -2.691  1.749   1.00 77.23  ? 33  TRP A C   1 
ATOM 240  O O   . TRP A 1 33  ? -8.448  -1.684  1.833   1.00 79.79  ? 33  TRP A O   1 
ATOM 241  C CB  . TRP A 1 33  ? -9.078  -4.461  2.919   1.00 80.70  ? 33  TRP A CB  1 
ATOM 242  C CG  . TRP A 1 33  ? -9.067  -5.685  3.828   1.00 79.63  ? 33  TRP A CG  1 
ATOM 243  C CD1 . TRP A 1 33  ? -9.585  -5.707  5.135   1.00 79.68  ? 33  TRP A CD1 1 
ATOM 244  C CD2 . TRP A 1 33  ? -8.594  -6.985  3.577   1.00 79.16  ? 33  TRP A CD2 1 
ATOM 245  N NE1 . TRP A 1 33  ? -9.429  -6.997  5.683   1.00 78.85  ? 33  TRP A NE1 1 
ATOM 246  C CE2 . TRP A 1 33  ? -8.814  -7.740  4.675   1.00 78.99  ? 33  TRP A CE2 1 
ATOM 247  C CE3 . TRP A 1 33  ? -8.017  -7.519  2.478   1.00 79.22  ? 33  TRP A CE3 1 
ATOM 248  C CZ2 . TRP A 1 33  ? -8.467  -9.041  4.722   1.00 78.86  ? 33  TRP A CZ2 1 
ATOM 249  C CZ3 . TRP A 1 33  ? -7.671  -8.832  2.524   1.00 79.34  ? 33  TRP A CZ3 1 
ATOM 250  C CH2 . TRP A 1 33  ? -7.890  -9.582  3.626   1.00 79.52  ? 33  TRP A CH2 1 
ATOM 251  N N   . TYR A 1 34  ? -7.000  -2.963  0.685   1.00 75.81  ? 34  TYR A N   1 
ATOM 252  C CA  . TYR A 1 34  ? -6.912  -2.008  -0.423  1.00 76.68  ? 34  TYR A CA  1 
ATOM 253  C C   . TYR A 1 34  ? -7.405  -2.675  -1.709  1.00 79.82  ? 34  TYR A C   1 
ATOM 254  O O   . TYR A 1 34  ? -7.261  -3.873  -1.886  1.00 79.43  ? 34  TYR A O   1 
ATOM 255  C CB  . TYR A 1 34  ? -5.447  -1.580  -0.600  1.00 70.51  ? 34  TYR A CB  1 
ATOM 256  C CG  . TYR A 1 34  ? -4.983  -0.691  0.548   1.00 65.88  ? 34  TYR A CG  1 
ATOM 257  C CD1 . TYR A 1 34  ? -5.298  0.607   0.530   1.00 65.69  ? 34  TYR A CD1 1 
ATOM 258  C CD2 . TYR A 1 34  ? -4.334  -1.192  1.614   1.00 62.30  ? 34  TYR A CD2 1 
ATOM 259  C CE1 . TYR A 1 34  ? -5.000  1.404   1.567   1.00 61.85  ? 34  TYR A CE1 1 
ATOM 260  C CE2 . TYR A 1 34  ? -4.036  -0.388  2.661   1.00 58.57  ? 34  TYR A CE2 1 
ATOM 261  C CZ  . TYR A 1 34  ? -4.381  0.907   2.640   1.00 57.96  ? 34  TYR A CZ  1 
ATOM 262  O OH  . TYR A 1 34  ? -4.136  1.789   3.677   1.00 53.79  ? 34  TYR A OH  1 
ATOM 263  N N   . GLN A 1 35  ? -7.971  -1.850  -2.594  1.00 83.19  ? 35  GLN A N   1 
ATOM 264  C CA  . GLN A 1 35  ? -8.458  -2.350  -3.878  1.00 86.25  ? 35  GLN A CA  1 
ATOM 265  C C   . GLN A 1 35  ? -7.631  -1.568  -4.898  1.00 86.29  ? 35  GLN A C   1 
ATOM 266  O O   . GLN A 1 35  ? -7.595  -0.349  -4.842  1.00 86.66  ? 35  GLN A O   1 
ATOM 267  C CB  . GLN A 1 35  ? -9.941  -1.944  -3.991  1.00 90.99  ? 35  GLN A CB  1 
ATOM 268  C CG  . GLN A 1 35  ? -10.760 -2.766  -4.986  1.00 92.59  ? 35  GLN A CG  1 
ATOM 269  C CD  . GLN A 1 35  ? -12.028 -2.067  -5.439  1.00 96.47  ? 35  GLN A CD  1 
ATOM 270  O OE1 . GLN A 1 35  ? -12.474 -1.056  -4.899  1.00 99.35  ? 35  GLN A OE1 1 
ATOM 271  N NE2 . GLN A 1 35  ? -12.615 -2.606  -6.474  1.00 96.62  ? 35  GLN A NE2 1 
ATOM 272  N N   . GLN A 1 36  ? -6.923  -2.238  -5.796  1.00 85.89  ? 36  GLN A N   1 
ATOM 273  C CA  . GLN A 1 36  ? -6.210  -1.494  -6.832  1.00 86.65  ? 36  GLN A CA  1 
ATOM 274  C C   . GLN A 1 36  ? -6.951  -1.833  -8.102  1.00 91.52  ? 36  GLN A C   1 
ATOM 275  O O   . GLN A 1 36  ? -6.747  -2.895  -8.675  1.00 91.87  ? 36  GLN A O   1 
ATOM 276  C CB  . GLN A 1 36  ? -4.750  -1.946  -6.968  1.00 83.41  ? 36  GLN A CB  1 
ATOM 277  C CG  . GLN A 1 36  ? -4.074  -1.234  -8.142  1.00 84.95  ? 36  GLN A CG  1 
ATOM 278  C CD  . GLN A 1 36  ? -2.594  -1.468  -8.111  1.00 80.50  ? 36  GLN A CD  1 
ATOM 279  O OE1 . GLN A 1 36  ? -2.216  -2.576  -7.962  1.00 79.58  ? 36  GLN A OE1 1 
ATOM 280  N NE2 . GLN A 1 36  ? -1.843  -0.388  -8.254  1.00 77.75  ? 36  GLN A NE2 1 
ATOM 281  N N   . LYS A 1 37  ? -7.850  -0.931  -8.489  1.00 95.45  ? 37  LYS A N   1 
ATOM 282  C CA  . LYS A 1 37  ? -8.573  -1.165  -9.732  1.00 98.78  ? 37  LYS A CA  1 
ATOM 283  C C   . LYS A 1 37  ? -7.540  -1.090  -10.833 1.00 99.91  ? 37  LYS A C   1 
ATOM 284  O O   . LYS A 1 37  ? -6.506  -0.458  -10.663 1.00 98.35  ? 37  LYS A O   1 
ATOM 285  C CB  . LYS A 1 37  ? -9.615  -0.076  -9.942  1.00 102.00 ? 37  LYS A CB  1 
ATOM 286  C CG  . LYS A 1 37  ? -10.704 -0.079  -8.876  1.00 101.97 ? 37  LYS A CG  1 
ATOM 287  C CD  . LYS A 1 37  ? -12.037 0.301   -9.511  1.00 104.75 ? 37  LYS A CD  1 
ATOM 288  C CE  . LYS A 1 37  ? -13.152 0.449   -8.478  1.00 105.50 ? 37  LYS A CE  1 
ATOM 289  N NZ  . LYS A 1 37  ? -13.115 1.727   -7.751  1.00 107.98 ? 37  LYS A NZ  1 
ATOM 290  N N   . GLN A 1 38  ? -7.787  -1.764  -11.945 1.00 100.80 ? 38  GLN A N   1 
ATOM 291  C CA  . GLN A 1 38  ? -6.747  -1.737  -12.965 1.00 101.27 ? 38  GLN A CA  1 
ATOM 292  C C   . GLN A 1 38  ? -6.447  -0.355  -13.543 1.00 103.39 ? 38  GLN A C   1 
ATOM 293  O O   . GLN A 1 38  ? -7.338  0.436   -13.808 1.00 105.34 ? 38  GLN A O   1 
ATOM 294  C CB  . GLN A 1 38  ? -6.830  -2.893  -13.954 1.00 100.70 ? 38  GLN A CB  1 
ATOM 295  C CG  . GLN A 1 38  ? -8.073  -2.970  -14.826 1.00 100.75 ? 38  GLN A CG  1 
ATOM 296  C CD  . GLN A 1 38  ? -7.877  -4.059  -15.858 1.00 99.75  ? 38  GLN A CD  1 
ATOM 297  O OE1 . GLN A 1 38  ? -6.784  -4.572  -16.098 1.00 99.38  ? 38  GLN A OE1 1 
ATOM 298  N NE2 . GLN A 1 38  ? -8.954  -4.408  -16.503 1.00 99.89  ? 38  GLN A NE2 1 
ATOM 299  N N   . GLY A 1 39  ? -5.138  -0.081  -13.655 1.00 102.27 ? 39  GLY A N   1 
ATOM 300  C CA  . GLY A 1 39  ? -4.708  1.195   -14.218 1.00 103.01 ? 39  GLY A CA  1 
ATOM 301  C C   . GLY A 1 39  ? -4.863  2.368   -13.260 1.00 101.54 ? 39  GLY A C   1 
ATOM 302  O O   . GLY A 1 39  ? -5.032  3.498   -13.690 1.00 102.92 ? 39  GLY A O   1 
ATOM 303  N N   . LYS A 1 40  ? -4.808  2.084   -11.956 1.00 98.68  ? 40  LYS A N   1 
ATOM 304  C CA  . LYS A 1 40  ? -5.003  3.165   -10.995 1.00 96.20  ? 40  LYS A CA  1 
ATOM 305  C C   . LYS A 1 40  ? -4.188  2.807   -9.765  1.00 89.30  ? 40  LYS A C   1 
ATOM 306  O O   . LYS A 1 40  ? -3.661  1.721   -9.653  1.00 87.70  ? 40  LYS A O   1 
ATOM 307  C CB  . LYS A 1 40  ? -6.467  3.253   -10.586 1.00 99.71  ? 40  LYS A CB  1 
ATOM 308  C CG  . LYS A 1 40  ? -7.399  3.569   -11.751 1.00 105.30 ? 40  LYS A CG  1 
ATOM 309  C CD  . LYS A 1 40  ? -8.860  3.604   -11.336 1.00 107.54 ? 40  LYS A CD  1 
ATOM 310  C CE  . LYS A 1 40  ? -9.031  3.267   -9.858  1.00 104.83 ? 40  LYS A CE  1 
ATOM 311  N NZ  . LYS A 1 40  ? -10.449 3.332   -9.492  1.00 107.37 ? 40  LYS A NZ  1 
ATOM 312  N N   . SER A 1 41  ? -4.126  3.799   -8.871  1.00 85.04  ? 41  SER A N   1 
ATOM 313  C CA  . SER A 1 41  ? -3.395  3.611   -7.622  1.00 76.77  ? 41  SER A CA  1 
ATOM 314  C C   . SER A 1 41  ? -4.328  2.823   -6.730  1.00 78.20  ? 41  SER A C   1 
ATOM 315  O O   . SER A 1 41  ? -5.529  2.738   -7.025  1.00 84.82  ? 41  SER A O   1 
ATOM 316  C CB  . SER A 1 41  ? -3.176  5.024   -7.047  1.00 71.21  ? 41  SER A CB  1 
ATOM 317  O OG  . SER A 1 41  ? -3.315  6.044   -8.040  1.00 74.94  ? 41  SER A OG  1 
ATOM 318  N N   . PRO A 1 42  ? -3.844  2.238   -5.640  1.00 72.41  ? 42  PRO A N   1 
ATOM 319  C CA  . PRO A 1 42  ? -4.700  1.468   -4.761  1.00 74.35  ? 42  PRO A CA  1 
ATOM 320  C C   . PRO A 1 42  ? -5.596  2.436   -3.989  1.00 75.71  ? 42  PRO A C   1 
ATOM 321  O O   . PRO A 1 42  ? -5.328  3.630   -3.937  1.00 72.70  ? 42  PRO A O   1 
ATOM 322  C CB  . PRO A 1 42  ? -3.685  0.795   -3.832  1.00 67.23  ? 42  PRO A CB  1 
ATOM 323  C CG  . PRO A 1 42  ? -2.423  0.682   -4.692  1.00 64.47  ? 42  PRO A CG  1 
ATOM 324  C CD  . PRO A 1 42  ? -2.412  2.040   -5.411  1.00 65.17  ? 42  PRO A CD  1 
ATOM 325  N N   . GLN A 1 43  ? -6.651  1.905   -3.378  1.00 79.24  ? 43  GLN A N   1 
ATOM 326  C CA  . GLN A 1 43  ? -7.531  2.768   -2.596  1.00 81.39  ? 43  GLN A CA  1 
ATOM 327  C C   . GLN A 1 43  ? -7.958  1.991   -1.358  1.00 81.81  ? 43  GLN A C   1 
ATOM 328  O O   . GLN A 1 43  ? -7.945  0.773   -1.345  1.00 82.00  ? 43  GLN A O   1 
ATOM 329  C CB  . GLN A 1 43  ? -8.751  3.208   -3.397  1.00 89.18  ? 43  GLN A CB  1 
ATOM 330  C CG  . GLN A 1 43  ? -9.546  2.058   -4.005  1.00 93.47  ? 43  GLN A CG  1 
ATOM 331  C CD  . GLN A 1 43  ? -10.756 2.597   -4.731  1.00 99.72  ? 43  GLN A CD  1 
ATOM 332  O OE1 . GLN A 1 43  ? -10.798 2.694   -5.953  1.00 101.87 ? 43  GLN A OE1 1 
ATOM 333  N NE2 . GLN A 1 43  ? -11.760 2.952   -3.974  1.00 103.04 ? 43  GLN A NE2 1 
ATOM 334  N N   . VAL A 1 44  ? -8.302  2.753   -0.317  1.00 81.69  ? 44  VAL A N   1 
ATOM 335  C CA  . VAL A 1 44  ? -8.665  2.138   0.960   1.00 81.55  ? 44  VAL A CA  1 
ATOM 336  C C   . VAL A 1 44  ? -10.127 1.706   0.956   1.00 88.62  ? 44  VAL A C   1 
ATOM 337  O O   . VAL A 1 44  ? -10.974 2.368   0.380   1.00 93.64  ? 44  VAL A O   1 
ATOM 338  C CB  . VAL A 1 44  ? -8.440  3.190   2.050   1.00 77.95  ? 44  VAL A CB  1 
ATOM 339  C CG1 . VAL A 1 44  ? -9.255  4.463   1.847   1.00 81.27  ? 44  VAL A CG1 1 
ATOM 340  C CG2 . VAL A 1 44  ? -8.619  2.622   3.454   1.00 76.60  ? 44  VAL A CG2 1 
ATOM 341  N N   . LEU A 1 45  ? -10.383 0.576   1.632   1.00 88.69  ? 45  LEU A N   1 
ATOM 342  C CA  . LEU A 1 45  ? -11.747 0.072   1.741   1.00 93.55  ? 45  LEU A CA  1 
ATOM 343  C C   . LEU A 1 45  ? -12.071 -0.031  3.230   1.00 92.81  ? 45  LEU A C   1 
ATOM 344  O O   . LEU A 1 45  ? -13.009 0.585   3.688   1.00 96.06  ? 45  LEU A O   1 
ATOM 345  C CB  . LEU A 1 45  ? -11.861 -1.323  1.121   1.00 93.50  ? 45  LEU A CB  1 
ATOM 346  C CG  . LEU A 1 45  ? -11.537 -1.478  -0.366  1.00 93.18  ? 45  LEU A CG  1 
ATOM 347  C CD1 . LEU A 1 45  ? -11.535 -2.951  -0.772  1.00 91.25  ? 45  LEU A CD1 1 
ATOM 348  C CD2 . LEU A 1 45  ? -12.500 -0.683  -1.245  1.00 98.00  ? 45  LEU A CD2 1 
ATOM 349  N N   . VAL A 1 46  ? -11.285 -0.827  3.971   1.00 88.43  ? 46  VAL A N   1 
ATOM 350  C CA  . VAL A 1 46  ? -11.557 -1.015  5.411   1.00 86.66  ? 46  VAL A CA  1 
ATOM 351  C C   . VAL A 1 46  ? -10.235 -0.808  6.169   1.00 80.22  ? 46  VAL A C   1 
ATOM 352  O O   . VAL A 1 46  ? -9.182  -1.151  5.665   1.00 77.00  ? 46  VAL A O   1 
ATOM 353  C CB  . VAL A 1 46  ? -12.085 -2.436  5.655   1.00 87.67  ? 46  VAL A CB  1 
ATOM 354  C CG1 . VAL A 1 46  ? -11.697 -3.022  7.012   1.00 83.71  ? 46  VAL A CG1 1 
ATOM 355  C CG2 . VAL A 1 46  ? -13.597 -2.529  5.458   1.00 92.56  ? 46  VAL A CG2 1 
ATOM 356  N N   . HIS A 1 47  ? -10.306 -0.218  7.371   1.00 77.43  ? 47  HIS A N   1 
ATOM 357  C CA  . HIS A 1 47  ? -9.094  -0.029  8.185   1.00 76.96  ? 47  HIS A CA  1 
ATOM 358  C C   . HIS A 1 47  ? -9.500  -0.370  9.623   1.00 72.66  ? 47  HIS A C   1 
ATOM 359  O O   . HIS A 1 47  ? -10.684 -0.377  9.900   1.00 74.73  ? 47  HIS A O   1 
ATOM 360  C CB  . HIS A 1 47  ? -8.574  1.416   8.096   1.00 81.74  ? 47  HIS A CB  1 
ATOM 361  C CG  . HIS A 1 47  ? -9.602  2.458   8.501   1.00 75.52  ? 47  HIS A CG  1 
ATOM 362  N ND1 . HIS A 1 47  ? -10.558 2.916   7.634   1.00 75.50  ? 47  HIS A ND1 1 
ATOM 363  C CD2 . HIS A 1 47  ? -9.784  3.023   9.765   1.00 77.09  ? 47  HIS A CD2 1 
ATOM 364  C CE1 . HIS A 1 47  ? -11.290 3.719   8.453   1.00 74.24  ? 47  HIS A CE1 1 
ATOM 365  N NE2 . HIS A 1 47  ? -10.903 3.858   9.755   1.00 69.12  ? 47  HIS A NE2 1 
ATOM 366  N N   . ASN A 1 48  ? -8.587  -0.631  10.560  1.00 86.07  ? 48  ASN A N   1 
ATOM 367  C CA  . ASN A 1 48  ? -9.028  -0.974  11.925  1.00 93.44  ? 48  ASN A CA  1 
ATOM 368  C C   . ASN A 1 48  ? -9.871  -2.239  11.894  1.00 83.61  ? 48  ASN A C   1 
ATOM 369  O O   . ASN A 1 48  ? -10.916 -2.265  12.507  1.00 78.09  ? 48  ASN A O   1 
ATOM 370  C CB  . ASN A 1 48  ? -9.882  0.077   12.666  1.00 97.90  ? 48  ASN A CB  1 
ATOM 371  C CG  . ASN A 1 48  ? -9.131  1.271   13.229  1.00 100.00 ? 48  ASN A CG  1 
ATOM 372  O OD1 . ASN A 1 48  ? -7.995  1.167   13.679  1.00 100.00 ? 48  ASN A OD1 1 
ATOM 373  N ND2 . ASN A 1 48  ? -9.771  2.427   13.256  1.00 97.05  ? 48  ASN A ND2 1 
ATOM 374  N N   . ALA A 1 49  ? -9.400  -3.210  11.105  1.00 76.19  ? 49  ALA A N   1 
ATOM 375  C CA  . ALA A 1 49  ? -10.121 -4.475  10.873  1.00 71.65  ? 49  ALA A CA  1 
ATOM 376  C C   . ALA A 1 49  ? -11.493 -4.470  10.227  1.00 75.17  ? 49  ALA A C   1 
ATOM 377  O O   . ALA A 1 49  ? -11.760 -5.240  9.278   1.00 78.37  ? 49  ALA A O   1 
ATOM 378  C CB  . ALA A 1 49  ? -9.847  -5.589  11.879  1.00 72.50  ? 49  ALA A CB  1 
ATOM 379  N N   . LYS A 1 50  ? -12.395 -3.681  10.743  1.00 76.82  ? 50  LYS A N   1 
ATOM 380  C CA  . LYS A 1 50  ? -13.781 -3.741  10.362  1.00 83.06  ? 50  LYS A CA  1 
ATOM 381  C C   . LYS A 1 50  ? -14.271 -2.355  9.955   1.00 85.77  ? 50  LYS A C   1 
ATOM 382  O O   . LYS A 1 50  ? -15.337 -2.245  9.386   1.00 90.84  ? 50  LYS A O   1 
ATOM 383  C CB  . LYS A 1 50  ? -14.623 -4.224  11.547  1.00 82.95  ? 50  LYS A CB  1 
ATOM 384  C CG  . LYS A 1 50  ? -14.360 -5.657  12.010  1.00 80.96  ? 50  LYS A CG  1 
ATOM 385  C CD  . LYS A 1 50  ? -15.332 -6.150  13.080  1.00 82.57  ? 50  LYS A CD  1 
ATOM 386  C CE  . LYS A 1 50  ? -15.117 -7.619  13.439  1.00 81.56  ? 50  LYS A CE  1 
ATOM 387  N NZ  . LYS A 1 50  ? -16.030 -7.994  14.529  1.00 85.22  ? 50  LYS A NZ  1 
ATOM 388  N N   . THR A 1 51  ? -13.549 -1.285  10.284  1.00 81.66  ? 51  THR A N   1 
ATOM 389  C CA  . THR A 1 51  ? -14.128 0.041   10.008  1.00 83.96  ? 51  THR A CA  1 
ATOM 390  C C   . THR A 1 51  ? -14.096 0.382   8.519   1.00 87.95  ? 51  THR A C   1 
ATOM 391  O O   . THR A 1 51  ? -13.064 0.287   7.866   1.00 86.37  ? 51  THR A O   1 
ATOM 392  C CB  . THR A 1 51  ? -13.460 1.138   10.847  1.00 76.97  ? 51  THR A CB  1 
ATOM 393  O OG1 . THR A 1 51  ? -13.480 0.868   12.244  1.00 72.52  ? 51  THR A OG1 1 
ATOM 394  C CG2 . THR A 1 51  ? -14.008 2.530   10.536  1.00 77.99  ? 51  THR A CG2 1 
ATOM 395  N N   . LEU A 1 52  ? -15.257 0.759   8.000   1.00 93.16  ? 52  LEU A N   1 
ATOM 396  C CA  . LEU A 1 52  ? -15.403 1.037   6.573   1.00 97.77  ? 52  LEU A CA  1 
ATOM 397  C C   . LEU A 1 52  ? -14.876 2.425   6.291   1.00 95.92  ? 52  LEU A C   1 
ATOM 398  O O   . LEU A 1 52  ? -15.119 3.371   7.032   1.00 92.89  ? 52  LEU A O   1 
ATOM 399  C CB  . LEU A 1 52  ? -16.900 1.125   6.268   1.00 103.25 ? 52  LEU A CB  1 
ATOM 400  C CG  . LEU A 1 52  ? -17.630 -0.196  6.049   1.00 104.50 ? 52  LEU A CG  1 
ATOM 401  C CD1 . LEU A 1 52  ? -19.132 0.028   5.872   1.00 108.22 ? 52  LEU A CD1 1 
ATOM 402  C CD2 . LEU A 1 52  ? -17.031 -0.905  4.837   1.00 104.18 ? 52  LEU A CD2 1 
ATOM 403  N N   . THR A 1 53  ? -14.173 2.541   5.193   1.00 96.44  ? 53  THR A N   1 
ATOM 404  C CA  . THR A 1 53  ? -13.577 3.812   4.850   1.00 94.00  ? 53  THR A CA  1 
ATOM 405  C C   . THR A 1 53  ? -14.645 4.625   4.137   1.00 99.54  ? 53  THR A C   1 
ATOM 406  O O   . THR A 1 53  ? -15.556 4.091   3.520   1.00 104.52 ? 53  THR A O   1 
ATOM 407  C CB  . THR A 1 53  ? -12.332 3.560   3.999   1.00 91.56  ? 53  THR A CB  1 
ATOM 408  O OG1 . THR A 1 53  ? -11.359 2.764   4.672   1.00 86.70  ? 53  THR A OG1 1 
ATOM 409  C CG2 . THR A 1 53  ? -11.758 4.860   3.464   1.00 89.52  ? 53  THR A CG2 1 
ATOM 410  N N   . GLU A 1 54  ? -14.499 5.925   4.329   1.00 96.94  ? 54  GLU A N   1 
ATOM 411  C CA  . GLU A 1 54  ? -15.375 6.948   3.747   1.00 99.44  ? 54  GLU A CA  1 
ATOM 412  C C   . GLU A 1 54  ? -15.698 6.698   2.256   1.00 105.76 ? 54  GLU A C   1 
ATOM 413  O O   . GLU A 1 54  ? -14.763 6.626   1.477   1.00 104.36 ? 54  GLU A O   1 
ATOM 414  C CB  . GLU A 1 54  ? -14.452 8.175   3.923   1.00 98.44  ? 54  GLU A CB  1 
ATOM 415  C CG  . GLU A 1 54  ? -14.999 9.563   3.587   1.00 100.00 ? 54  GLU A CG  1 
ATOM 416  C CD  . GLU A 1 54  ? -14.025 10.725  3.803   1.00 100.05 ? 54  GLU A CD  1 
ATOM 417  O OE1 . GLU A 1 54  ? -12.918 10.533  4.351   1.00 98.58  ? 54  GLU A OE1 1 
ATOM 418  O OE2 . GLU A 1 54  ? -14.385 11.858  3.415   1.00 100.08 ? 54  GLU A OE2 1 
ATOM 419  N N   . GLY A 1 55  ? -16.975 6.532   1.825   1.00 110.48 ? 55  GLY A N   1 
ATOM 420  C CA  . GLY A 1 55  ? -17.218 6.358   0.397   1.00 114.56 ? 55  GLY A CA  1 
ATOM 421  C C   . GLY A 1 55  ? -17.353 4.893   -0.021  1.00 116.40 ? 55  GLY A C   1 
ATOM 422  O O   . GLY A 1 55  ? -17.840 4.619   -1.105  1.00 118.48 ? 55  GLY A O   1 
ATOM 423  N N   . VAL A 1 56  ? -16.892 3.964   0.822   1.00 113.69 ? 56  VAL A N   1 
ATOM 424  C CA  . VAL A 1 56  ? -16.955 2.553   0.431   1.00 114.01 ? 56  VAL A CA  1 
ATOM 425  C C   . VAL A 1 56  ? -18.367 2.056   0.678   1.00 114.99 ? 56  VAL A C   1 
ATOM 426  O O   . VAL A 1 56  ? -18.956 2.366   1.723   1.00 114.92 ? 56  VAL A O   1 
ATOM 427  C CB  . VAL A 1 56  ? -15.920 1.737   1.222   1.00 109.12 ? 56  VAL A CB  1 
ATOM 428  C CG1 . VAL A 1 56  ? -15.935 0.264   0.817   1.00 107.88 ? 56  VAL A CG1 1 
ATOM 429  C CG2 . VAL A 1 56  ? -14.514 2.291   1.011   1.00 106.24 ? 56  VAL A CG2 1 
ATOM 430  N N   . PRO A 1 57  ? -18.972 1.327   -0.255  1.00 114.29 ? 57  PRO A N   1 
ATOM 431  C CA  . PRO A 1 57  ? -20.325 0.832   -0.092  1.00 113.73 ? 57  PRO A CA  1 
ATOM 432  C C   . PRO A 1 57  ? -20.290 -0.338  0.884   1.00 110.70 ? 57  PRO A C   1 
ATOM 433  O O   . PRO A 1 57  ? -19.313 -1.069  0.960   1.00 108.82 ? 57  PRO A O   1 
ATOM 434  C CB  . PRO A 1 57  ? -20.672 0.359   -1.507  1.00 111.56 ? 57  PRO A CB  1 
ATOM 435  C CG  . PRO A 1 57  ? -19.314 -0.002  -2.114  1.00 110.56 ? 57  PRO A CG  1 
ATOM 436  C CD  . PRO A 1 57  ? -18.401 1.112   -1.585  1.00 113.32 ? 57  PRO A CD  1 
ATOM 437  N N   . SER A 1 58  ? -21.422 -0.541  1.568   1.00 109.92 ? 58  SER A N   1 
ATOM 438  C CA  . SER A 1 58  ? -21.479 -1.563  2.617   1.00 107.58 ? 58  SER A CA  1 
ATOM 439  C C   . SER A 1 58  ? -21.436 -3.006  2.131   1.00 102.65 ? 58  SER A C   1 
ATOM 440  O O   . SER A 1 58  ? -21.518 -3.918  2.942   1.00 100.45 ? 58  SER A O   1 
ATOM 441  C CB  . SER A 1 58  ? -22.670 -1.313  3.562   1.00 108.77 ? 58  SER A CB  1 
ATOM 442  O OG  . SER A 1 58  ? -23.834 -0.770  2.933   1.00 108.88 ? 58  SER A OG  1 
ATOM 443  N N   . ARG A 1 59  ? -21.234 -3.244  0.832   1.00 100.31 ? 59  ARG A N   1 
ATOM 444  C CA  . ARG A 1 59  ? -21.105 -4.607  0.372   1.00 94.64  ? 59  ARG A CA  1 
ATOM 445  C C   . ARG A 1 59  ? -19.773 -5.202  0.830   1.00 94.51  ? 59  ARG A C   1 
ATOM 446  O O   . ARG A 1 59  ? -19.567 -6.404  0.782   1.00 90.79  ? 59  ARG A O   1 
ATOM 447  C CB  . ARG A 1 59  ? -21.333 -4.674  -1.149  1.00 91.76  ? 59  ARG A CB  1 
ATOM 448  C CG  . ARG A 1 59  ? -20.139 -4.406  -2.050  1.00 93.19  ? 59  ARG A CG  1 
ATOM 449  C CD  . ARG A 1 59  ? -20.487 -4.472  -3.539  1.00 91.19  ? 59  ARG A CD  1 
ATOM 450  N NE  . ARG A 1 59  ? -21.328 -3.320  -3.906  1.00 94.43  ? 59  ARG A NE  1 
ATOM 451  C CZ  . ARG A 1 59  ? -20.865 -2.431  -4.782  1.00 97.72  ? 59  ARG A CZ  1 
ATOM 452  N NH1 . ARG A 1 59  ? -19.733 -2.540  -5.372  1.00 98.19  ? 59  ARG A NH1 1 
ATOM 453  N NH2 . ARG A 1 59  ? -21.617 -1.393  -5.065  1.00 100.89 ? 59  ARG A NH2 1 
ATOM 454  N N   . PHE A 1 60  ? -18.885 -4.307  1.267   1.00 98.44  ? 60  PHE A N   1 
ATOM 455  C CA  . PHE A 1 60  ? -17.584 -4.728  1.784   1.00 97.52  ? 60  PHE A CA  1 
ATOM 456  C C   . PHE A 1 60  ? -17.616 -4.689  3.304   1.00 98.39  ? 60  PHE A C   1 
ATOM 457  O O   . PHE A 1 60  ? -18.058 -3.725  3.904   1.00 101.68 ? 60  PHE A O   1 
ATOM 458  C CB  . PHE A 1 60  ? -16.549 -3.675  1.378   1.00 99.06  ? 60  PHE A CB  1 
ATOM 459  C CG  . PHE A 1 60  ? -16.300 -3.653  -0.113  1.00 98.14  ? 60  PHE A CG  1 
ATOM 460  C CD1 . PHE A 1 60  ? -15.374 -4.461  -0.642  1.00 95.11  ? 60  PHE A CD1 1 
ATOM 461  C CD2 . PHE A 1 60  ? -17.003 -2.826  -0.899  1.00 100.67 ? 60  PHE A CD2 1 
ATOM 462  C CE1 . PHE A 1 60  ? -15.164 -4.449  -1.971  1.00 94.46  ? 60  PHE A CE1 1 
ATOM 463  C CE2 . PHE A 1 60  ? -16.798 -2.818  -2.223  1.00 100.07 ? 60  PHE A CE2 1 
ATOM 464  C CZ  . PHE A 1 60  ? -15.875 -3.633  -2.755  1.00 97.00  ? 60  PHE A CZ  1 
ATOM 465  N N   . SER A 1 61  ? -17.066 -5.743  3.906   1.00 95.54  ? 61  SER A N   1 
ATOM 466  C CA  . SER A 1 61  ? -17.020 -5.789  5.367   1.00 96.11  ? 61  SER A CA  1 
ATOM 467  C C   . SER A 1 61  ? -15.729 -6.520  5.734   1.00 92.68  ? 61  SER A C   1 
ATOM 468  O O   . SER A 1 61  ? -15.229 -7.310  4.951   1.00 90.88  ? 61  SER A O   1 
ATOM 469  C CB  . SER A 1 61  ? -18.266 -6.519  5.885   1.00 96.52  ? 61  SER A CB  1 
ATOM 470  O OG  . SER A 1 61  ? -18.782 -7.498  4.976   1.00 94.43  ? 61  SER A OG  1 
ATOM 471  N N   . GLY A 1 62  ? -15.191 -6.220  6.920   1.00 91.34  ? 62  GLY A N   1 
ATOM 472  C CA  . GLY A 1 62  ? -13.949 -6.892  7.322   1.00 87.46  ? 62  GLY A CA  1 
ATOM 473  C C   . GLY A 1 62  ? -14.135 -7.526  8.704   1.00 86.33  ? 62  GLY A C   1 
ATOM 474  O O   . GLY A 1 62  ? -14.990 -7.115  9.461   1.00 87.71  ? 62  GLY A O   1 
ATOM 475  N N   . SER A 1 63  ? -13.312 -8.549  8.991   1.00 83.61  ? 63  SER A N   1 
ATOM 476  C CA  . SER A 1 63  ? -13.411 -9.206  10.300  1.00 81.84  ? 63  SER A CA  1 
ATOM 477  C C   . SER A 1 63  ? -12.092 -9.949  10.477  1.00 78.11  ? 63  SER A C   1 
ATOM 478  O O   . SER A 1 63  ? -11.278 -9.963  9.576   1.00 77.70  ? 63  SER A O   1 
ATOM 479  C CB  . SER A 1 63  ? -14.569 -10.209 10.354  1.00 85.63  ? 63  SER A CB  1 
ATOM 480  O OG  . SER A 1 63  ? -14.349 -11.408 9.604   1.00 86.46  ? 63  SER A OG  1 
ATOM 481  N N   . GLY A 1 64  ? -11.920 -10.575 11.650  1.00 75.71  ? 64  GLY A N   1 
ATOM 482  C CA  . GLY A 1 64  ? -10.695 -11.352 11.855  1.00 72.27  ? 64  GLY A CA  1 
ATOM 483  C C   . GLY A 1 64  ? -10.252 -11.345 13.323  1.00 70.88  ? 64  GLY A C   1 
ATOM 484  O O   . GLY A 1 64  ? -10.602 -10.455 14.070  1.00 74.55  ? 64  GLY A O   1 
ATOM 485  N N   . SER A 1 65  ? -9.466  -12.378 13.689  1.00 65.85  ? 65  SER A N   1 
ATOM 486  C CA  . SER A 1 65  ? -9.011  -12.489 15.080  1.00 59.71  ? 65  SER A CA  1 
ATOM 487  C C   . SER A 1 65  ? -7.603  -13.065 15.120  1.00 76.15  ? 65  SER A C   1 
ATOM 488  O O   . SER A 1 65  ? -7.289  -13.943 14.332  1.00 79.28  ? 65  SER A O   1 
ATOM 489  C CB  . SER A 1 65  ? -9.945  -13.446 15.829  1.00 72.90  ? 65  SER A CB  1 
ATOM 490  O OG  . SER A 1 65  ? -10.192 -14.678 15.144  1.00 72.33  ? 65  SER A OG  1 
ATOM 491  N N   . GLY A 1 66  ? -6.818  -12.583 16.089  1.00 90.74  ? 66  GLY A N   1 
ATOM 492  C CA  . GLY A 1 66  ? -5.472  -13.120 16.282  1.00 99.52  ? 66  GLY A CA  1 
ATOM 493  C C   . GLY A 1 66  ? -4.594  -12.884 15.074  1.00 99.97  ? 66  GLY A C   1 
ATOM 494  O O   . GLY A 1 66  ? -3.848  -11.912 15.013  1.00 100.00 ? 66  GLY A O   1 
ATOM 495  N N   . THR A 1 67  ? -4.614  -13.817 14.124  1.00 85.75  ? 67  THR A N   1 
ATOM 496  C CA  . THR A 1 67  ? -3.770  -13.671 13.020  1.00 71.36  ? 67  THR A CA  1 
ATOM 497  C C   . THR A 1 67  ? -4.453  -13.527 11.605  1.00 64.57  ? 67  THR A C   1 
ATOM 498  O O   . THR A 1 67  ? -3.902  -13.276 10.790  1.00 66.33  ? 67  THR A O   1 
ATOM 499  C CB  . THR A 1 67  ? -2.711  -14.792 13.005  1.00 69.83  ? 67  THR A CB  1 
ATOM 500  O OG1 . THR A 1 67  ? -3.273  -16.100 13.057  1.00 70.65  ? 67  THR A OG1 1 
ATOM 501  C CG2 . THR A 1 67  ? -1.815  -14.576 14.219  1.00 86.60  ? 67  THR A CG2 1 
ATOM 502  N N   . GLN A 1 68  ? -5.886  -13.953 11.762  1.00 66.95  ? 68  GLN A N   1 
ATOM 503  C CA  . GLN A 1 68  ? -6.526  -14.213 10.392  1.00 73.43  ? 68  GLN A CA  1 
ATOM 504  C C   . GLN A 1 68  ? -7.618  -13.203 10.226  1.00 72.59  ? 68  GLN A C   1 
ATOM 505  O O   . GLN A 1 68  ? -8.416  -13.022 11.116  1.00 71.06  ? 68  GLN A O   1 
ATOM 506  C CB  . GLN A 1 68  ? -7.169  -15.628 10.351  1.00 78.72  ? 68  GLN A CB  1 
ATOM 507  C CG  . GLN A 1 68  ? -6.286  -16.876 10.210  1.00 83.09  ? 68  GLN A CG  1 
ATOM 508  C CD  . GLN A 1 68  ? -4.875  -16.687 10.547  1.00 80.37  ? 68  GLN A CD  1 
ATOM 509  O OE1 . GLN A 1 68  ? -4.336  -15.603 9.962   1.00 77.68  ? 68  GLN A OE1 1 
ATOM 510  N NE2 . GLN A 1 68  ? -3.927  -17.424 10.690  1.00 83.01  ? 68  GLN A NE2 1 
ATOM 511  N N   . PHE A 1 69  ? -7.619  -12.547 9.065   1.00 74.90  ? 69  PHE A N   1 
ATOM 512  C CA  . PHE A 1 69  ? -8.593  -11.480 8.852   1.00 75.05  ? 69  PHE A CA  1 
ATOM 513  C C   . PHE A 1 69  ? -9.195  -11.755 7.480   1.00 78.71  ? 69  PHE A C   1 
ATOM 514  O O   . PHE A 1 69  ? -8.542  -12.313 6.625   1.00 80.38  ? 69  PHE A O   1 
ATOM 515  C CB  . PHE A 1 69  ? -7.893  -10.111 8.900   1.00 71.70  ? 69  PHE A CB  1 
ATOM 516  C CG  . PHE A 1 69  ? -7.237  -9.828  10.252  1.00 65.95  ? 69  PHE A CG  1 
ATOM 517  C CD1 . PHE A 1 69  ? -7.928  -9.240  11.241  1.00 64.18  ? 69  PHE A CD1 1 
ATOM 518  C CD2 . PHE A 1 69  ? -5.970  -10.215 10.489  1.00 68.94  ? 69  PHE A CD2 1 
ATOM 519  C CE1 . PHE A 1 69  ? -7.373  -9.057  12.452  1.00 73.76  ? 69  PHE A CE1 1 
ATOM 520  C CE2 . PHE A 1 69  ? -5.420  -10.045 11.700  1.00 74.06  ? 69  PHE A CE2 1 
ATOM 521  C CZ  . PHE A 1 69  ? -6.119  -9.470  12.685  1.00 81.93  ? 69  PHE A CZ  1 
ATOM 522  N N   . SER A 1 70  ? -10.461 -11.387 7.300   1.00 80.57  ? 70  SER A N   1 
ATOM 523  C CA  . SER A 1 70  ? -11.121 -11.713 6.037   1.00 83.37  ? 70  SER A CA  1 
ATOM 524  C C   . SER A 1 70  ? -11.881 -10.488 5.535   1.00 84.00  ? 70  SER A C   1 
ATOM 525  O O   . SER A 1 70  ? -12.450 -9.738  6.312   1.00 84.08  ? 70  SER A O   1 
ATOM 526  C CB  . SER A 1 70  ? -12.074 -12.894 6.255   1.00 85.23  ? 70  SER A CB  1 
ATOM 527  O OG  . SER A 1 70  ? -11.393 -14.112 6.558   1.00 86.08  ? 70  SER A OG  1 
ATOM 528  N N   . LEU A 1 71  ? -11.860 -10.319 4.215   1.00 83.99  ? 71  LEU A N   1 
ATOM 529  C CA  . LEU A 1 71  ? -12.653 -9.269  3.584   1.00 85.38  ? 71  LEU A CA  1 
ATOM 530  C C   . LEU A 1 71  ? -13.767 -10.023 2.875   1.00 85.99  ? 71  LEU A C   1 
ATOM 531  O O   . LEU A 1 71  ? -13.526 -11.039 2.245   1.00 84.84  ? 71  LEU A O   1 
ATOM 532  C CB  . LEU A 1 71  ? -11.795 -8.561  2.527   1.00 84.92  ? 71  LEU A CB  1 
ATOM 533  C CG  . LEU A 1 71  ? -12.551 -7.613  1.595   1.00 86.11  ? 71  LEU A CG  1 
ATOM 534  C CD1 . LEU A 1 71  ? -13.112 -6.405  2.341   1.00 88.68  ? 71  LEU A CD1 1 
ATOM 535  C CD2 . LEU A 1 71  ? -11.652 -7.139  0.461   1.00 85.62  ? 71  LEU A CD2 1 
ATOM 536  N N   . LYS A 1 72  ? -14.983 -9.496  3.000   1.00 87.23  ? 72  LYS A N   1 
ATOM 537  C CA  . LYS A 1 72  ? -16.119 -10.152 2.362   1.00 86.58  ? 72  LYS A CA  1 
ATOM 538  C C   . LYS A 1 72  ? -16.890 -9.129  1.526   1.00 86.76  ? 72  LYS A C   1 
ATOM 539  O O   . LYS A 1 72  ? -17.088 -7.996  1.932   1.00 89.55  ? 72  LYS A O   1 
ATOM 540  C CB  . LYS A 1 72  ? -17.006 -10.721 3.464   1.00 87.36  ? 72  LYS A CB  1 
ATOM 541  C CG  . LYS A 1 72  ? -18.228 -11.482 2.950   1.00 85.97  ? 72  LYS A CG  1 
ATOM 542  C CD  . LYS A 1 72  ? -18.900 -12.249 4.082   1.00 87.45  ? 72  LYS A CD  1 
ATOM 543  C CE  . LYS A 1 72  ? -17.892 -13.098 4.857   1.00 88.95  ? 72  LYS A CE  1 
ATOM 544  N NZ  . LYS A 1 72  ? -17.200 -14.065 4.002   1.00 87.42  ? 72  LYS A NZ  1 
ATOM 545  N N   . ILE A 1 73  ? -17.280 -9.580  0.331   1.00 84.50  ? 73  ILE A N   1 
ATOM 546  C CA  . ILE A 1 73  ? -18.096 -8.751  -0.546  1.00 84.49  ? 73  ILE A CA  1 
ATOM 547  C C   . ILE A 1 73  ? -19.366 -9.578  -0.680  1.00 81.38  ? 73  ILE A C   1 
ATOM 548  O O   . ILE A 1 73  ? -19.321 -10.707 -1.142  1.00 79.24  ? 73  ILE A O   1 
ATOM 549  C CB  . ILE A 1 73  ? -17.377 -8.594  -1.895  1.00 84.33  ? 73  ILE A CB  1 
ATOM 550  C CG1 . ILE A 1 73  ? -15.937 -8.134  -1.682  1.00 85.83  ? 73  ILE A CG1 1 
ATOM 551  C CG2 . ILE A 1 73  ? -18.092 -7.600  -2.812  1.00 84.63  ? 73  ILE A CG2 1 
ATOM 552  C CD1 . ILE A 1 73  ? -15.047 -8.203  -2.921  1.00 85.22  ? 73  ILE A CD1 1 
ATOM 553  N N   . ASN A 1 74  ? -20.479 -9.052  -0.197  1.00 81.60  ? 74  ASN A N   1 
ATOM 554  C CA  . ASN A 1 74  ? -21.738 -9.796  -0.228  1.00 78.18  ? 74  ASN A CA  1 
ATOM 555  C C   . ASN A 1 74  ? -22.347 -9.959  -1.616  1.00 74.97  ? 74  ASN A C   1 
ATOM 556  O O   . ASN A 1 74  ? -22.812 -11.041 -1.943  1.00 72.22  ? 74  ASN A O   1 
ATOM 557  C CB  . ASN A 1 74  ? -22.747 -9.183  0.750   1.00 79.76  ? 74  ASN A CB  1 
ATOM 558  C CG  . ASN A 1 74  ? -22.865 -7.682  0.601   1.00 82.44  ? 74  ASN A CG  1 
ATOM 559  O OD1 . ASN A 1 74  ? -22.281 -7.056  -0.256  1.00 83.58  ? 74  ASN A OD1 1 
ATOM 560  N ND2 . ASN A 1 74  ? -23.658 -7.073  1.433   1.00 85.03  ? 74  ASN A ND2 1 
ATOM 561  N N   . SER A 1 75  ? -22.376 -8.889  -2.409  1.00 75.49  ? 75  SER A N   1 
ATOM 562  C CA  . SER A 1 75  ? -22.957 -8.990  -3.739  1.00 72.95  ? 75  SER A CA  1 
ATOM 563  C C   . SER A 1 75  ? -21.863 -8.375  -4.597  1.00 76.13  ? 75  SER A C   1 
ATOM 564  O O   . SER A 1 75  ? -21.601 -7.186  -4.485  1.00 79.81  ? 75  SER A O   1 
ATOM 565  C CB  . SER A 1 75  ? -24.201 -8.080  -3.828  1.00 73.16  ? 75  SER A CB  1 
ATOM 566  O OG  . SER A 1 75  ? -25.031 -8.088  -2.660  1.00 72.61  ? 75  SER A OG  1 
ATOM 567  N N   . LEU A 1 76  ? -21.201 -9.173  -5.420  1.00 75.50  ? 76  LEU A N   1 
ATOM 568  C CA  . LEU A 1 76  ? -20.117 -8.613  -6.217  1.00 77.74  ? 76  LEU A CA  1 
ATOM 569  C C   . LEU A 1 76  ? -20.725 -7.858  -7.381  1.00 78.97  ? 76  LEU A C   1 
ATOM 570  O O   . LEU A 1 76  ? -21.594 -8.359  -8.077  1.00 77.07  ? 76  LEU A O   1 
ATOM 571  C CB  . LEU A 1 76  ? -19.240 -9.736  -6.763  1.00 78.24  ? 76  LEU A CB  1 
ATOM 572  C CG  . LEU A 1 76  ? -18.119 -9.284  -7.695  1.00 80.73  ? 76  LEU A CG  1 
ATOM 573  C CD1 . LEU A 1 76  ? -17.135 -8.358  -6.989  1.00 82.89  ? 76  LEU A CD1 1 
ATOM 574  C CD2 . LEU A 1 76  ? -17.406 -10.527 -8.212  1.00 80.90  ? 76  LEU A CD2 1 
ATOM 575  N N   . GLN A 1 77  ? -20.249 -6.631  -7.558  1.00 82.40  ? 77  GLN A N   1 
ATOM 576  C CA  . GLN A 1 77  ? -20.718 -5.815  -8.669  1.00 83.90  ? 77  GLN A CA  1 
ATOM 577  C C   . GLN A 1 77  ? -19.563 -5.675  -9.643  1.00 85.87  ? 77  GLN A C   1 
ATOM 578  O O   . GLN A 1 77  ? -18.429 -6.026  -9.315  1.00 85.97  ? 77  GLN A O   1 
ATOM 579  C CB  . GLN A 1 77  ? -21.127 -4.439  -8.135  1.00 88.02  ? 77  GLN A CB  1 
ATOM 580  C CG  . GLN A 1 77  ? -22.397 -4.430  -7.300  1.00 86.22  ? 77  GLN A CG  1 
ATOM 581  C CD  . GLN A 1 77  ? -23.621 -4.837  -8.090  1.00 83.32  ? 77  GLN A CD  1 
ATOM 582  O OE1 . GLN A 1 77  ? -23.599 -5.132  -9.284  1.00 82.55  ? 77  GLN A OE1 1 
ATOM 583  N NE2 . GLN A 1 77  ? -24.730 -4.845  -7.405  1.00 81.76  ? 77  GLN A NE2 1 
ATOM 584  N N   . PRO A 1 78  ? -19.837 -5.140  -10.832 1.00 91.52  ? 78  PRO A N   1 
ATOM 585  C CA  . PRO A 1 78  ? -18.857 -5.033  -11.902 1.00 97.45  ? 78  PRO A CA  1 
ATOM 586  C C   . PRO A 1 78  ? -17.668 -4.172  -11.497 1.00 96.83  ? 78  PRO A C   1 
ATOM 587  O O   . PRO A 1 78  ? -16.538 -4.546  -11.752 1.00 96.96  ? 78  PRO A O   1 
ATOM 588  C CB  . PRO A 1 78  ? -19.667 -4.362  -13.016 1.00 99.50  ? 78  PRO A CB  1 
ATOM 589  C CG  . PRO A 1 78  ? -20.703 -3.513  -12.279 1.00 98.38  ? 78  PRO A CG  1 
ATOM 590  C CD  . PRO A 1 78  ? -21.067 -4.392  -11.084 1.00 92.66  ? 78  PRO A CD  1 
ATOM 591  N N   . GLU A 1 79  ? -17.919 -3.049  -10.818 1.00 97.69  ? 79  GLU A N   1 
ATOM 592  C CA  . GLU A 1 79  ? -16.807 -2.166  -10.467 1.00 97.35  ? 79  GLU A CA  1 
ATOM 593  C C   . GLU A 1 79  ? -15.795 -2.796  -9.514  1.00 97.14  ? 79  GLU A C   1 
ATOM 594  O O   . GLU A 1 79  ? -14.680 -2.309  -9.418  1.00 99.38  ? 79  GLU A O   1 
ATOM 595  C CB  . GLU A 1 79  ? -17.370 -0.833  -9.957  1.00 101.93 ? 79  GLU A CB  1 
ATOM 596  C CG  . GLU A 1 79  ? -18.434 -0.978  -8.869  1.00 102.18 ? 79  GLU A CG  1 
ATOM 597  C CD  . GLU A 1 79  ? -19.570 0.019   -9.064  1.00 104.27 ? 79  GLU A CD  1 
ATOM 598  O OE1 . GLU A 1 79  ? -20.155 0.054   -10.169 1.00 102.46 ? 79  GLU A OE1 1 
ATOM 599  O OE2 . GLU A 1 79  ? -19.899 0.754   -8.107  1.00 107.58 ? 79  GLU A OE2 1 
ATOM 600  N N   . ASP A 1 80  ? -16.144 -3.901  -8.855  1.00 93.89  ? 80  ASP A N   1 
ATOM 601  C CA  . ASP A 1 80  ? -15.232 -4.482  -7.872  1.00 93.01  ? 80  ASP A CA  1 
ATOM 602  C C   . ASP A 1 80  ? -14.065 -5.323  -8.403  1.00 92.02  ? 80  ASP A C   1 
ATOM 603  O O   . ASP A 1 80  ? -13.344 -5.924  -7.620  1.00 90.09  ? 80  ASP A O   1 
ATOM 604  C CB  . ASP A 1 80  ? -16.042 -5.333  -6.896  1.00 90.34  ? 80  ASP A CB  1 
ATOM 605  C CG  . ASP A 1 80  ? -17.192 -4.560  -6.291  1.00 91.90  ? 80  ASP A CG  1 
ATOM 606  O OD1 . ASP A 1 80  ? -17.098 -3.318  -6.182  1.00 96.30  ? 80  ASP A OD1 1 
ATOM 607  O OD2 . ASP A 1 80  ? -18.194 -5.196  -5.900  1.00 89.63  ? 80  ASP A OD2 1 
ATOM 608  N N   . PHE A 1 81  ? -13.866 -5.403  -9.711  1.00 93.38  ? 81  PHE A N   1 
ATOM 609  C CA  . PHE A 1 81  ? -12.756 -6.216  -10.202 1.00 93.51  ? 81  PHE A CA  1 
ATOM 610  C C   . PHE A 1 81  ? -11.458 -5.432  -10.027 1.00 94.13  ? 81  PHE A C   1 
ATOM 611  O O   . PHE A 1 81  ? -11.438 -4.219  -10.166 1.00 96.97  ? 81  PHE A O   1 
ATOM 612  C CB  . PHE A 1 81  ? -12.991 -6.678  -11.654 1.00 97.45  ? 81  PHE A CB  1 
ATOM 613  C CG  . PHE A 1 81  ? -12.724 -5.645  -12.749 1.00 99.87  ? 81  PHE A CG  1 
ATOM 614  C CD1 . PHE A 1 81  ? -11.499 -5.552  -13.289 1.00 98.96  ? 81  PHE A CD1 1 
ATOM 615  C CD2 . PHE A 1 81  ? -13.698 -4.840  -13.200 1.00 100.00 ? 81  PHE A CD2 1 
ATOM 616  C CE1 . PHE A 1 81  ? -11.243 -4.640  -14.236 1.00 99.74  ? 81  PHE A CE1 1 
ATOM 617  C CE2 . PHE A 1 81  ? -13.445 -3.932  -14.157 1.00 100.00 ? 81  PHE A CE2 1 
ATOM 618  C CZ  . PHE A 1 81  ? -12.214 -3.828  -14.672 1.00 100.00 ? 81  PHE A CZ  1 
ATOM 619  N N   . GLY A 1 82  ? -10.382 -6.181  -9.751  1.00 91.63  ? 82  GLY A N   1 
ATOM 620  C CA  . GLY A 1 82  ? -9.077  -5.545  -9.564  1.00 92.40  ? 82  GLY A CA  1 
ATOM 621  C C   . GLY A 1 82  ? -8.325  -6.465  -8.597  1.00 90.18  ? 82  GLY A C   1 
ATOM 622  O O   . GLY A 1 82  ? -8.774  -7.578  -8.374  1.00 89.30  ? 82  GLY A O   1 
ATOM 623  N N   . SER A 1 83  ? -7.196  -5.989  -8.044  1.00 89.03  ? 83  SER A N   1 
ATOM 624  C CA  . SER A 1 83  ? -6.430  -6.816  -7.093  1.00 86.46  ? 83  SER A CA  1 
ATOM 625  C C   . SER A 1 83  ? -6.594  -6.233  -5.696  1.00 84.01  ? 83  SER A C   1 
ATOM 626  O O   . SER A 1 83  ? -6.432  -5.039  -5.489  1.00 83.50  ? 83  SER A O   1 
ATOM 627  C CB  . SER A 1 83  ? -4.925  -6.830  -7.419  1.00 85.53  ? 83  SER A CB  1 
ATOM 628  O OG  . SER A 1 83  ? -4.130  -7.550  -6.464  1.00 83.20  ? 83  SER A OG  1 
ATOM 629  N N   . TYR A 1 84  ? -6.906  -7.109  -4.746  1.00 82.48  ? 84  TYR A N   1 
ATOM 630  C CA  . TYR A 1 84  ? -7.101  -6.654  -3.369  1.00 80.75  ? 84  TYR A CA  1 
ATOM 631  C C   . TYR A 1 84  ? -5.815  -6.990  -2.618  1.00 78.40  ? 84  TYR A C   1 
ATOM 632  O O   . TYR A 1 84  ? -5.127  -7.930  -2.978  1.00 78.77  ? 84  TYR A O   1 
ATOM 633  C CB  . TYR A 1 84  ? -8.292  -7.409  -2.750  1.00 82.25  ? 84  TYR A CB  1 
ATOM 634  C CG  . TYR A 1 84  ? -9.635  -7.001  -3.353  1.00 84.30  ? 84  TYR A CG  1 
ATOM 635  C CD1 . TYR A 1 84  ? -9.989  -7.382  -4.588  1.00 85.30  ? 84  TYR A CD1 1 
ATOM 636  C CD2 . TYR A 1 84  ? -10.477 -6.231  -2.648  1.00 85.61  ? 84  TYR A CD2 1 
ATOM 637  C CE1 . TYR A 1 84  ? -11.148 -6.979  -5.135  1.00 86.90  ? 84  TYR A CE1 1 
ATOM 638  C CE2 . TYR A 1 84  ? -11.651 -5.836  -3.188  1.00 87.80  ? 84  TYR A CE2 1 
ATOM 639  C CZ  . TYR A 1 84  ? -11.982 -6.202  -4.431  1.00 88.09  ? 84  TYR A CZ  1 
ATOM 640  O OH  . TYR A 1 84  ? -13.183 -5.806  -4.994  1.00 89.22  ? 84  TYR A OH  1 
ATOM 641  N N   . TYR A 1 85  ? -5.523  -6.186  -1.586  1.00 75.67  ? 85  TYR A N   1 
ATOM 642  C CA  . TYR A 1 85  ? -4.281  -6.364  -0.822  1.00 72.24  ? 85  TYR A CA  1 
ATOM 643  C C   . TYR A 1 85  ? -4.674  -6.145  0.639   1.00 71.63  ? 85  TYR A C   1 
ATOM 644  O O   . TYR A 1 85  ? -5.431  -5.240  0.938   1.00 72.04  ? 85  TYR A O   1 
ATOM 645  C CB  . TYR A 1 85  ? -3.265  -5.260  -1.176  1.00 68.00  ? 85  TYR A CB  1 
ATOM 646  C CG  . TYR A 1 85  ? -2.643  -5.377  -2.569  1.00 69.02  ? 85  TYR A CG  1 
ATOM 647  C CD1 . TYR A 1 85  ? -1.518  -6.086  -2.756  1.00 68.37  ? 85  TYR A CD1 1 
ATOM 648  C CD2 . TYR A 1 85  ? -3.204  -4.772  -3.628  1.00 71.93  ? 85  TYR A CD2 1 
ATOM 649  C CE1 . TYR A 1 85  ? -0.974  -6.204  -3.992  1.00 69.85  ? 85  TYR A CE1 1 
ATOM 650  C CE2 . TYR A 1 85  ? -2.668  -4.892  -4.857  1.00 73.57  ? 85  TYR A CE2 1 
ATOM 651  C CZ  . TYR A 1 85  ? -1.552  -5.611  -5.049  1.00 72.47  ? 85  TYR A CZ  1 
ATOM 652  O OH  . TYR A 1 85  ? -1.025  -5.717  -6.328  1.00 75.31  ? 85  TYR A OH  1 
ATOM 653  N N   . CYS A 1 86  ? -4.168  -6.977  1.548   1.00 71.17  ? 86  CYS A N   1 
ATOM 654  C CA  . CYS A 1 86  ? -4.399  -6.683  2.965   1.00 70.01  ? 86  CYS A CA  1 
ATOM 655  C C   . CYS A 1 86  ? -3.110  -6.002  3.393   1.00 65.20  ? 86  CYS A C   1 
ATOM 656  O O   . CYS A 1 86  ? -2.120  -6.107  2.674   1.00 63.56  ? 86  CYS A O   1 
ATOM 657  C CB  . CYS A 1 86  ? -4.619  -7.972  3.764   1.00 71.96  ? 86  CYS A CB  1 
ATOM 658  S SG  . CYS A 1 86  ? -3.116  -8.948  3.710   1.00 71.31  ? 86  CYS A SG  1 
ATOM 659  N N   . GLN A 1 87  ? -3.047  -5.335  4.527   1.00 62.73  ? 87  GLN A N   1 
ATOM 660  C CA  . GLN A 1 87  ? -1.744  -4.865  4.998   1.00 57.74  ? 87  GLN A CA  1 
ATOM 661  C C   . GLN A 1 87  ? -1.882  -4.778  6.502   1.00 56.48  ? 87  GLN A C   1 
ATOM 662  O O   . GLN A 1 87  ? -2.907  -4.314  7.001   1.00 57.57  ? 87  GLN A O   1 
ATOM 663  C CB  . GLN A 1 87  ? -1.381  -3.486  4.436   1.00 53.43  ? 87  GLN A CB  1 
ATOM 664  C CG  . GLN A 1 87  ? -0.032  -2.961  4.948   1.00 47.92  ? 87  GLN A CG  1 
ATOM 665  C CD  . GLN A 1 87  ? 0.281   -1.538  4.515   1.00 42.76  ? 87  GLN A CD  1 
ATOM 666  O OE1 . GLN A 1 87  ? -0.550  -0.835  3.944   1.00 43.36  ? 87  GLN A OE1 1 
ATOM 667  N NE2 . GLN A 1 87  ? 1.490   -1.084  4.774   1.00 37.63  ? 87  GLN A NE2 1 
ATOM 668  N N   . HIS A 1 88  ? -0.890  -5.247  7.234   1.00 54.61  ? 88  HIS A N   1 
ATOM 669  C CA  . HIS A 1 88  ? -0.955  -5.111  8.683   1.00 53.77  ? 88  HIS A CA  1 
ATOM 670  C C   . HIS A 1 88  ? -0.588  -3.690  9.084   1.00 53.25  ? 88  HIS A C   1 
ATOM 671  O O   . HIS A 1 88  ? 0.194   -3.043  8.386   1.00 46.73  ? 88  HIS A O   1 
ATOM 672  C CB  . HIS A 1 88  ? -0.099  -6.188  9.366   1.00 52.64  ? 88  HIS A CB  1 
ATOM 673  C CG  . HIS A 1 88  ? 1.389   -5.971  9.237   1.00 51.42  ? 88  HIS A CG  1 
ATOM 674  N ND1 . HIS A 1 88  ? 2.102   -5.153  10.083  1.00 48.98  ? 88  HIS A ND1 1 
ATOM 675  C CD2 . HIS A 1 88  ? 2.251   -6.686  8.388   1.00 53.95  ? 88  HIS A CD2 1 
ATOM 676  C CE1 . HIS A 1 88  ? 3.356   -5.438  9.660   1.00 50.24  ? 88  HIS A CE1 1 
ATOM 677  N NE2 . HIS A 1 88  ? 3.567   -6.335  8.648   1.00 53.03  ? 88  HIS A NE2 1 
ATOM 678  N N   . HIS A 1 89  ? -1.090  -3.215  10.213  1.00 63.23  ? 89  HIS A N   1 
ATOM 679  C CA  . HIS A 1 89  ? -0.641  -1.916  10.727  1.00 68.14  ? 89  HIS A CA  1 
ATOM 680  C C   . HIS A 1 89  ? -0.427  -2.117  12.212  1.00 91.09  ? 89  HIS A C   1 
ATOM 681  O O   . HIS A 1 89  ? -0.814  -1.413  13.145  1.00 100.00 ? 89  HIS A O   1 
ATOM 682  C CB  . HIS A 1 89  ? -1.569  -0.753  10.398  1.00 72.99  ? 89  HIS A CB  1 
ATOM 683  C CG  . HIS A 1 89  ? -1.245  0.500   11.208  1.00 82.45  ? 89  HIS A CG  1 
ATOM 684  N ND1 . HIS A 1 89  ? -2.065  0.963   12.214  1.00 100.00 ? 89  HIS A ND1 1 
ATOM 685  C CD2 . HIS A 1 89  ? -0.169  1.372   11.042  1.00 65.15  ? 89  HIS A CD2 1 
ATOM 686  C CE1 . HIS A 1 89  ? -1.442  2.111   12.550  1.00 100.00 ? 89  HIS A CE1 1 
ATOM 687  N NE2 . HIS A 1 89  ? -0.275  2.445   11.925  1.00 82.91  ? 89  HIS A NE2 1 
ATOM 688  N N   . TYR A 1 90  ? 0.225   -3.176  12.501  1.00 91.67  ? 90  TYR A N   1 
ATOM 689  C CA  . TYR A 1 90  ? 0.585   -3.358  13.884  1.00 98.85  ? 90  TYR A CA  1 
ATOM 690  C C   . TYR A 1 90  ? 2.078   -3.193  13.897  1.00 79.01  ? 90  TYR A C   1 
ATOM 691  O O   . TYR A 1 90  ? 2.749   -4.119  13.448  1.00 75.69  ? 90  TYR A O   1 
ATOM 692  C CB  . TYR A 1 90  ? 0.256   -4.817  14.153  1.00 100.00 ? 90  TYR A CB  1 
ATOM 693  C CG  . TYR A 1 90  ? 0.802   -5.298  15.473  1.00 100.00 ? 90  TYR A CG  1 
ATOM 694  C CD1 . TYR A 1 90  ? 0.288   -4.830  16.613  1.00 100.00 ? 90  TYR A CD1 1 
ATOM 695  C CD2 . TYR A 1 90  ? 1.772   -6.221  15.497  1.00 100.00 ? 90  TYR A CD2 1 
ATOM 696  C CE1 . TYR A 1 90  ? 0.731   -5.295  17.784  1.00 100.00 ? 90  TYR A CE1 1 
ATOM 697  C CE2 . TYR A 1 90  ? 2.226   -6.677  16.668  1.00 100.00 ? 90  TYR A CE2 1 
ATOM 698  C CZ  . TYR A 1 90  ? 1.697   -6.221  17.811  1.00 100.00 ? 90  TYR A CZ  1 
ATOM 699  O OH  . TYR A 1 90  ? 2.126   -6.720  19.010  1.00 100.00 ? 90  TYR A OH  1 
ATOM 700  N N   . ALA A 1 91  ? 2.597   -2.077  14.393  1.00 70.89  ? 91  ALA A N   1 
ATOM 701  C CA  . ALA A 1 91  ? 4.049   -1.935  14.526  1.00 63.37  ? 91  ALA A CA  1 
ATOM 702  C C   . ALA A 1 91  ? 4.755   -1.900  13.172  1.00 47.92  ? 91  ALA A C   1 
ATOM 703  O O   . ALA A 1 91  ? 4.257   -2.349  12.143  1.00 44.41  ? 91  ALA A O   1 
ATOM 704  C CB  . ALA A 1 91  ? 4.641   -2.911  15.549  1.00 82.12  ? 91  ALA A CB  1 
ATOM 705  N N   . THR A 1 92  ? 5.898   -1.266  13.102  1.00 45.18  ? 92  THR A N   1 
ATOM 706  C CA  . THR A 1 92  ? 6.525   -1.139  11.793  1.00 44.53  ? 92  THR A CA  1 
ATOM 707  C C   . THR A 1 92  ? 7.310   -2.413  11.582  1.00 49.66  ? 92  THR A C   1 
ATOM 708  O O   . THR A 1 92  ? 7.698   -3.044  12.564  1.00 53.60  ? 92  THR A O   1 
ATOM 709  C CB  . THR A 1 92  ? 7.526   -0.004  11.903  1.00 43.22  ? 92  THR A CB  1 
ATOM 710  O OG1 . THR A 1 92  ? 8.507   -0.285  12.895  1.00 52.70  ? 92  THR A OG1 1 
ATOM 711  C CG2 . THR A 1 92  ? 6.899   1.376   12.076  1.00 40.36  ? 92  THR A CG2 1 
ATOM 712  N N   . PRO A 1 93  ? 7.622   -2.825  10.363  1.00 50.15  ? 93  PRO A N   1 
ATOM 713  C CA  . PRO A 1 93  ? 7.199   -2.151  9.144   1.00 44.82  ? 93  PRO A CA  1 
ATOM 714  C C   . PRO A 1 93  ? 5.853   -2.633  8.781   1.00 43.54  ? 93  PRO A C   1 
ATOM 715  O O   . PRO A 1 93  ? 5.566   -3.803  9.001   1.00 47.62  ? 93  PRO A O   1 
ATOM 716  C CB  . PRO A 1 93  ? 7.719   -3.144  8.118   1.00 47.86  ? 93  PRO A CB  1 
ATOM 717  C CG  . PRO A 1 93  ? 8.854   -3.945  8.729   1.00 54.95  ? 93  PRO A CG  1 
ATOM 718  C CD  . PRO A 1 93  ? 8.428   -4.022  10.189  1.00 56.27  ? 93  PRO A CD  1 
ATOM 719  N N   . TYR A 1 94  ? 5.120   -1.849  8.055   1.00 39.24  ? 94  TYR A N   1 
ATOM 720  C CA  . TYR A 1 94  ? 3.824   -2.319  7.641   1.00 40.50  ? 94  TYR A CA  1 
ATOM 721  C C   . TYR A 1 94  ? 4.100   -3.045  6.336   1.00 41.78  ? 94  TYR A C   1 
ATOM 722  O O   . TYR A 1 94  ? 4.858   -2.570  5.489   1.00 38.76  ? 94  TYR A O   1 
ATOM 723  C CB  . TYR A 1 94  ? 2.949   -1.073  7.557   1.00 36.80  ? 94  TYR A CB  1 
ATOM 724  C CG  . TYR A 1 94  ? 3.155   -0.196  8.779   1.00 35.41  ? 94  TYR A CG  1 
ATOM 725  C CD1 . TYR A 1 94  ? 2.790   -0.566  10.013  1.00 38.19  ? 94  TYR A CD1 1 
ATOM 726  C CD2 . TYR A 1 94  ? 3.742   0.986   8.618   1.00 30.82  ? 94  TYR A CD2 1 
ATOM 727  C CE1 . TYR A 1 94  ? 3.002   0.267   11.044  1.00 37.31  ? 94  TYR A CE1 1 
ATOM 728  C CE2 . TYR A 1 94  ? 3.931   1.833   9.631   1.00 29.95  ? 94  TYR A CE2 1 
ATOM 729  C CZ  . TYR A 1 94  ? 3.553   1.474   10.850  1.00 33.82  ? 94  TYR A CZ  1 
ATOM 730  O OH  . TYR A 1 94  ? 3.768   2.336   11.891  1.00 34.35  ? 94  TYR A OH  1 
ATOM 731  N N   . THR A 1 95  ? 3.585   -4.247  6.225   1.00 46.11  ? 95  THR A N   1 
ATOM 732  C CA  . THR A 1 95  ? 3.862   -5.076  5.061   1.00 48.47  ? 95  THR A CA  1 
ATOM 733  C C   . THR A 1 95  ? 2.463   -5.499  4.616   1.00 51.15  ? 95  THR A C   1 
ATOM 734  O O   . THR A 1 95  ? 1.549   -5.510  5.422   1.00 52.38  ? 95  THR A O   1 
ATOM 735  C CB  . THR A 1 95  ? 4.746   -6.272  5.457   1.00 53.40  ? 95  THR A CB  1 
ATOM 736  O OG1 . THR A 1 95  ? 5.931   -5.901  6.160   1.00 53.28  ? 95  THR A OG1 1 
ATOM 737  C CG2 . THR A 1 95  ? 5.025   -7.323  4.380   1.00 57.48  ? 95  THR A CG2 1 
ATOM 738  N N   . PHE A 1 96  ? 2.411   -5.775  3.290   1.00 52.49  ? 96  PHE A N   1 
ATOM 739  C CA  . PHE A 1 96  ? 1.186   -5.940  2.520   1.00 55.35  ? 96  PHE A CA  1 
ATOM 740  C C   . PHE A 1 96  ? 1.138   -7.423  2.132   1.00 60.91  ? 96  PHE A C   1 
ATOM 741  O O   . PHE A 1 96  ? 2.135   -8.134  2.131   1.00 62.25  ? 96  PHE A O   1 
ATOM 742  C CB  . PHE A 1 96  ? 1.436   -5.167  1.203   1.00 53.07  ? 96  PHE A CB  1 
ATOM 743  C CG  . PHE A 1 96  ? 1.070   -3.686  1.227   1.00 48.54  ? 96  PHE A CG  1 
ATOM 744  C CD1 . PHE A 1 96  ? -0.207  -3.312  1.035   1.00 51.46  ? 96  PHE A CD1 1 
ATOM 745  C CD2 . PHE A 1 96  ? 2.012   -2.739  1.366   1.00 42.27  ? 96  PHE A CD2 1 
ATOM 746  C CE1 . PHE A 1 96  ? -0.537  -2.010  0.992   1.00 48.87  ? 96  PHE A CE1 1 
ATOM 747  C CE2 . PHE A 1 96  ? 1.683   -1.436  1.321   1.00 38.90  ? 96  PHE A CE2 1 
ATOM 748  C CZ  . PHE A 1 96  ? 0.409   -1.069  1.128   1.00 42.33  ? 96  PHE A CZ  1 
ATOM 749  N N   . GLY A 1 97  ? -0.069  -7.871  1.806   1.00 64.82  ? 97  GLY A N   1 
ATOM 750  C CA  . GLY A 1 97  ? -0.230  -9.260  1.392   1.00 69.91  ? 97  GLY A CA  1 
ATOM 751  C C   . GLY A 1 97  ? 0.057   -9.295  -0.098  1.00 70.99  ? 97  GLY A C   1 
ATOM 752  O O   . GLY A 1 97  ? -0.015  -8.269  -0.749  1.00 68.39  ? 97  GLY A O   1 
ATOM 753  N N   . GLY A 1 98  ? 0.322   -10.499 -0.627  1.00 75.42  ? 98  GLY A N   1 
ATOM 754  C CA  . GLY A 1 98  ? 0.720   -10.611 -2.033  1.00 76.96  ? 98  GLY A CA  1 
ATOM 755  C C   . GLY A 1 98  ? -0.367  -10.278 -3.057  1.00 77.96  ? 98  GLY A C   1 
ATOM 756  O O   . GLY A 1 98  ? -0.062  -10.077 -4.222  1.00 79.12  ? 98  GLY A O   1 
ATOM 757  N N   . GLY A 1 99  ? -1.626  -10.222 -2.623  1.00 78.67  ? 99  GLY A N   1 
ATOM 758  C CA  . GLY A 1 99  ? -2.684  -9.826  -3.561  1.00 79.86  ? 99  GLY A CA  1 
ATOM 759  C C   . GLY A 1 99  ? -3.555  -11.002 -4.026  1.00 83.54  ? 99  GLY A C   1 
ATOM 760  O O   . GLY A 1 99  ? -3.078  -12.114 -4.175  1.00 85.71  ? 99  GLY A O   1 
ATOM 761  N N   . THR A 1 100 ? -4.843  -10.670 -4.265  1.00 83.97  ? 100 THR A N   1 
ATOM 762  C CA  . THR A 1 100 ? -5.828  -11.654 -4.740  1.00 85.97  ? 100 THR A CA  1 
ATOM 763  C C   . THR A 1 100 ? -6.557  -10.970 -5.907  1.00 86.45  ? 100 THR A C   1 
ATOM 764  O O   . THR A 1 100 ? -7.260  -9.985  -5.710  1.00 85.48  ? 100 THR A O   1 
ATOM 765  C CB  . THR A 1 100 ? -6.879  -11.940 -3.641  1.00 85.29  ? 100 THR A CB  1 
ATOM 766  O OG1 . THR A 1 100 ? -6.323  -12.500 -2.448  1.00 84.82  ? 100 THR A OG1 1 
ATOM 767  C CG2 . THR A 1 100 ? -8.010  -12.819 -4.173  1.00 86.42  ? 100 THR A CG2 1 
ATOM 768  N N   . LYS A 1 101 ? -6.377  -11.463 -7.129  1.00 88.70  ? 101 LYS A N   1 
ATOM 769  C CA  . LYS A 1 101 ? -7.060  -10.841 -8.266  1.00 89.44  ? 101 LYS A CA  1 
ATOM 770  C C   . LYS A 1 101 ? -8.481  -11.379 -8.409  1.00 89.30  ? 101 LYS A C   1 
ATOM 771  O O   . LYS A 1 101 ? -8.699  -12.570 -8.569  1.00 90.38  ? 101 LYS A O   1 
ATOM 772  C CB  . LYS A 1 101 ? -6.254  -11.129 -9.536  1.00 91.88  ? 101 LYS A CB  1 
ATOM 773  C CG  . LYS A 1 101 ? -6.913  -10.721 -10.854 1.00 93.35  ? 101 LYS A CG  1 
ATOM 774  C CD  . LYS A 1 101 ? -6.074  -11.177 -12.047 1.00 95.67  ? 101 LYS A CD  1 
ATOM 775  C CE  . LYS A 1 101 ? -6.602  -10.734 -13.415 1.00 96.17  ? 101 LYS A CE  1 
ATOM 776  N NZ  . LYS A 1 101 ? -7.983  -11.155 -13.706 1.00 94.96  ? 101 LYS A NZ  1 
ATOM 777  N N   . LEU A 1 102 ? -9.438  -10.454 -8.371  1.00 88.66  ? 102 LEU A N   1 
ATOM 778  C CA  . LEU A 1 102 ? -10.838 -10.833 -8.536  1.00 88.16  ? 102 LEU A CA  1 
ATOM 779  C C   . LEU A 1 102 ? -11.212 -10.589 -9.989  1.00 89.22  ? 102 LEU A C   1 
ATOM 780  O O   . LEU A 1 102 ? -11.120 -9.479  -10.491 1.00 89.60  ? 102 LEU A O   1 
ATOM 781  C CB  . LEU A 1 102 ? -11.660 -9.940  -7.601  1.00 86.58  ? 102 LEU A CB  1 
ATOM 782  C CG  . LEU A 1 102 ? -13.181 -9.868  -7.765  1.00 85.48  ? 102 LEU A CG  1 
ATOM 783  C CD1 . LEU A 1 102 ? -13.806 -11.139 -8.331  1.00 85.36  ? 102 LEU A CD1 1 
ATOM 784  C CD2 . LEU A 1 102 ? -13.779 -9.615  -6.384  1.00 84.19  ? 102 LEU A CD2 1 
ATOM 785  N N   . GLU A 1 103 ? -11.671 -11.660 -10.637 1.00 91.73  ? 103 GLU A N   1 
ATOM 786  C CA  . GLU A 1 103 ? -12.105 -11.511 -12.016 1.00 95.04  ? 103 GLU A CA  1 
ATOM 787  C C   . GLU A 1 103 ? -13.581 -11.880 -12.090 1.00 99.15  ? 103 GLU A C   1 
ATOM 788  O O   . GLU A 1 103 ? -14.037 -12.812 -11.451 1.00 99.26  ? 103 GLU A O   1 
ATOM 789  C CB  . GLU A 1 103 ? -11.305 -12.453 -12.909 1.00 96.65  ? 103 GLU A CB  1 
ATOM 790  C CG  . GLU A 1 103 ? -11.560 -13.926 -12.611 1.00 97.42  ? 103 GLU A CG  1 
ATOM 791  C CD  . GLU A 1 103 ? -10.853 -14.794 -13.626 1.00 98.46  ? 103 GLU A CD  1 
ATOM 792  O OE1 . GLU A 1 103 ? -11.332 -14.878 -14.778 1.00 99.11  ? 103 GLU A OE1 1 
ATOM 793  O OE2 . GLU A 1 103 ? -9.817  -15.398 -13.276 1.00 96.85  ? 103 GLU A OE2 1 
ATOM 794  N N   . ILE A 1 104 ? -14.293 -11.095 -12.900 1.00 99.83  ? 104 ILE A N   1 
ATOM 795  C CA  . ILE A 1 104 ? -15.731 -11.317 -13.040 1.00 95.83  ? 104 ILE A CA  1 
ATOM 796  C C   . ILE A 1 104 ? -16.006 -12.423 -14.056 1.00 99.47  ? 104 ILE A C   1 
ATOM 797  O O   . ILE A 1 104 ? -15.570 -12.369 -15.198 1.00 100.00 ? 104 ILE A O   1 
ATOM 798  C CB  . ILE A 1 104 ? -16.376 -10.006 -13.493 1.00 95.76  ? 104 ILE A CB  1 
ATOM 799  C CG1 . ILE A 1 104 ? -16.075 -8.859  -12.529 1.00 94.26  ? 104 ILE A CG1 1 
ATOM 800  C CG2 . ILE A 1 104 ? -17.886 -10.176 -13.650 1.00 93.83  ? 104 ILE A CG2 1 
ATOM 801  C CD1 . ILE A 1 104 ? -17.013 -8.846  -11.322 1.00 86.19  ? 104 ILE A CD1 1 
ATOM 802  N N   . LYS A 1 105 ? -16.736 -13.432 -13.600 1.00 98.74  ? 105 LYS A N   1 
ATOM 803  C CA  . LYS A 1 105 ? -17.124 -14.539 -14.463 1.00 100.00 ? 105 LYS A CA  1 
ATOM 804  C C   . LYS A 1 105 ? -18.300 -14.029 -15.281 1.00 100.00 ? 105 LYS A C   1 
ATOM 805  O O   . LYS A 1 105 ? -19.248 -13.489 -14.735 1.00 100.00 ? 105 LYS A O   1 
ATOM 806  C CB  . LYS A 1 105 ? -17.562 -15.684 -13.542 1.00 100.00 ? 105 LYS A CB  1 
ATOM 807  C CG  . LYS A 1 105 ? -17.487 -17.080 -14.157 1.00 100.00 ? 105 LYS A CG  1 
ATOM 808  C CD  . LYS A 1 105 ? -17.017 -18.084 -13.104 1.00 100.00 ? 105 LYS A CD  1 
ATOM 809  C CE  . LYS A 1 105 ? -17.862 -18.064 -11.834 1.00 95.23  ? 105 LYS A CE  1 
ATOM 810  N NZ  . LYS A 1 105 ? -19.242 -18.470 -12.109 1.00 92.10  ? 105 LYS A NZ  1 
ATOM 811  N N   . ARG A 1 106 ? -18.181 -14.188 -16.597 1.00 100.00 ? 106 ARG A N   1 
ATOM 812  C CA  . ARG A 1 106 ? -19.196 -13.627 -17.489 1.00 100.00 ? 106 ARG A CA  1 
ATOM 813  C C   . ARG A 1 106 ? -19.578 -14.731 -18.482 1.00 100.00 ? 106 ARG A C   1 
ATOM 814  O O   . ARG A 1 106 ? -19.046 -15.823 -18.406 1.00 100.00 ? 106 ARG A O   1 
ATOM 815  C CB  . ARG A 1 106 ? -18.511 -12.450 -18.180 1.00 100.00 ? 106 ARG A CB  1 
ATOM 816  C CG  . ARG A 1 106 ? -19.258 -11.801 -19.342 1.00 100.00 ? 106 ARG A CG  1 
ATOM 817  C CD  . ARG A 1 106 ? -18.290 -11.158 -20.325 1.00 100.00 ? 106 ARG A CD  1 
ATOM 818  N NE  . ARG A 1 106 ? -18.662 -11.528 -21.700 1.00 100.00 ? 106 ARG A NE  1 
ATOM 819  C CZ  . ARG A 1 106 ? -19.418 -10.711 -22.423 1.00 100.00 ? 106 ARG A CZ  1 
ATOM 820  N NH1 . ARG A 1 106 ? -19.847 -9.576  -21.986 1.00 100.00 ? 106 ARG A NH1 1 
ATOM 821  N NH2 . ARG A 1 106 ? -19.730 -11.079 -23.646 1.00 100.00 ? 106 ARG A NH2 1 
ATOM 822  N N   . ALA A 1 107 ? -20.550 -14.451 -19.355 1.00 100.00 ? 107 ALA A N   1 
ATOM 823  C CA  . ALA A 1 107 ? -20.873 -15.446 -20.362 1.00 100.00 ? 107 ALA A CA  1 
ATOM 824  C C   . ALA A 1 107 ? -19.838 -15.460 -21.475 1.00 100.00 ? 107 ALA A C   1 
ATOM 825  O O   . ALA A 1 107 ? -19.282 -14.375 -21.787 1.00 100.00 ? 107 ALA A O   1 
ATOM 826  C CB  . ALA A 1 107 ? -22.329 -15.269 -20.793 1.00 100.00 ? 107 ALA A CB  1 
ATOM 827  O OXT . ALA A 1 107 ? -19.530 -16.536 -21.999 1.00 100.00 ? 107 ALA A OXT 1 
ATOM 828  N N   . SER B 2 1   ? 7.200   12.810  -8.647  1.00 49.12  ? 108 SER B N   1 
ATOM 829  C CA  . SER B 2 1   ? 8.149   13.044  -9.736  1.00 55.11  ? 108 SER B CA  1 
ATOM 830  C C   . SER B 2 1   ? 9.586   12.694  -9.309  1.00 53.96  ? 108 SER B C   1 
ATOM 831  O O   . SER B 2 1   ? 9.845   12.315  -8.198  1.00 49.04  ? 108 SER B O   1 
ATOM 832  C CB  . SER B 2 1   ? 8.060   14.506  -10.154 1.00 60.35  ? 108 SER B CB  1 
ATOM 833  O OG  . SER B 2 1   ? 8.341   15.399  -9.073  1.00 59.19  ? 108 SER B OG  1 
ATOM 834  N N   . GLY B 2 2   ? 10.490  12.817  -10.301 1.00 59.93  ? 109 GLY B N   1 
ATOM 835  C CA  . GLY B 2 2   ? 11.900  12.463  -10.054 1.00 60.68  ? 109 GLY B CA  1 
ATOM 836  C C   . GLY B 2 2   ? 12.265  11.077  -10.607 1.00 60.61  ? 109 GLY B C   1 
ATOM 837  O O   . GLY B 2 2   ? 13.346  10.563  -10.410 1.00 60.76  ? 109 GLY B O   1 
ATOM 838  N N   . THR B 2 3   ? 11.307  10.461  -11.305 1.00 61.07  ? 110 THR B N   1 
ATOM 839  C CA  . THR B 2 3   ? 11.590  9.085   -11.735 1.00 61.72  ? 110 THR B CA  1 
ATOM 840  C C   . THR B 2 3   ? 12.353  8.997   -13.004 1.00 67.19  ? 110 THR B C   1 
ATOM 841  O O   . THR B 2 3   ? 12.966  10.007  -13.263 1.00 69.44  ? 110 THR B O   1 
ATOM 842  C CB  . THR B 2 3   ? 10.383  8.214   -11.775 1.00 60.15  ? 110 THR B CB  1 
ATOM 843  O OG1 . THR B 2 3   ? 9.377   8.720   -12.647 1.00 63.41  ? 110 THR B OG1 1 
ATOM 844  C CG2 . THR B 2 3   ? 10.032  7.891   -10.333 1.00 53.61  ? 110 THR B CG2 1 
ATOM 845  N N   . VAL B 2 4   ? 12.297  7.815   -13.667 1.00 68.74  ? 111 VAL B N   1 
ATOM 846  C CA  . VAL B 2 4   ? 13.023  7.586   -14.915 1.00 73.00  ? 111 VAL B CA  1 
ATOM 847  C C   . VAL B 2 4   ? 13.989  6.430   -14.962 1.00 73.95  ? 111 VAL B C   1 
ATOM 848  O O   . VAL B 2 4   ? 13.962  5.549   -14.055 1.00 71.51  ? 111 VAL B O   1 
ATOM 849  C CB  . VAL B 2 4   ? 13.537  8.828   -15.618 1.00 75.99  ? 111 VAL B CB  1 
ATOM 850  C CG1 . VAL B 2 4   ? 14.851  9.356   -15.028 1.00 76.05  ? 111 VAL B CG1 1 
ATOM 851  C CG2 . VAL B 2 4   ? 13.630  8.624   -17.120 1.00 79.94  ? 111 VAL B CG2 1 
ATOM 852  N N   . LEU B 2 5   ? 14.807  6.322   -15.971 1.00 77.67  ? 112 LEU B N   1 
ATOM 853  C CA  . LEU B 2 5   ? 15.692  5.251   -16.231 1.00 79.37  ? 112 LEU B CA  1 
ATOM 854  C C   . LEU B 2 5   ? 16.994  5.629   -15.548 1.00 79.01  ? 112 LEU B C   1 
ATOM 855  O O   . LEU B 2 5   ? 17.441  6.771   -15.638 1.00 79.56  ? 112 LEU B O   1 
ATOM 856  C CB  . LEU B 2 5   ? 15.798  5.192   -17.757 1.00 83.19  ? 112 LEU B CB  1 
ATOM 857  C CG  . LEU B 2 5   ? 16.617  4.083   -18.408 1.00 86.15  ? 112 LEU B CG  1 
ATOM 858  C CD1 . LEU B 2 5   ? 16.634  2.820   -17.552 1.00 89.15  ? 112 LEU B CD1 1 
ATOM 859  C CD2 . LEU B 2 5   ? 16.030  3.807   -19.793 1.00 93.17  ? 112 LEU B CD2 1 
ATOM 860  N N   . ALA B 2 6   ? 17.565  4.659   -14.859 1.00 78.29  ? 113 ALA B N   1 
ATOM 861  C CA  . ALA B 2 6   ? 18.869  4.885   -14.268 1.00 78.75  ? 113 ALA B CA  1 
ATOM 862  C C   . ALA B 2 6   ? 19.685  3.602   -14.298 1.00 80.82  ? 113 ALA B C   1 
ATOM 863  O O   . ALA B 2 6   ? 19.158  2.505   -14.262 1.00 80.87  ? 113 ALA B O   1 
ATOM 864  C CB  . ALA B 2 6   ? 18.730  5.533   -12.895 1.00 75.60  ? 113 ALA B CB  1 
ATOM 865  N N   . ARG B 2 7   ? 20.990  3.762   -14.407 1.00 82.40  ? 114 ARG B N   1 
ATOM 866  C CA  . ARG B 2 7   ? 21.845  2.581   -14.542 1.00 84.01  ? 114 ARG B CA  1 
ATOM 867  C C   . ARG B 2 7   ? 22.138  2.092   -13.140 1.00 84.42  ? 114 ARG B C   1 
ATOM 868  O O   . ARG B 2 7   ? 22.213  2.923   -12.227 1.00 83.69  ? 114 ARG B O   1 
ATOM 869  C CB  . ARG B 2 7   ? 23.157  2.955   -15.251 1.00 85.28  ? 114 ARG B CB  1 
ATOM 870  C CG  . ARG B 2 7   ? 23.870  4.212   -14.740 1.00 85.62  ? 114 ARG B CG  1 
ATOM 871  C CD  . ARG B 2 7   ? 23.215  5.512   -15.237 1.00 85.02  ? 114 ARG B CD  1 
ATOM 872  N NE  . ARG B 2 7   ? 23.101  6.445   -14.113 1.00 84.08  ? 114 ARG B NE  1 
ATOM 873  C CZ  . ARG B 2 7   ? 22.378  7.553   -14.254 1.00 83.46  ? 114 ARG B CZ  1 
ATOM 874  N NH1 . ARG B 2 7   ? 21.867  7.920   -15.384 1.00 84.29  ? 114 ARG B NH1 1 
ATOM 875  N NH2 . ARG B 2 7   ? 22.198  8.315   -13.204 1.00 82.31  ? 114 ARG B NH2 1 
ATOM 876  N N   . PRO B 2 8   ? 22.283  0.787   -12.938 1.00 85.70  ? 115 PRO B N   1 
ATOM 877  C CA  . PRO B 2 8   ? 22.534  0.195   -11.631 1.00 87.34  ? 115 PRO B CA  1 
ATOM 878  C C   . PRO B 2 8   ? 23.682  0.891   -10.908 1.00 88.39  ? 115 PRO B C   1 
ATOM 879  O O   . PRO B 2 8   ? 24.757  1.051   -11.455 1.00 89.23  ? 115 PRO B O   1 
ATOM 880  C CB  . PRO B 2 8   ? 22.940  -1.241  -11.981 1.00 89.18  ? 115 PRO B CB  1 
ATOM 881  C CG  . PRO B 2 8   ? 22.240  -1.505  -13.314 1.00 87.81  ? 115 PRO B CG  1 
ATOM 882  C CD  . PRO B 2 8   ? 22.338  -0.165  -14.052 1.00 86.08  ? 115 PRO B CD  1 
ATOM 883  N N   . GLY B 2 9   ? 23.353  1.349   -9.690  1.00 87.89  ? 116 GLY B N   1 
ATOM 884  C CA  . GLY B 2 9   ? 24.330  1.993   -8.826  1.00 89.36  ? 116 GLY B CA  1 
ATOM 885  C C   . GLY B 2 9   ? 24.033  3.477   -8.815  1.00 86.47  ? 116 GLY B C   1 
ATOM 886  O O   . GLY B 2 9   ? 24.549  4.236   -8.007  1.00 86.25  ? 116 GLY B O   1 
ATOM 887  N N   . ALA B 2 10  ? 23.175  3.902   -9.721  1.00 84.00  ? 117 ALA B N   1 
ATOM 888  C CA  . ALA B 2 10  ? 22.940  5.335   -9.752  1.00 81.87  ? 117 ALA B CA  1 
ATOM 889  C C   . ALA B 2 10  ? 22.159  5.834   -8.553  1.00 77.69  ? 117 ALA B C   1 
ATOM 890  O O   . ALA B 2 10  ? 21.894  5.079   -7.619  1.00 76.59  ? 117 ALA B O   1 
ATOM 891  C CB  . ALA B 2 10  ? 22.378  5.799   -11.076 1.00 80.85  ? 117 ALA B CB  1 
ATOM 892  N N   . SER B 2 11  ? 21.859  7.128   -8.555  1.00 75.25  ? 118 SER B N   1 
ATOM 893  C CA  . SER B 2 11  ? 21.148  7.698   -7.416  1.00 70.50  ? 118 SER B CA  1 
ATOM 894  C C   . SER B 2 11  ? 19.980  8.484   -8.000  1.00 68.27  ? 118 SER B C   1 
ATOM 895  O O   . SER B 2 11  ? 19.950  8.756   -9.189  1.00 70.87  ? 118 SER B O   1 
ATOM 896  C CB  . SER B 2 11  ? 22.066  8.598   -6.576  1.00 72.10  ? 118 SER B CB  1 
ATOM 897  O OG  . SER B 2 11  ? 22.562  9.751   -7.265  1.00 75.65  ? 118 SER B OG  1 
ATOM 898  N N   . VAL B 2 12  ? 19.023  8.829   -7.137  1.00 63.09  ? 119 VAL B N   1 
ATOM 899  C CA  . VAL B 2 12  ? 17.807  9.452   -7.655  1.00 60.51  ? 119 VAL B CA  1 
ATOM 900  C C   . VAL B 2 12  ? 17.058  10.035  -6.454  1.00 55.16  ? 119 VAL B C   1 
ATOM 901  O O   . VAL B 2 12  ? 17.133  9.508   -5.363  1.00 50.87  ? 119 VAL B O   1 
ATOM 902  C CB  . VAL B 2 12  ? 16.974  8.367   -8.332  1.00 59.75  ? 119 VAL B CB  1 
ATOM 903  C CG1 . VAL B 2 12  ? 16.143  7.556   -7.357  1.00 54.20  ? 119 VAL B CG1 1 
ATOM 904  C CG2 . VAL B 2 12  ? 16.097  8.877   -9.468  1.00 61.09  ? 119 VAL B CG2 1 
ATOM 905  N N   . LYS B 2 13  ? 16.342  11.138  -6.671  1.00 55.95  ? 120 LYS B N   1 
ATOM 906  C CA  . LYS B 2 13  ? 15.574  11.716  -5.573  1.00 50.83  ? 120 LYS B CA  1 
ATOM 907  C C   . LYS B 2 13  ? 14.154  11.906  -6.089  1.00 48.96  ? 120 LYS B C   1 
ATOM 908  O O   . LYS B 2 13  ? 13.925  12.566  -7.091  1.00 54.44  ? 120 LYS B O   1 
ATOM 909  C CB  . LYS B 2 13  ? 16.205  13.052  -5.179  1.00 55.39  ? 120 LYS B CB  1 
ATOM 910  C CG  . LYS B 2 13  ? 15.539  13.777  -4.015  1.00 52.33  ? 120 LYS B CG  1 
ATOM 911  C CD  . LYS B 2 13  ? 16.442  14.905  -3.509  1.00 58.35  ? 120 LYS B CD  1 
ATOM 912  C CE  . LYS B 2 13  ? 15.842  15.625  -2.305  1.00 56.27  ? 120 LYS B CE  1 
ATOM 913  N NZ  . LYS B 2 13  ? 16.596  16.816  -1.908  1.00 63.95  ? 120 LYS B NZ  1 
ATOM 914  N N   . MET B 2 14  ? 13.209  11.274  -5.406  1.00 41.84  ? 121 MET B N   1 
ATOM 915  C CA  . MET B 2 14  ? 11.823  11.395  -5.832  1.00 40.51  ? 121 MET B CA  1 
ATOM 916  C C   . MET B 2 14  ? 11.192  12.458  -4.958  1.00 38.41  ? 121 MET B C   1 
ATOM 917  O O   . MET B 2 14  ? 11.660  12.736  -3.865  1.00 36.38  ? 121 MET B O   1 
ATOM 918  C CB  . MET B 2 14  ? 11.119  10.067  -5.573  1.00 35.30  ? 121 MET B CB  1 
ATOM 919  C CG  . MET B 2 14  ? 11.757  8.914   -6.341  1.00 38.64  ? 121 MET B CG  1 
ATOM 920  S SD  . MET B 2 14  ? 11.147  7.390   -5.614  1.00 32.68  ? 121 MET B SD  1 
ATOM 921  C CE  . MET B 2 14  ? 11.967  6.224   -6.676  1.00 40.38  ? 121 MET B CE  1 
ATOM 922  N N   . SER B 2 15  ? 10.115  13.058  -5.438  1.00 39.59  ? 122 SER B N   1 
ATOM 923  C CA  . SER B 2 15  ? 9.483   14.058  -4.590  1.00 38.59  ? 122 SER B CA  1 
ATOM 924  C C   . SER B 2 15  ? 8.029   13.660  -4.476  1.00 34.41  ? 122 SER B C   1 
ATOM 925  O O   . SER B 2 15  ? 7.594   12.741  -5.158  1.00 33.29  ? 122 SER B O   1 
ATOM 926  C CB  . SER B 2 15  ? 9.625   15.441  -5.220  1.00 47.40  ? 122 SER B CB  1 
ATOM 927  O OG  . SER B 2 15  ? 10.992  15.849  -5.255  1.00 52.49  ? 122 SER B OG  1 
ATOM 928  N N   . CYS B 2 16  ? 7.306   14.425  -3.653  1.00 33.83  ? 123 CYS B N   1 
ATOM 929  C CA  . CYS B 2 16  ? 5.900   14.125  -3.408  1.00 30.29  ? 123 CYS B CA  1 
ATOM 930  C C   . CYS B 2 16  ? 5.280   15.430  -2.878  1.00 33.51  ? 123 CYS B C   1 
ATOM 931  O O   . CYS B 2 16  ? 5.576   15.859  -1.779  1.00 33.27  ? 123 CYS B O   1 
ATOM 932  C CB  . CYS B 2 16  ? 5.850   12.981  -2.390  1.00 22.63  ? 123 CYS B CB  1 
ATOM 933  S SG  . CYS B 2 16  ? 4.165   12.524  -1.982  1.00 21.44  ? 123 CYS B SG  1 
ATOM 934  N N   . LYS B 2 17  ? 4.459   16.060  -3.732  1.00 39.16  ? 124 LYS B N   1 
ATOM 935  C CA  . LYS B 2 17  ? 3.833   17.333  -3.357  1.00 43.61  ? 124 LYS B CA  1 
ATOM 936  C C   . LYS B 2 17  ? 2.423   17.136  -2.783  1.00 41.92  ? 124 LYS B C   1 
ATOM 937  O O   . LYS B 2 17  ? 1.533   16.588  -3.417  1.00 42.37  ? 124 LYS B O   1 
ATOM 938  C CB  . LYS B 2 17  ? 3.904   18.308  -4.541  1.00 50.94  ? 124 LYS B CB  1 
ATOM 939  C CG  . LYS B 2 17  ? 5.353   18.695  -4.841  1.00 54.45  ? 124 LYS B CG  1 
ATOM 940  C CD  . LYS B 2 17  ? 5.438   19.889  -5.789  1.00 62.29  ? 124 LYS B CD  1 
ATOM 941  C CE  . LYS B 2 17  ? 6.867   20.179  -6.245  1.00 66.56  ? 124 LYS B CE  1 
ATOM 942  N NZ  . LYS B 2 17  ? 6.886   21.323  -7.161  1.00 74.29  ? 124 LYS B NZ  1 
ATOM 943  N N   . ALA B 2 18  ? 2.263   17.576  -1.535  1.00 42.44  ? 125 ALA B N   1 
ATOM 944  C CA  . ALA B 2 18  ? 0.979   17.379  -0.866  1.00 42.99  ? 125 ALA B CA  1 
ATOM 945  C C   . ALA B 2 18  ? 0.153   18.653  -0.884  1.00 49.39  ? 125 ALA B C   1 
ATOM 946  O O   . ALA B 2 18  ? 0.699   19.743  -0.873  1.00 52.77  ? 125 ALA B O   1 
ATOM 947  C CB  . ALA B 2 18  ? 1.255   16.972  0.580   1.00 39.63  ? 125 ALA B CB  1 
ATOM 948  N N   . SER B 2 19  ? -1.174  18.479  -0.888  1.00 50.85  ? 126 SER B N   1 
ATOM 949  C CA  . SER B 2 19  ? -2.064  19.636  -0.839  1.00 56.54  ? 126 SER B CA  1 
ATOM 950  C C   . SER B 2 19  ? -3.396  19.016  -0.466  1.00 57.14  ? 126 SER B C   1 
ATOM 951  O O   . SER B 2 19  ? -3.666  17.862  -0.778  1.00 55.21  ? 126 SER B O   1 
ATOM 952  C CB  . SER B 2 19  ? -2.183  20.356  -2.189  1.00 60.74  ? 126 SER B CB  1 
ATOM 953  O OG  . SER B 2 19  ? -2.988  21.540  -2.125  1.00 66.18  ? 126 SER B OG  1 
ATOM 954  N N   . GLY B 2 20  ? -4.199  19.764  0.267   1.00 60.11  ? 127 GLY B N   1 
ATOM 955  C CA  . GLY B 2 20  ? -5.473  19.239  0.717   1.00 61.03  ? 127 GLY B CA  1 
ATOM 956  C C   . GLY B 2 20  ? -5.298  19.443  2.193   1.00 59.07  ? 127 GLY B C   1 
ATOM 957  O O   . GLY B 2 20  ? -6.157  19.957  2.907   1.00 59.91  ? 127 GLY B O   1 
ATOM 958  N N   . TYR B 2 21  ? -4.128  19.066  2.650   1.00 55.71  ? 128 TYR B N   1 
ATOM 959  C CA  . TYR B 2 21  ? -3.872  19.122  4.077   1.00 53.79  ? 128 TYR B CA  1 
ATOM 960  C C   . TYR B 2 21  ? -2.525  19.787  4.233   1.00 54.12  ? 128 TYR B C   1 
ATOM 961  O O   . TYR B 2 21  ? -1.717  19.803  3.302   1.00 53.91  ? 128 TYR B O   1 
ATOM 962  C CB  . TYR B 2 21  ? -3.850  17.708  4.666   1.00 50.11  ? 128 TYR B CB  1 
ATOM 963  C CG  . TYR B 2 21  ? -5.244  17.159  4.902   1.00 51.17  ? 128 TYR B CG  1 
ATOM 964  C CD1 . TYR B 2 21  ? -5.913  17.525  6.005   1.00 55.57  ? 128 TYR B CD1 1 
ATOM 965  C CD2 . TYR B 2 21  ? -5.810  16.308  4.034   1.00 52.51  ? 128 TYR B CD2 1 
ATOM 966  C CE1 . TYR B 2 21  ? -7.149  17.056  6.230   1.00 59.58  ? 128 TYR B CE1 1 
ATOM 967  C CE2 . TYR B 2 21  ? -7.048  15.841  4.258   1.00 54.69  ? 128 TYR B CE2 1 
ATOM 968  C CZ  . TYR B 2 21  ? -7.721  16.217  5.355   1.00 53.66  ? 128 TYR B CZ  1 
ATOM 969  O OH  . TYR B 2 21  ? -8.994  15.749  5.568   1.00 55.21  ? 128 TYR B OH  1 
ATOM 970  N N   . THR B 2 22  ? -2.301  20.332  5.414   1.00 57.08  ? 129 THR B N   1 
ATOM 971  C CA  . THR B 2 22  ? -1.079  21.094  5.640   1.00 57.91  ? 129 THR B CA  1 
ATOM 972  C C   . THR B 2 22  ? -0.033  20.111  6.127   1.00 59.00  ? 129 THR B C   1 
ATOM 973  O O   . THR B 2 22  ? 1.168   20.331  5.966   1.00 54.88  ? 129 THR B O   1 
ATOM 974  C CB  . THR B 2 22  ? -1.342  22.233  6.637   1.00 59.06  ? 129 THR B CB  1 
ATOM 975  O OG1 . THR B 2 22  ? -2.321  23.155  6.160   1.00 62.13  ? 129 THR B OG1 1 
ATOM 976  C CG2 . THR B 2 22  ? -0.089  22.948  7.148   1.00 61.93  ? 129 THR B CG2 1 
ATOM 977  N N   . PHE B 2 23  ? -0.458  19.004  6.704   1.00 68.39  ? 130 PHE B N   1 
ATOM 978  C CA  . PHE B 2 23  ? 0.531   18.029  7.139   1.00 55.22  ? 130 PHE B CA  1 
ATOM 979  C C   . PHE B 2 23  ? -0.204  16.729  7.385   1.00 47.08  ? 130 PHE B C   1 
ATOM 980  O O   . PHE B 2 23  ? -1.368  16.732  7.796   1.00 53.96  ? 130 PHE B O   1 
ATOM 981  C CB  . PHE B 2 23  ? 1.237   18.535  8.405   1.00 58.57  ? 130 PHE B CB  1 
ATOM 982  C CG  . PHE B 2 23  ? 2.439   17.706  8.803   1.00 44.51  ? 130 PHE B CG  1 
ATOM 983  C CD1 . PHE B 2 23  ? 3.419   17.454  7.923   1.00 40.98  ? 130 PHE B CD1 1 
ATOM 984  C CD2 . PHE B 2 23  ? 2.519   17.223  10.051  1.00 47.90  ? 130 PHE B CD2 1 
ATOM 985  C CE1 . PHE B 2 23  ? 4.470   16.707  8.289   1.00 38.16  ? 130 PHE B CE1 1 
ATOM 986  C CE2 . PHE B 2 23  ? 3.573   16.479  10.416  1.00 53.27  ? 130 PHE B CE2 1 
ATOM 987  C CZ  . PHE B 2 23  ? 4.546   16.219  9.535   1.00 42.42  ? 130 PHE B CZ  1 
ATOM 988  N N   . THR B 2 24  ? 0.453   15.622  7.108   1.00 40.70  ? 131 THR B N   1 
ATOM 989  C CA  . THR B 2 24  ? -0.109  14.331  7.458   1.00 45.79  ? 131 THR B CA  1 
ATOM 990  C C   . THR B 2 24  ? 0.729   13.852  8.617   1.00 75.55  ? 131 THR B C   1 
ATOM 991  O O   . THR B 2 24  ? 1.804   14.404  8.845   1.00 63.68  ? 131 THR B O   1 
ATOM 992  C CB  . THR B 2 24  ? 0.140   13.408  6.275   1.00 30.71  ? 131 THR B CB  1 
ATOM 993  O OG1 . THR B 2 24  ? 1.521   13.119  6.085   1.00 26.00  ? 131 THR B OG1 1 
ATOM 994  C CG2 . THR B 2 24  ? -0.514  13.992  5.026   1.00 33.68  ? 131 THR B CG2 1 
ATOM 995  N N   . TYR B 2 25  ? 0.269   12.841  9.332   1.00 65.43  ? 132 TYR B N   1 
ATOM 996  C CA  . TYR B 2 25  ? 0.980   12.440  10.542  1.00 71.09  ? 132 TYR B CA  1 
ATOM 997  C C   . TYR B 2 25  ? 2.104   11.529  10.102  1.00 38.36  ? 132 TYR B C   1 
ATOM 998  O O   . TYR B 2 25  ? 3.187   11.527  10.685  1.00 37.27  ? 132 TYR B O   1 
ATOM 999  C CB  . TYR B 2 25  ? 0.034   11.759  11.548  1.00 75.83  ? 132 TYR B CB  1 
ATOM 1000 C CG  . TYR B 2 25  ? 0.659   11.451  12.901  1.00 100.00 ? 132 TYR B CG  1 
ATOM 1001 C CD1 . TYR B 2 25  ? 1.242   12.419  13.625  1.00 100.00 ? 132 TYR B CD1 1 
ATOM 1002 C CD2 . TYR B 2 25  ? 0.587   10.214  13.409  1.00 90.27  ? 132 TYR B CD2 1 
ATOM 1003 C CE1 . TYR B 2 25  ? 1.773   12.138  14.824  1.00 100.00 ? 132 TYR B CE1 1 
ATOM 1004 C CE2 . TYR B 2 25  ? 1.127   9.927   14.602  1.00 88.81  ? 132 TYR B CE2 1 
ATOM 1005 C CZ  . TYR B 2 25  ? 1.734   10.889  15.308  1.00 95.78  ? 132 TYR B CZ  1 
ATOM 1006 O OH  . TYR B 2 25  ? 2.326   10.608  16.516  1.00 100.00 ? 132 TYR B OH  1 
ATOM 1007 N N   . TRP B 2 26  ? 1.889   10.754  9.063   1.00 24.53  ? 133 TRP B N   1 
ATOM 1008 C CA  . TRP B 2 26  ? 2.982   9.900   8.611   1.00 20.59  ? 133 TRP B CA  1 
ATOM 1009 C C   . TRP B 2 26  ? 2.933   9.876   7.108   1.00 17.37  ? 133 TRP B C   1 
ATOM 1010 O O   . TRP B 2 26  ? 1.879   9.657   6.520   1.00 18.62  ? 133 TRP B O   1 
ATOM 1011 C CB  . TRP B 2 26  ? 2.837   8.474   9.150   1.00 20.16  ? 133 TRP B CB  1 
ATOM 1012 C CG  . TRP B 2 26  ? 3.537   8.285   10.476  1.00 22.63  ? 133 TRP B CG  1 
ATOM 1013 C CD1 . TRP B 2 26  ? 2.970   8.365   11.747  1.00 32.16  ? 133 TRP B CD1 1 
ATOM 1014 C CD2 . TRP B 2 26  ? 4.857   7.983   10.664  1.00 23.62  ? 133 TRP B CD2 1 
ATOM 1015 N NE1 . TRP B 2 26  ? 3.951   8.128   12.719  1.00 52.84  ? 133 TRP B NE1 1 
ATOM 1016 C CE2 . TRP B 2 26  ? 5.099   7.896   11.989  1.00 42.81  ? 133 TRP B CE2 1 
ATOM 1017 C CE3 . TRP B 2 26  ? 5.799   7.755   9.765   1.00 18.49  ? 133 TRP B CE3 1 
ATOM 1018 C CZ2 . TRP B 2 26  ? 6.307   7.599   12.457  1.00 39.11  ? 133 TRP B CZ2 1 
ATOM 1019 C CZ3 . TRP B 2 26  ? 7.017   7.441   10.236  1.00 20.61  ? 133 TRP B CZ3 1 
ATOM 1020 C CH2 . TRP B 2 26  ? 7.277   7.374   11.556  1.00 33.86  ? 133 TRP B CH2 1 
ATOM 1021 N N   . MET B 2 27  ? 4.040   10.113  6.453   1.00 14.26  ? 134 MET B N   1 
ATOM 1022 C CA  . MET B 2 27  ? 4.056   9.929   5.015   1.00 11.54  ? 134 MET B CA  1 
ATOM 1023 C C   . MET B 2 27  ? 4.940   8.745   4.752   1.00 7.36   ? 134 MET B C   1 
ATOM 1024 O O   . MET B 2 27  ? 5.951   8.514   5.420   1.00 7.08   ? 134 MET B O   1 
ATOM 1025 C CB  . MET B 2 27  ? 4.635   11.137  4.290   1.00 11.54  ? 134 MET B CB  1 
ATOM 1026 C CG  . MET B 2 27  ? 3.697   12.334  4.210   1.00 16.76  ? 134 MET B CG  1 
ATOM 1027 S SD  . MET B 2 27  ? 4.472   13.654  3.262   1.00 19.50  ? 134 MET B SD  1 
ATOM 1028 C CE  . MET B 2 27  ? 3.161   14.881  3.316   1.00 26.02  ? 134 MET B CE  1 
ATOM 1029 N N   . HIS B 2 28  ? 4.531   8.001   3.764   1.00 7.42   ? 135 HIS B N   1 
ATOM 1030 C CA  . HIS B 2 28  ? 5.083   6.701   3.570   1.00 7.03   ? 135 HIS B CA  1 
ATOM 1031 C C   . HIS B 2 28  ? 5.526   6.695   2.107   1.00 5.27   ? 135 HIS B C   1 
ATOM 1032 O O   . HIS B 2 28  ? 4.970   7.432   1.315   1.00 6.77   ? 135 HIS B O   1 
ATOM 1033 C CB  . HIS B 2 28  ? 3.756   5.966   3.753   1.00 10.84  ? 135 HIS B CB  1 
ATOM 1034 C CG  . HIS B 2 28  ? 4.131   4.565   3.842   1.00 11.74  ? 135 HIS B CG  1 
ATOM 1035 N ND1 . HIS B 2 28  ? 3.704   3.534   3.076   1.00 14.55  ? 135 HIS B ND1 1 
ATOM 1036 C CD2 . HIS B 2 28  ? 5.400   4.412   4.230   1.00 10.63  ? 135 HIS B CD2 1 
ATOM 1037 C CE1 . HIS B 2 28  ? 4.840   2.864   3.029   1.00 14.96  ? 135 HIS B CE1 1 
ATOM 1038 N NE2 . HIS B 2 28  ? 5.928   3.405   3.529   1.00 12.47  ? 135 HIS B NE2 1 
ATOM 1039 N N   . TRP B 2 29  ? 6.514   5.856   1.798   1.00 6.23   ? 136 TRP B N   1 
ATOM 1040 C CA  . TRP B 2 29  ? 6.832   5.561   0.418   1.00 8.80   ? 136 TRP B CA  1 
ATOM 1041 C C   . TRP B 2 29  ? 6.468   4.100   0.223   1.00 11.17  ? 136 TRP B C   1 
ATOM 1042 O O   . TRP B 2 29  ? 6.875   3.221   1.035   1.00 13.20  ? 136 TRP B O   1 
ATOM 1043 C CB  . TRP B 2 29  ? 8.311   5.913   0.238   1.00 8.67   ? 136 TRP B CB  1 
ATOM 1044 C CG  . TRP B 2 29  ? 8.550   7.358   -0.033  1.00 8.30   ? 136 TRP B CG  1 
ATOM 1045 C CD1 . TRP B 2 29  ? 9.218   8.182   0.832   1.00 7.76   ? 136 TRP B CD1 1 
ATOM 1046 C CD2 . TRP B 2 29  ? 8.178   8.153   -1.103  1.00 9.92   ? 136 TRP B CD2 1 
ATOM 1047 N NE1 . TRP B 2 29  ? 9.264   9.489   0.346   1.00 10.64  ? 136 TRP B NE1 1 
ATOM 1048 C CE2 . TRP B 2 29  ? 8.601   9.407   -0.866  1.00 12.10  ? 136 TRP B CE2 1 
ATOM 1049 C CE3 . TRP B 2 29  ? 7.514   7.850   -2.226  1.00 13.65  ? 136 TRP B CE3 1 
ATOM 1050 C CZ2 . TRP B 2 29  ? 8.383   10.405  -1.729  1.00 15.24  ? 136 TRP B CZ2 1 
ATOM 1051 C CZ3 . TRP B 2 29  ? 7.283   8.857   -3.104  1.00 17.62  ? 136 TRP B CZ3 1 
ATOM 1052 C CH2 . TRP B 2 29  ? 7.709   10.111  -2.862  1.00 18.31  ? 136 TRP B CH2 1 
ATOM 1053 N N   . VAL B 2 30  ? 5.753   3.730   -0.782  1.00 14.93  ? 137 VAL B N   1 
ATOM 1054 C CA  . VAL B 2 30  ? 5.449   2.334   -1.051  1.00 21.17  ? 137 VAL B CA  1 
ATOM 1055 C C   . VAL B 2 30  ? 5.634   2.093   -2.533  1.00 25.65  ? 137 VAL B C   1 
ATOM 1056 O O   . VAL B 2 30  ? 5.199   2.899   -3.347  1.00 26.53  ? 137 VAL B O   1 
ATOM 1057 C CB  . VAL B 2 30  ? 3.979   2.066   -0.826  1.00 23.72  ? 137 VAL B CB  1 
ATOM 1058 C CG1 . VAL B 2 30  ? 3.549   0.683   -1.267  1.00 30.64  ? 137 VAL B CG1 1 
ATOM 1059 C CG2 . VAL B 2 30  ? 3.571   2.132   0.593   1.00 21.66  ? 137 VAL B CG2 1 
ATOM 1060 N N   . LYS B 2 31  ? 6.261   0.995   -2.915  1.00 29.46  ? 138 LYS B N   1 
ATOM 1061 C CA  . LYS B 2 31  ? 6.395   0.760   -4.349  1.00 35.67  ? 138 LYS B CA  1 
ATOM 1062 C C   . LYS B 2 31  ? 5.607   -0.449  -4.853  1.00 42.62  ? 138 LYS B C   1 
ATOM 1063 O O   . LYS B 2 31  ? 5.177   -1.289  -4.086  1.00 43.22  ? 138 LYS B O   1 
ATOM 1064 C CB  . LYS B 2 31  ? 7.865   0.670   -4.705  1.00 37.48  ? 138 LYS B CB  1 
ATOM 1065 C CG  . LYS B 2 31  ? 8.527   -0.531  -4.068  1.00 40.60  ? 138 LYS B CG  1 
ATOM 1066 C CD  . LYS B 2 31  ? 9.969   -0.349  -4.437  1.00 43.51  ? 138 LYS B CD  1 
ATOM 1067 C CE  . LYS B 2 31  ? 10.631  -1.523  -3.882  1.00 48.03  ? 138 LYS B CE  1 
ATOM 1068 N NZ  . LYS B 2 31  ? 12.053  -1.409  -4.076  1.00 53.00  ? 138 LYS B NZ  1 
ATOM 1069 N N   . GLN B 2 32  ? 5.428   -0.496  -6.180  1.00 48.33  ? 139 GLN B N   1 
ATOM 1070 C CA  . GLN B 2 32  ? 4.743   -1.632  -6.791  1.00 55.21  ? 139 GLN B CA  1 
ATOM 1071 C C   . GLN B 2 32  ? 5.582   -2.059  -7.997  1.00 60.62  ? 139 GLN B C   1 
ATOM 1072 O O   . GLN B 2 32  ? 5.818   -1.292  -8.913  1.00 61.82  ? 139 GLN B O   1 
ATOM 1073 C CB  . GLN B 2 32  ? 3.321   -1.263  -7.222  1.00 58.59  ? 139 GLN B CB  1 
ATOM 1074 C CG  . GLN B 2 32  ? 2.556   -2.492  -7.697  1.00 65.57  ? 139 GLN B CG  1 
ATOM 1075 C CD  . GLN B 2 32  ? 1.119   -2.150  -7.986  1.00 69.29  ? 139 GLN B CD  1 
ATOM 1076 O OE1 . GLN B 2 32  ? 0.790   -1.067  -8.410  1.00 70.32  ? 139 GLN B OE1 1 
ATOM 1077 N NE2 . GLN B 2 32  ? 0.323   -3.148  -7.754  1.00 72.63  ? 139 GLN B NE2 1 
ATOM 1078 N N   . ARG B 2 33  ? 6.048   -3.307  -7.917  1.00 63.32  ? 140 ARG B N   1 
ATOM 1079 C CA  . ARG B 2 33  ? 6.948   -3.833  -8.938  1.00 68.00  ? 140 ARG B CA  1 
ATOM 1080 C C   . ARG B 2 33  ? 6.156   -4.217  -10.161 1.00 73.70  ? 140 ARG B C   1 
ATOM 1081 O O   . ARG B 2 33  ? 4.938   -4.383  -10.054 1.00 74.72  ? 140 ARG B O   1 
ATOM 1082 C CB  . ARG B 2 33  ? 7.612   -5.098  -8.382  1.00 70.45  ? 140 ARG B CB  1 
ATOM 1083 C CG  . ARG B 2 33  ? 6.727   -6.345  -8.398  1.00 74.22  ? 140 ARG B CG  1 
ATOM 1084 C CD  . ARG B 2 33  ? 7.569   -7.612  -8.561  1.00 79.19  ? 140 ARG B CD  1 
ATOM 1085 N NE  . ARG B 2 33  ? 6.700   -8.789  -8.460  1.00 81.92  ? 140 ARG B NE  1 
ATOM 1086 C CZ  . ARG B 2 33  ? 7.147   -9.967  -8.892  1.00 86.53  ? 140 ARG B CZ  1 
ATOM 1087 N NH1 . ARG B 2 33  ? 8.256   -10.103 -9.546  1.00 89.04  ? 140 ARG B NH1 1 
ATOM 1088 N NH2 . ARG B 2 33  ? 6.423   -11.030 -8.650  1.00 88.85  ? 140 ARG B NH2 1 
ATOM 1089 N N   . PRO B 2 34  ? 6.787   -4.416  -11.313 1.00 77.05  ? 141 PRO B N   1 
ATOM 1090 C CA  . PRO B 2 34  ? 6.093   -4.738  -12.549 1.00 81.80  ? 141 PRO B CA  1 
ATOM 1091 C C   . PRO B 2 34  ? 5.262   -6.007  -12.468 1.00 85.28  ? 141 PRO B C   1 
ATOM 1092 O O   . PRO B 2 34  ? 4.249   -6.128  -13.132 1.00 88.38  ? 141 PRO B O   1 
ATOM 1093 C CB  . PRO B 2 34  ? 7.201   -4.856  -13.597 1.00 84.72  ? 141 PRO B CB  1 
ATOM 1094 C CG  . PRO B 2 34  ? 8.520   -4.641  -12.848 1.00 80.97  ? 141 PRO B CG  1 
ATOM 1095 C CD  . PRO B 2 34  ? 8.163   -3.960  -11.520 1.00 75.76  ? 141 PRO B CD  1 
ATOM 1096 N N   . GLY B 2 35  ? 5.638   -6.920  -11.574 1.00 84.62  ? 142 GLY B N   1 
ATOM 1097 C CA  . GLY B 2 35  ? 4.813   -8.111  -11.408 1.00 87.60  ? 142 GLY B CA  1 
ATOM 1098 C C   . GLY B 2 35  ? 3.714   -7.852  -10.380 1.00 85.31  ? 142 GLY B C   1 
ATOM 1099 O O   . GLY B 2 35  ? 3.187   -8.786  -9.790  1.00 86.32  ? 142 GLY B O   1 
ATOM 1100 N N   . GLN B 2 36  ? 3.406   -6.577  -10.155 1.00 82.42  ? 143 GLN B N   1 
ATOM 1101 C CA  . GLN B 2 36  ? 2.269   -6.154  -9.345  1.00 80.35  ? 143 GLN B CA  1 
ATOM 1102 C C   . GLN B 2 36  ? 2.444   -6.304  -7.827  1.00 75.43  ? 143 GLN B C   1 
ATOM 1103 O O   . GLN B 2 36  ? 1.516   -6.099  -7.077  1.00 73.93  ? 143 GLN B O   1 
ATOM 1104 C CB  . GLN B 2 36  ? 0.961   -6.779  -9.833  1.00 85.16  ? 143 GLN B CB  1 
ATOM 1105 C CG  . GLN B 2 36  ? 0.646   -6.505  -11.306 1.00 89.12  ? 143 GLN B CG  1 
ATOM 1106 C CD  . GLN B 2 36  ? -0.728  -7.011  -11.695 1.00 92.58  ? 143 GLN B CD  1 
ATOM 1107 O OE1 . GLN B 2 36  ? -1.181  -6.879  -12.832 1.00 95.49  ? 143 GLN B OE1 1 
ATOM 1108 N NE2 . GLN B 2 36  ? -1.417  -7.584  -10.748 1.00 91.32  ? 143 GLN B NE2 1 
ATOM 1109 N N   . GLY B 2 37  ? 3.633   -6.672  -7.353  1.00 73.50  ? 144 GLY B N   1 
ATOM 1110 C CA  . GLY B 2 37  ? 3.773   -6.869  -5.906  1.00 69.33  ? 144 GLY B CA  1 
ATOM 1111 C C   . GLY B 2 37  ? 4.010   -5.527  -5.213  1.00 62.77  ? 144 GLY B C   1 
ATOM 1112 O O   . GLY B 2 37  ? 4.706   -4.675  -5.744  1.00 60.91  ? 144 GLY B O   1 
ATOM 1113 N N   . LEU B 2 38  ? 3.432   -5.352  -4.022  1.00 59.03  ? 145 LEU B N   1 
ATOM 1114 C CA  . LEU B 2 38  ? 3.578   -4.063  -3.327  1.00 52.66  ? 145 LEU B CA  1 
ATOM 1115 C C   . LEU B 2 38  ? 4.609   -4.167  -2.210  1.00 49.03  ? 145 LEU B C   1 
ATOM 1116 O O   . LEU B 2 38  ? 4.601   -5.126  -1.448  1.00 51.22  ? 145 LEU B O   1 
ATOM 1117 C CB  . LEU B 2 38  ? 2.233   -3.714  -2.689  1.00 51.75  ? 145 LEU B CB  1 
ATOM 1118 C CG  . LEU B 2 38  ? 1.244   -3.116  -3.680  1.00 55.68  ? 145 LEU B CG  1 
ATOM 1119 C CD1 . LEU B 2 38  ? -0.162  -3.067  -3.100  1.00 58.27  ? 145 LEU B CD1 1 
ATOM 1120 C CD2 . LEU B 2 38  ? 1.712   -1.714  -4.051  1.00 51.46  ? 145 LEU B CD2 1 
ATOM 1121 N N   . GLU B 2 39  ? 5.497   -3.179  -2.079  1.00 43.67  ? 146 GLU B N   1 
ATOM 1122 C CA  . GLU B 2 39  ? 6.466   -3.242  -0.980  1.00 42.32  ? 146 GLU B CA  1 
ATOM 1123 C C   . GLU B 2 39  ? 6.576   -1.930  -0.221  1.00 35.18  ? 146 GLU B C   1 
ATOM 1124 O O   . GLU B 2 39  ? 6.512   -0.860  -0.793  1.00 31.75  ? 146 GLU B O   1 
ATOM 1125 C CB  . GLU B 2 39  ? 7.846   -3.598  -1.491  1.00 45.39  ? 146 GLU B CB  1 
ATOM 1126 C CG  . GLU B 2 39  ? 7.679   -4.967  -2.140  1.00 52.81  ? 146 GLU B CG  1 
ATOM 1127 C CD  . GLU B 2 39  ? 8.936   -5.140  -2.802  1.00 56.89  ? 146 GLU B CD  1 
ATOM 1128 O OE1 . GLU B 2 39  ? 9.675   -5.096  -1.751  1.00 56.99  ? 146 GLU B OE1 1 
ATOM 1129 O OE2 . GLU B 2 39  ? 9.310   -5.481  -3.930  1.00 61.84  ? 146 GLU B OE2 1 
ATOM 1130 N N   . TRP B 2 40  ? 6.783   -2.059  1.090   1.00 34.37  ? 147 TRP B N   1 
ATOM 1131 C CA  . TRP B 2 40  ? 6.988   -0.867  1.918   1.00 28.89  ? 147 TRP B CA  1 
ATOM 1132 C C   . TRP B 2 40  ? 8.450   -0.469  1.781   1.00 28.70  ? 147 TRP B C   1 
ATOM 1133 O O   . TRP B 2 40  ? 9.354   -1.264  1.972   1.00 34.79  ? 147 TRP B O   1 
ATOM 1134 C CB  . TRP B 2 40  ? 6.632   -1.210  3.380   1.00 30.46  ? 147 TRP B CB  1 
ATOM 1135 C CG  . TRP B 2 40  ? 7.152   -0.248  4.453   1.00 27.69  ? 147 TRP B CG  1 
ATOM 1136 C CD1 . TRP B 2 40  ? 6.686   1.006   4.631   1.00 22.54  ? 147 TRP B CD1 1 
ATOM 1137 C CD2 . TRP B 2 40  ? 8.109   -0.375  5.451   1.00 30.77  ? 147 TRP B CD2 1 
ATOM 1138 N NE1 . TRP B 2 40  ? 7.354   1.731   5.640   1.00 20.96  ? 147 TRP B NE1 1 
ATOM 1139 C CE2 . TRP B 2 40  ? 8.232   0.797   6.124   1.00 27.29  ? 147 TRP B CE2 1 
ATOM 1140 C CE3 . TRP B 2 40  ? 8.875   -1.415  5.769   1.00 38.18  ? 147 TRP B CE3 1 
ATOM 1141 C CZ2 . TRP B 2 40  ? 9.073   0.949   7.154   1.00 31.17  ? 147 TRP B CZ2 1 
ATOM 1142 C CZ3 . TRP B 2 40  ? 9.739   -1.261  6.801   1.00 41.84  ? 147 TRP B CZ3 1 
ATOM 1143 C CH2 . TRP B 2 40  ? 9.829   -0.111  7.496   1.00 38.64  ? 147 TRP B CH2 1 
ATOM 1144 N N   . ILE B 2 41  ? 8.633   0.806   1.431   1.00 24.03  ? 148 ILE B N   1 
ATOM 1145 C CA  . ILE B 2 41  ? 9.991   1.301   1.271   1.00 24.69  ? 148 ILE B CA  1 
ATOM 1146 C C   . ILE B 2 41  ? 10.457  2.062   2.499   1.00 22.26  ? 148 ILE B C   1 
ATOM 1147 O O   . ILE B 2 41  ? 11.543  1.783   2.991   1.00 27.28  ? 148 ILE B O   1 
ATOM 1148 C CB  . ILE B 2 41  ? 10.135  2.107   -0.013  1.00 22.37  ? 148 ILE B CB  1 
ATOM 1149 C CG1 . ILE B 2 41  ? 11.452  2.844   -0.151  1.00 23.78  ? 148 ILE B CG1 1 
ATOM 1150 C CG2 . ILE B 2 41  ? 9.310   3.316   -0.134  1.00 16.54  ? 148 ILE B CG2 1 
ATOM 1151 C CD1 . ILE B 2 41  ? 11.591  3.704   -1.408  1.00 24.66  ? 148 ILE B CD1 1 
ATOM 1152 N N   . GLY B 2 42  ? 9.666   3.007   3.014   1.00 15.75  ? 149 GLY B N   1 
ATOM 1153 C CA  . GLY B 2 42  ? 10.160  3.733   4.184   1.00 16.61  ? 149 GLY B CA  1 
ATOM 1154 C C   . GLY B 2 42  ? 9.070   4.550   4.850   1.00 12.70  ? 149 GLY B C   1 
ATOM 1155 O O   . GLY B 2 42  ? 8.071   4.841   4.237   1.00 9.90   ? 149 GLY B O   1 
ATOM 1156 N N   . ALA B 2 43  ? 9.332   5.026   6.053   1.00 14.24  ? 150 ALA B N   1 
ATOM 1157 C CA  . ALA B 2 43  ? 8.427   5.995   6.693   1.00 12.22  ? 150 ALA B CA  1 
ATOM 1158 C C   . ALA B 2 43  ? 9.132   6.975   7.653   1.00 13.92  ? 150 ALA B C   1 
ATOM 1159 O O   . ALA B 2 43  ? 10.102  6.618   8.329   1.00 19.35  ? 150 ALA B O   1 
ATOM 1160 C CB  . ALA B 2 43  ? 7.240   5.280   7.333   1.00 14.21  ? 150 ALA B CB  1 
ATOM 1161 N N   . ILE B 2 44  ? 8.744   8.254   7.568   1.00 13.28  ? 151 ILE B N   1 
ATOM 1162 C CA  . ILE B 2 44  ? 9.511   9.343   8.212   1.00 17.58  ? 151 ILE B CA  1 
ATOM 1163 C C   . ILE B 2 44  ? 8.471   10.141  8.882   1.00 18.39  ? 151 ILE B C   1 
ATOM 1164 O O   . ILE B 2 44  ? 7.368   10.342  8.364   1.00 16.75  ? 151 ILE B O   1 
ATOM 1165 C CB  . ILE B 2 44  ? 10.200  10.452  7.363   1.00 17.62  ? 151 ILE B CB  1 
ATOM 1166 C CG1 . ILE B 2 44  ? 11.194  11.374  8.087   1.00 24.36  ? 151 ILE B CG1 1 
ATOM 1167 C CG2 . ILE B 2 44  ? 9.423   11.169  6.255   1.00 16.31  ? 151 ILE B CG2 1 
ATOM 1168 C CD1 . ILE B 2 44  ? 12.120  12.270  7.277   1.00 27.76  ? 151 ILE B CD1 1 
ATOM 1169 N N   . PHE B 2 45  ? 8.861   10.618  10.022  1.00 23.42  ? 152 PHE B N   1 
ATOM 1170 C CA  . PHE B 2 45  ? 8.013   11.544  10.718  1.00 26.34  ? 152 PHE B CA  1 
ATOM 1171 C C   . PHE B 2 45  ? 8.728   12.862  10.570  1.00 30.23  ? 152 PHE B C   1 
ATOM 1172 O O   . PHE B 2 45  ? 9.826   13.033  11.102  1.00 33.55  ? 152 PHE B O   1 
ATOM 1173 C CB  . PHE B 2 45  ? 8.059   11.079  12.166  1.00 29.38  ? 152 PHE B CB  1 
ATOM 1174 C CG  . PHE B 2 45  ? 7.141   11.907  13.017  1.00 44.51  ? 152 PHE B CG  1 
ATOM 1175 C CD1 . PHE B 2 45  ? 5.831   11.649  13.002  1.00 56.37  ? 152 PHE B CD1 1 
ATOM 1176 C CD2 . PHE B 2 45  ? 7.635   12.874  13.802  1.00 44.97  ? 152 PHE B CD2 1 
ATOM 1177 C CE1 . PHE B 2 45  ? 5.007   12.365  13.773  1.00 64.48  ? 152 PHE B CE1 1 
ATOM 1178 C CE2 . PHE B 2 45  ? 6.810   13.592  14.570  1.00 48.71  ? 152 PHE B CE2 1 
ATOM 1179 C CZ  . PHE B 2 45  ? 5.494   13.335  14.557  1.00 69.15  ? 152 PHE B CZ  1 
ATOM 1180 N N   . PRO B 2 46  ? 8.157   13.796  9.840   1.00 30.73  ? 153 PRO B N   1 
ATOM 1181 C CA  . PRO B 2 46  ? 8.807   15.070  9.610   1.00 35.91  ? 153 PRO B CA  1 
ATOM 1182 C C   . PRO B 2 46  ? 8.753   15.875  10.896  1.00 40.75  ? 153 PRO B C   1 
ATOM 1183 O O   . PRO B 2 46  ? 7.880   15.691  11.741  1.00 40.50  ? 153 PRO B O   1 
ATOM 1184 C CB  . PRO B 2 46  ? 7.930   15.673  8.512   1.00 35.29  ? 153 PRO B CB  1 
ATOM 1185 C CG  . PRO B 2 46  ? 7.390   14.436  7.785   1.00 28.29  ? 153 PRO B CG  1 
ATOM 1186 C CD  . PRO B 2 46  ? 7.061   13.481  8.936   1.00 26.25  ? 153 PRO B CD  1 
ATOM 1187 N N   . GLY B 2 47  ? 9.728   16.753  11.058  1.00 45.40  ? 154 GLY B N   1 
ATOM 1188 C CA  . GLY B 2 47  ? 9.676   17.643  12.208  1.00 49.16  ? 154 GLY B CA  1 
ATOM 1189 C C   . GLY B 2 47  ? 10.371  16.943  13.354  1.00 55.26  ? 154 GLY B C   1 
ATOM 1190 O O   . GLY B 2 47  ? 10.145  17.268  14.516  1.00 59.46  ? 154 GLY B O   1 
ATOM 1191 N N   . ASN B 2 48  ? 11.222  15.990  13.003  1.00 60.47  ? 155 ASN B N   1 
ATOM 1192 C CA  . ASN B 2 48  ? 11.990  15.292  14.033  1.00 84.45  ? 155 ASN B CA  1 
ATOM 1193 C C   . ASN B 2 48  ? 12.857  14.365  13.208  1.00 66.19  ? 155 ASN B C   1 
ATOM 1194 O O   . ASN B 2 48  ? 13.875  13.842  13.649  1.00 73.11  ? 155 ASN B O   1 
ATOM 1195 C CB  . ASN B 2 48  ? 11.078  14.510  14.995  1.00 100.00 ? 155 ASN B CB  1 
ATOM 1196 C CG  . ASN B 2 48  ? 11.805  13.853  16.166  1.00 100.00 ? 155 ASN B CG  1 
ATOM 1197 O OD1 . ASN B 2 48  ? 13.024  13.926  16.322  1.00 100.00 ? 155 ASN B OD1 1 
ATOM 1198 N ND2 . ASN B 2 48  ? 11.054  13.192  17.026  1.00 100.00 ? 155 ASN B ND2 1 
ATOM 1199 N N   . SER B 2 49  ? 12.424  14.203  11.972  1.00 42.99  ? 156 SER B N   1 
ATOM 1200 C CA  . SER B 2 49  ? 13.189  13.424  10.986  1.00 40.88  ? 156 SER B CA  1 
ATOM 1201 C C   . SER B 2 49  ? 13.421  11.952  11.300  1.00 38.23  ? 156 SER B C   1 
ATOM 1202 O O   . SER B 2 49  ? 14.389  11.376  10.811  1.00 39.37  ? 156 SER B O   1 
ATOM 1203 C CB  . SER B 2 49  ? 14.497  14.097  10.559  1.00 44.98  ? 156 SER B CB  1 
ATOM 1204 O OG  . SER B 2 49  ? 14.306  15.320  9.856   1.00 47.25  ? 156 SER B OG  1 
ATOM 1205 N N   . ASP B 2 50  ? 12.554  11.332  12.078  1.00 37.43  ? 157 ASP B N   1 
ATOM 1206 C CA  . ASP B 2 50  ? 12.789  9.928   12.422  1.00 37.64  ? 157 ASP B CA  1 
ATOM 1207 C C   . ASP B 2 50  ? 12.495  9.110   11.177  1.00 33.29  ? 157 ASP B C   1 
ATOM 1208 O O   . ASP B 2 50  ? 11.698  9.529   10.347  1.00 29.39  ? 157 ASP B O   1 
ATOM 1209 C CB  . ASP B 2 50  ? 11.829  9.491   13.529  1.00 46.36  ? 157 ASP B CB  1 
ATOM 1210 C CG  . ASP B 2 50  ? 12.126  10.152  14.867  1.00 78.58  ? 157 ASP B CG  1 
ATOM 1211 O OD1 . ASP B 2 50  ? 13.293  10.521  15.121  1.00 86.55  ? 157 ASP B OD1 1 
ATOM 1212 O OD2 . ASP B 2 50  ? 11.189  10.288  15.683  1.00 96.51  ? 157 ASP B OD2 1 
ATOM 1213 N N   . SER B 2 51  ? 13.132  7.958   11.033  1.00 36.56  ? 158 SER B N   1 
ATOM 1214 C CA  . SER B 2 51  ? 12.939  7.186   9.807   1.00 32.21  ? 158 SER B CA  1 
ATOM 1215 C C   . SER B 2 51  ? 12.902  5.708   10.185  1.00 35.27  ? 158 SER B C   1 
ATOM 1216 O O   . SER B 2 51  ? 13.319  5.345   11.280  1.00 41.66  ? 158 SER B O   1 
ATOM 1217 C CB  . SER B 2 51  ? 14.115  7.457   8.869   1.00 33.18  ? 158 SER B CB  1 
ATOM 1218 O OG  . SER B 2 51  ? 14.137  8.778   8.336   1.00 30.39  ? 158 SER B OG  1 
ATOM 1219 N N   . ASP B 2 52  ? 12.415  4.883   9.256   1.00 32.61  ? 159 ASP B N   1 
ATOM 1220 C CA  . ASP B 2 52  ? 12.352  3.435   9.475   1.00 37.97  ? 159 ASP B CA  1 
ATOM 1221 C C   . ASP B 2 52  ? 12.154  2.836   8.069   1.00 35.37  ? 159 ASP B C   1 
ATOM 1222 O O   . ASP B 2 52  ? 11.481  3.444   7.260   1.00 28.58  ? 159 ASP B O   1 
ATOM 1223 C CB  . ASP B 2 52  ? 11.176  3.105   10.390  1.00 37.92  ? 159 ASP B CB  1 
ATOM 1224 C CG  . ASP B 2 52  ? 11.182  1.655   10.840  1.00 44.05  ? 159 ASP B CG  1 
ATOM 1225 O OD1 . ASP B 2 52  ? 12.185  0.936   10.649  1.00 49.98  ? 159 ASP B OD1 1 
ATOM 1226 O OD2 . ASP B 2 52  ? 10.166  1.230   11.414  1.00 44.23  ? 159 ASP B OD2 1 
ATOM 1227 N N   . TYR B 2 53  ? 12.850  1.688   7.811   1.00 41.65  ? 160 TYR B N   1 
ATOM 1228 C CA  . TYR B 2 53  ? 13.020  1.150   6.457   1.00 41.23  ? 160 TYR B CA  1 
ATOM 1229 C C   . TYR B 2 53  ? 13.126  -0.384  6.649   1.00 49.37  ? 160 TYR B C   1 
ATOM 1230 O O   . TYR B 2 53  ? 13.471  -0.879  7.703   1.00 55.59  ? 160 TYR B O   1 
ATOM 1231 C CB  . TYR B 2 53  ? 14.392  1.595   5.920   1.00 43.68  ? 160 TYR B CB  1 
ATOM 1232 C CG  . TYR B 2 53  ? 14.633  3.106   5.836   1.00 38.65  ? 160 TYR B CG  1 
ATOM 1233 C CD1 . TYR B 2 53  ? 14.256  3.795   4.749   1.00 32.76  ? 160 TYR B CD1 1 
ATOM 1234 C CD2 . TYR B 2 53  ? 15.255  3.758   6.829   1.00 41.28  ? 160 TYR B CD2 1 
ATOM 1235 C CE1 . TYR B 2 53  ? 14.500  5.125   4.666   1.00 29.18  ? 160 TYR B CE1 1 
ATOM 1236 C CE2 . TYR B 2 53  ? 15.494  5.079   6.749   1.00 37.67  ? 160 TYR B CE2 1 
ATOM 1237 C CZ  . TYR B 2 53  ? 15.120  5.765   5.664   1.00 31.98  ? 160 TYR B CZ  1 
ATOM 1238 O OH  . TYR B 2 53  ? 15.402  7.123   5.607   1.00 31.06  ? 160 TYR B OH  1 
ATOM 1239 N N   . ASN B 2 54  ? 12.840  -1.149  5.594   1.00 50.04  ? 161 ASN B N   1 
ATOM 1240 C CA  . ASN B 2 54  ? 13.155  -2.564  5.747   1.00 58.79  ? 161 ASN B CA  1 
ATOM 1241 C C   . ASN B 2 54  ? 14.603  -2.796  5.386   1.00 65.66  ? 161 ASN B C   1 
ATOM 1242 O O   . ASN B 2 54  ? 15.253  -1.860  4.976   1.00 63.06  ? 161 ASN B O   1 
ATOM 1243 C CB  . ASN B 2 54  ? 12.112  -3.498  5.180   1.00 58.13  ? 161 ASN B CB  1 
ATOM 1244 C CG  . ASN B 2 54  ? 12.033  -3.508  3.680   1.00 55.76  ? 161 ASN B CG  1 
ATOM 1245 O OD1 . ASN B 2 54  ? 12.681  -2.780  2.937   1.00 54.41  ? 161 ASN B OD1 1 
ATOM 1246 N ND2 . ASN B 2 54  ? 11.184  -4.395  3.252   1.00 57.00  ? 161 ASN B ND2 1 
ATOM 1247 N N   . GLN B 2 55  ? 15.082  -4.046  5.529   1.00 74.49  ? 162 GLN B N   1 
ATOM 1248 C CA  . GLN B 2 55  ? 16.493  -4.284  5.229   1.00 80.73  ? 162 GLN B CA  1 
ATOM 1249 C C   . GLN B 2 55  ? 16.764  -4.009  3.774   1.00 79.23  ? 162 GLN B C   1 
ATOM 1250 O O   . GLN B 2 55  ? 17.808  -3.491  3.438   1.00 81.06  ? 162 GLN B O   1 
ATOM 1251 C CB  . GLN B 2 55  ? 16.895  -5.738  5.480   1.00 89.39  ? 162 GLN B CB  1 
ATOM 1252 C CG  . GLN B 2 55  ? 16.769  -6.246  6.911   1.00 93.09  ? 162 GLN B CG  1 
ATOM 1253 C CD  . GLN B 2 55  ? 17.338  -5.257  7.911   1.00 91.64  ? 162 GLN B CD  1 
ATOM 1254 O OE1 . GLN B 2 55  ? 18.022  -4.282  7.600   1.00 88.98  ? 162 GLN B OE1 1 
ATOM 1255 N NE2 . GLN B 2 55  ? 17.040  -5.504  9.154   1.00 93.69  ? 162 GLN B NE2 1 
ATOM 1256 N N   . LYS B 2 56  ? 15.737  -4.367  2.988   1.00 76.55  ? 163 LYS B N   1 
ATOM 1257 C CA  . LYS B 2 56  ? 15.782  -4.203  1.541   1.00 75.54  ? 163 LYS B CA  1 
ATOM 1258 C C   . LYS B 2 56  ? 16.467  -2.930  1.107   1.00 72.31  ? 163 LYS B C   1 
ATOM 1259 O O   . LYS B 2 56  ? 17.320  -2.960  0.231   1.00 77.11  ? 163 LYS B O   1 
ATOM 1260 C CB  . LYS B 2 56  ? 14.342  -4.202  1.043   1.00 68.89  ? 163 LYS B CB  1 
ATOM 1261 C CG  . LYS B 2 56  ? 14.230  -4.182  -0.468  1.00 69.39  ? 163 LYS B CG  1 
ATOM 1262 C CD  . LYS B 2 56  ? 12.784  -4.334  -0.929  1.00 63.92  ? 163 LYS B CD  1 
ATOM 1263 C CE  . LYS B 2 56  ? 12.882  -4.018  -2.423  1.00 64.77  ? 163 LYS B CE  1 
ATOM 1264 N NZ  . LYS B 2 56  ? 11.543  -3.807  -2.909  1.00 58.91  ? 163 LYS B NZ  1 
ATOM 1265 N N   . PHE B 2 57  ? 16.140  -1.810  1.742   1.00 65.20  ? 164 PHE B N   1 
ATOM 1266 C CA  . PHE B 2 57  ? 16.730  -0.580  1.252   1.00 62.20  ? 164 PHE B CA  1 
ATOM 1267 C C   . PHE B 2 57  ? 17.544  0.113   2.336   1.00 62.13  ? 164 PHE B C   1 
ATOM 1268 O O   . PHE B 2 57  ? 18.045  1.201   2.112   1.00 59.39  ? 164 PHE B O   1 
ATOM 1269 C CB  . PHE B 2 57  ? 15.604  0.319   0.753   1.00 52.48  ? 164 PHE B CB  1 
ATOM 1270 C CG  . PHE B 2 57  ? 14.699  -0.362  -0.250  1.00 52.23  ? 164 PHE B CG  1 
ATOM 1271 C CD1 . PHE B 2 57  ? 13.538  -0.910  0.254   1.00 48.62  ? 164 PHE B CD1 1 
ATOM 1272 C CD2 . PHE B 2 57  ? 14.978  -0.047  -1.584  1.00 54.05  ? 164 PHE B CD2 1 
ATOM 1273 C CE1 . PHE B 2 57  ? 12.684  -1.283  -0.668  1.00 48.21  ? 164 PHE B CE1 1 
ATOM 1274 C CE2 . PHE B 2 57  ? 14.136  -0.640  -2.357  1.00 53.89  ? 164 PHE B CE2 1 
ATOM 1275 C CZ  . PHE B 2 57  ? 13.737  -1.404  -1.476  1.00 54.34  ? 164 PHE B CZ  1 
ATOM 1276 N N   . LYS B 2 58  ? 17.604  -0.537  3.500   1.00 65.30  ? 165 LYS B N   1 
ATOM 1277 C CA  . LYS B 2 58  ? 18.324  0.008   4.650   1.00 66.49  ? 165 LYS B CA  1 
ATOM 1278 C C   . LYS B 2 58  ? 19.705  0.485   4.248   1.00 69.45  ? 165 LYS B C   1 
ATOM 1279 O O   . LYS B 2 58  ? 20.444  -0.203  3.560   1.00 74.55  ? 165 LYS B O   1 
ATOM 1280 C CB  . LYS B 2 58  ? 18.471  -1.108  5.689   1.00 72.95  ? 165 LYS B CB  1 
ATOM 1281 C CG  . LYS B 2 58  ? 18.671  -0.616  7.122   1.00 72.93  ? 165 LYS B CG  1 
ATOM 1282 C CD  . LYS B 2 58  ? 17.351  -0.286  7.830   1.00 68.46  ? 165 LYS B CD  1 
ATOM 1283 C CE  . LYS B 2 58  ? 17.376  1.110   8.457   1.00 63.48  ? 165 LYS B CE  1 
ATOM 1284 N NZ  . LYS B 2 58  ? 16.186  1.429   9.263   1.00 59.49  ? 165 LYS B NZ  1 
ATOM 1285 N N   . GLY B 2 59  ? 20.011  1.723   4.615   1.00 65.51  ? 166 GLY B N   1 
ATOM 1286 C CA  . GLY B 2 59  ? 21.334  2.233   4.285   1.00 68.20  ? 166 GLY B CA  1 
ATOM 1287 C C   . GLY B 2 59  ? 21.464  2.763   2.861   1.00 66.88  ? 166 GLY B C   1 
ATOM 1288 O O   . GLY B 2 59  ? 22.523  3.275   2.523   1.00 69.16  ? 166 GLY B O   1 
ATOM 1289 N N   . LYS B 2 60  ? 20.427  2.675   2.026   1.00 63.58  ? 167 LYS B N   1 
ATOM 1290 C CA  . LYS B 2 60  ? 20.582  3.170   0.659   1.00 63.70  ? 167 LYS B CA  1 
ATOM 1291 C C   . LYS B 2 60  ? 19.542  4.227   0.358   1.00 55.94  ? 167 LYS B C   1 
ATOM 1292 O O   . LYS B 2 60  ? 19.809  5.194   -0.336  1.00 54.94  ? 167 LYS B O   1 
ATOM 1293 C CB  . LYS B 2 60  ? 20.351  2.046   -0.337  1.00 67.72  ? 167 LYS B CB  1 
ATOM 1294 C CG  . LYS B 2 60  ? 21.262  0.844   -0.129  1.00 75.83  ? 167 LYS B CG  1 
ATOM 1295 C CD  . LYS B 2 60  ? 20.670  -0.342  -0.880  1.00 79.46  ? 167 LYS B CD  1 
ATOM 1296 C CE  . LYS B 2 60  ? 20.262  0.030   -2.305  1.00 78.31  ? 167 LYS B CE  1 
ATOM 1297 N NZ  . LYS B 2 60  ? 19.133  -0.800  -2.737  1.00 78.01  ? 167 LYS B NZ  1 
ATOM 1298 N N   . ALA B 2 61  ? 18.336  4.012   0.870   1.00 50.45  ? 168 ALA B N   1 
ATOM 1299 C CA  . ALA B 2 61  ? 17.321  5.030   0.643   1.00 42.18  ? 168 ALA B CA  1 
ATOM 1300 C C   . ALA B 2 61  ? 17.205  5.905   1.876   1.00 38.40  ? 168 ALA B C   1 
ATOM 1301 O O   . ALA B 2 61  ? 17.538  5.486   2.980   1.00 40.95  ? 168 ALA B O   1 
ATOM 1302 C CB  . ALA B 2 61  ? 16.021  4.385   0.174   1.00 38.16  ? 168 ALA B CB  1 
ATOM 1303 N N   . LYS B 2 62  ? 16.785  7.149   1.668   1.00 34.12  ? 169 LYS B N   1 
ATOM 1304 C CA  . LYS B 2 62  ? 16.718  8.058   2.802   1.00 32.86  ? 169 LYS B CA  1 
ATOM 1305 C C   . LYS B 2 62  ? 15.514  8.958   2.642   1.00 27.92  ? 169 LYS B C   1 
ATOM 1306 O O   . LYS B 2 62  ? 15.452  9.832   1.804   1.00 28.21  ? 169 LYS B O   1 
ATOM 1307 C CB  . LYS B 2 62  ? 17.959  8.930   2.909   1.00 38.45  ? 169 LYS B CB  1 
ATOM 1308 C CG  . LYS B 2 62  ? 19.229  8.107   3.080   1.00 45.16  ? 169 LYS B CG  1 
ATOM 1309 C CD  . LYS B 2 62  ? 20.439  9.001   3.299   1.00 49.97  ? 169 LYS B CD  1 
ATOM 1310 C CE  . LYS B 2 62  ? 21.744  8.215   3.262   1.00 56.57  ? 169 LYS B CE  1 
ATOM 1311 N NZ  . LYS B 2 62  ? 22.879  9.120   3.463   1.00 60.97  ? 169 LYS B NZ  1 
ATOM 1312 N N   . LEU B 2 63  ? 14.540  8.704   3.472   1.00 23.69  ? 170 LEU B N   1 
ATOM 1313 C CA  . LEU B 2 63  ? 13.342  9.500   3.393   1.00 19.35  ? 170 LEU B CA  1 
ATOM 1314 C C   . LEU B 2 63  ? 13.441  10.756  4.217   1.00 21.23  ? 170 LEU B C   1 
ATOM 1315 O O   . LEU B 2 63  ? 14.112  10.770  5.238   1.00 25.55  ? 170 LEU B O   1 
ATOM 1316 C CB  . LEU B 2 63  ? 12.697  8.648   4.419   1.00 17.15  ? 170 LEU B CB  1 
ATOM 1317 C CG  . LEU B 2 63  ? 11.242  8.931   4.425   1.00 12.07  ? 170 LEU B CG  1 
ATOM 1318 C CD1 . LEU B 2 63  ? 10.604  8.135   3.336   1.00 10.01  ? 170 LEU B CD1 1 
ATOM 1319 C CD2 . LEU B 2 63  ? 10.958  8.202   5.672   1.00 13.88  ? 170 LEU B CD2 1 
ATOM 1320 N N   . THR B 2 64  ? 12.746  11.797  3.757   1.00 22.15  ? 171 THR B N   1 
ATOM 1321 C CA  . THR B 2 64  ? 12.904  13.092  4.413   1.00 27.90  ? 171 THR B CA  1 
ATOM 1322 C C   . THR B 2 64  ? 11.712  13.939  4.017   1.00 28.15  ? 171 THR B C   1 
ATOM 1323 O O   . THR B 2 64  ? 10.979  13.595  3.102   1.00 24.37  ? 171 THR B O   1 
ATOM 1324 C CB  . THR B 2 64  ? 14.186  13.791  3.957   1.00 34.18  ? 171 THR B CB  1 
ATOM 1325 O OG1 . THR B 2 64  ? 14.156  14.052  2.553   1.00 35.42  ? 171 THR B OG1 1 
ATOM 1326 C CG2 . THR B 2 64  ? 15.479  13.101  4.394   1.00 36.74  ? 171 THR B CG2 1 
ATOM 1327 N N   . ALA B 2 65  ? 11.560  15.067  4.714   1.00 33.90  ? 172 ALA B N   1 
ATOM 1328 C CA  . ALA B 2 65  ? 10.502  15.978  4.304   1.00 35.65  ? 172 ALA B CA  1 
ATOM 1329 C C   . ALA B 2 65  ? 10.695  17.420  4.743   1.00 44.85  ? 172 ALA B C   1 
ATOM 1330 O O   . ALA B 2 65  ? 11.627  17.742  5.470   1.00 48.87  ? 172 ALA B O   1 
ATOM 1331 C CB  . ALA B 2 65  ? 9.129   15.423  4.633   1.00 30.08  ? 172 ALA B CB  1 
ATOM 1332 N N   . VAL B 2 66  ? 9.791   18.259  4.226   1.00 47.89  ? 173 VAL B N   1 
ATOM 1333 C CA  . VAL B 2 66  ? 9.872   19.687  4.467   1.00 56.77  ? 173 VAL B CA  1 
ATOM 1334 C C   . VAL B 2 66  ? 8.442   20.092  4.852   1.00 56.81  ? 173 VAL B C   1 
ATOM 1335 O O   . VAL B 2 66  ? 7.550   20.314  4.060   1.00 56.45  ? 173 VAL B O   1 
ATOM 1336 C CB  . VAL B 2 66  ? 10.323  20.387  3.196   1.00 61.62  ? 173 VAL B CB  1 
ATOM 1337 C CG1 . VAL B 2 66  ? 9.308   20.076  2.150   1.00 57.71  ? 173 VAL B CG1 1 
ATOM 1338 C CG2 . VAL B 2 66  ? 10.643  21.867  3.356   1.00 71.46  ? 173 VAL B CG2 1 
ATOM 1339 N N   . THR B 2 67  ? 8.227   20.217  6.160   1.00 57.72  ? 174 THR B N   1 
ATOM 1340 C CA  . THR B 2 67  ? 6.899   20.608  6.663   1.00 58.41  ? 174 THR B CA  1 
ATOM 1341 C C   . THR B 2 67  ? 6.507   21.999  6.143   1.00 65.04  ? 174 THR B C   1 
ATOM 1342 O O   . THR B 2 67  ? 5.333   22.313  6.067   1.00 64.95  ? 174 THR B O   1 
ATOM 1343 C CB  . THR B 2 67  ? 6.851   20.509  8.213   1.00 58.30  ? 174 THR B CB  1 
ATOM 1344 O OG1 . THR B 2 67  ? 6.727   19.157  8.684   1.00 51.20  ? 174 THR B OG1 1 
ATOM 1345 C CG2 . THR B 2 67  ? 5.807   21.428  8.855   1.00 61.31  ? 174 THR B CG2 1 
ATOM 1346 N N   . SER B 2 68  ? 7.517   22.804  5.761   1.00 70.75  ? 175 SER B N   1 
ATOM 1347 C CA  . SER B 2 68  ? 7.244   24.159  5.281   1.00 77.27  ? 175 SER B CA  1 
ATOM 1348 C C   . SER B 2 68  ? 6.785   24.161  3.828   1.00 75.52  ? 175 SER B C   1 
ATOM 1349 O O   . SER B 2 68  ? 5.763   24.748  3.506   1.00 75.84  ? 175 SER B O   1 
ATOM 1350 C CB  . SER B 2 68  ? 8.511   25.019  5.435   1.00 83.97  ? 175 SER B CB  1 
ATOM 1351 O OG  . SER B 2 68  ? 9.573   24.659  4.545   1.00 84.60  ? 175 SER B OG  1 
ATOM 1352 N N   . THR B 2 69  ? 7.545   23.488  2.955   1.00 73.72  ? 176 THR B N   1 
ATOM 1353 C CA  . THR B 2 69  ? 7.225   23.525  1.531   1.00 72.77  ? 176 THR B CA  1 
ATOM 1354 C C   . THR B 2 69  ? 6.258   22.391  1.201   1.00 65.53  ? 176 THR B C   1 
ATOM 1355 O O   . THR B 2 69  ? 5.874   22.262  0.048   1.00 64.94  ? 176 THR B O   1 
ATOM 1356 C CB  . THR B 2 69  ? 8.493   23.529  0.636   1.00 75.71  ? 176 THR B CB  1 
ATOM 1357 O OG1 . THR B 2 69  ? 8.311   24.088  -0.661  1.00 77.84  ? 176 THR B OG1 1 
ATOM 1358 C CG2 . THR B 2 69  ? 9.111   22.195  0.359   1.00 70.23  ? 176 THR B CG2 1 
ATOM 1359 N N   . SER B 2 70  ? 5.868   21.578  2.186   1.00 60.81  ? 177 SER B N   1 
ATOM 1360 C CA  . SER B 2 70  ? 4.944   20.482  1.897   1.00 53.95  ? 177 SER B CA  1 
ATOM 1361 C C   . SER B 2 70  ? 5.527   19.553  0.832   1.00 50.20  ? 177 SER B C   1 
ATOM 1362 O O   . SER B 2 70  ? 5.003   19.434  -0.263  1.00 49.47  ? 177 SER B O   1 
ATOM 1363 C CB  . SER B 2 70  ? 3.551   21.006  1.510   1.00 56.10  ? 177 SER B CB  1 
ATOM 1364 O OG  . SER B 2 70  ? 2.834   21.602  2.594   1.00 58.99  ? 177 SER B OG  1 
ATOM 1365 N N   . ASN B 2 71  ? 6.639   18.910  1.208   1.00 47.30  ? 178 ASN B N   1 
ATOM 1366 C CA  . ASN B 2 71  ? 7.324   18.030  0.261   1.00 43.30  ? 178 ASN B CA  1 
ATOM 1367 C C   . ASN B 2 71  ? 7.777   16.787  1.010   1.00 36.22  ? 178 ASN B C   1 
ATOM 1368 O O   . ASN B 2 71  ? 8.258   16.835  2.121   1.00 36.34  ? 178 ASN B O   1 
ATOM 1369 C CB  . ASN B 2 71  ? 8.610   18.665  -0.239  1.00 49.53  ? 178 ASN B CB  1 
ATOM 1370 C CG  . ASN B 2 71  ? 8.437   19.189  -1.622  1.00 54.61  ? 178 ASN B CG  1 
ATOM 1371 O OD1 . ASN B 2 71  ? 8.663   18.481  -2.594  1.00 52.99  ? 178 ASN B OD1 1 
ATOM 1372 N ND2 . ASN B 2 71  ? 8.018   20.414  -1.738  1.00 60.65  ? 178 ASN B ND2 1 
ATOM 1373 N N   . GLU B 2 72  ? 7.628   15.673  0.305   1.00 30.49  ? 179 GLU B N   1 
ATOM 1374 C CA  . GLU B 2 72  ? 8.174   14.427  0.842   1.00 24.05  ? 179 GLU B CA  1 
ATOM 1375 C C   . GLU B 2 72  ? 9.257   13.981  -0.144  1.00 24.82  ? 179 GLU B C   1 
ATOM 1376 O O   . GLU B 2 72  ? 9.093   14.131  -1.322  1.00 27.48  ? 179 GLU B O   1 
ATOM 1377 C CB  . GLU B 2 72  ? 7.041   13.409  0.901   1.00 18.49  ? 179 GLU B CB  1 
ATOM 1378 C CG  . GLU B 2 72  ? 7.376   12.089  1.581   1.00 13.42  ? 179 GLU B CG  1 
ATOM 1379 C CD  . GLU B 2 72  ? 7.602   12.154  3.080   1.00 13.22  ? 179 GLU B CD  1 
ATOM 1380 O OE1 . GLU B 2 72  ? 7.160   13.110  3.772   1.00 16.59  ? 179 GLU B OE1 1 
ATOM 1381 O OE2 . GLU B 2 72  ? 8.210   11.200  3.580   1.00 10.74  ? 179 GLU B OE2 1 
ATOM 1382 N N   . THR B 2 73  ? 10.381  13.489  0.414   1.00 24.36  ? 180 THR B N   1 
ATOM 1383 C CA  . THR B 2 73  ? 11.509  13.095  -0.456  1.00 27.37  ? 180 THR B CA  1 
ATOM 1384 C C   . THR B 2 73  ? 11.905  11.633  -0.219  1.00 22.60  ? 180 THR B C   1 
ATOM 1385 O O   . THR B 2 73  ? 11.783  11.100  0.874   1.00 18.61  ? 180 THR B O   1 
ATOM 1386 C CB  . THR B 2 73  ? 12.737  14.009  -0.272  1.00 34.19  ? 180 THR B CB  1 
ATOM 1387 O OG1 . THR B 2 73  ? 12.452  15.373  -0.597  1.00 40.27  ? 180 THR B OG1 1 
ATOM 1388 C CG2 . THR B 2 73  ? 13.989  13.508  -0.996  1.00 37.53  ? 180 THR B CG2 1 
ATOM 1389 N N   . ALA B 2 74  ? 12.403  11.022  -1.304  1.00 24.78  ? 181 ALA B N   1 
ATOM 1390 C CA  . ALA B 2 74  ? 13.034  9.721   -1.181  1.00 23.13  ? 181 ALA B CA  1 
ATOM 1391 C C   . ALA B 2 74  ? 14.343  9.802   -1.982  1.00 29.78  ? 181 ALA B C   1 
ATOM 1392 O O   . ALA B 2 74  ? 14.371  10.123  -3.155  1.00 34.77  ? 181 ALA B O   1 
ATOM 1393 C CB  . ALA B 2 74  ? 12.024  8.665   -1.633  1.00 19.70  ? 181 ALA B CB  1 
ATOM 1394 N N   . TYR B 2 75  ? 15.452  9.572   -1.285  1.00 32.21  ? 182 TYR B N   1 
ATOM 1395 C CA  . TYR B 2 75  ? 16.756  9.710   -1.946  1.00 39.21  ? 182 TYR B CA  1 
ATOM 1396 C C   . TYR B 2 75  ? 17.376  8.324   -2.063  1.00 42.00  ? 182 TYR B C   1 
ATOM 1397 O O   . TYR B 2 75  ? 17.966  7.819   -1.124  1.00 42.09  ? 182 TYR B O   1 
ATOM 1398 C CB  . TYR B 2 75  ? 17.691  10.617  -1.131  1.00 42.38  ? 182 TYR B CB  1 
ATOM 1399 C CG  . TYR B 2 75  ? 19.079  10.767  -1.762  1.00 49.76  ? 182 TYR B CG  1 
ATOM 1400 C CD1 . TYR B 2 75  ? 19.244  11.332  -2.966  1.00 54.52  ? 182 TYR B CD1 1 
ATOM 1401 C CD2 . TYR B 2 75  ? 20.165  10.388  -1.079  1.00 53.27  ? 182 TYR B CD2 1 
ATOM 1402 C CE1 . TYR B 2 75  ? 20.469  11.431  -3.533  1.00 60.95  ? 182 TYR B CE1 1 
ATOM 1403 C CE2 . TYR B 2 75  ? 21.396  10.550  -1.629  1.00 59.75  ? 182 TYR B CE2 1 
ATOM 1404 C CZ  . TYR B 2 75  ? 21.551  10.996  -2.874  1.00 63.40  ? 182 TYR B CZ  1 
ATOM 1405 O OH  . TYR B 2 75  ? 22.809  11.024  -3.473  1.00 69.85  ? 182 TYR B OH  1 
ATOM 1406 N N   . MET B 2 76  ? 17.195  7.725   -3.234  1.00 44.41  ? 183 MET B N   1 
ATOM 1407 C CA  . MET B 2 76  ? 17.739  6.390   -3.472  1.00 49.06  ? 183 MET B CA  1 
ATOM 1408 C C   . MET B 2 76  ? 19.165  6.446   -3.968  1.00 56.54  ? 183 MET B C   1 
ATOM 1409 O O   . MET B 2 76  ? 19.536  7.281   -4.780  1.00 58.53  ? 183 MET B O   1 
ATOM 1410 C CB  . MET B 2 76  ? 16.913  5.753   -4.573  1.00 49.74  ? 183 MET B CB  1 
ATOM 1411 C CG  . MET B 2 76  ? 15.444  5.895   -4.210  1.00 41.87  ? 183 MET B CG  1 
ATOM 1412 S SD  . MET B 2 76  ? 14.522  5.833   -5.722  1.00 43.42  ? 183 MET B SD  1 
ATOM 1413 C CE  . MET B 2 76  ? 14.154  4.085   -5.731  1.00 46.45  ? 183 MET B CE  1 
ATOM 1414 N N   . ASP B 2 77  ? 19.971  5.558   -3.387  1.00 60.63  ? 184 ASP B N   1 
ATOM 1415 C CA  . ASP B 2 77  ? 21.398  5.590   -3.690  1.00 67.26  ? 184 ASP B CA  1 
ATOM 1416 C C   . ASP B 2 77  ? 21.793  4.138   -3.928  1.00 72.92  ? 184 ASP B C   1 
ATOM 1417 O O   . ASP B 2 77  ? 21.335  3.255   -3.224  1.00 72.53  ? 184 ASP B O   1 
ATOM 1418 C CB  . ASP B 2 77  ? 22.172  6.118   -2.489  1.00 67.30  ? 184 ASP B CB  1 
ATOM 1419 C CG  . ASP B 2 77  ? 21.787  7.483   -2.044  1.00 62.80  ? 184 ASP B CG  1 
ATOM 1420 O OD1 . ASP B 2 77  ? 20.838  8.061   -2.596  1.00 58.62  ? 184 ASP B OD1 1 
ATOM 1421 O OD2 . ASP B 2 77  ? 22.441  7.999   -1.122  1.00 63.57  ? 184 ASP B OD2 1 
ATOM 1422 N N   . LEU B 2 78  ? 22.719  3.942   -4.887  1.00 78.29  ? 185 LEU B N   1 
ATOM 1423 C CA  . LEU B 2 78  ? 23.302  2.614   -5.064  1.00 83.68  ? 185 LEU B CA  1 
ATOM 1424 C C   . LEU B 2 78  ? 22.199  1.728   -5.593  1.00 83.35  ? 185 LEU B C   1 
ATOM 1425 O O   . LEU B 2 78  ? 22.079  0.584   -5.186  1.00 85.96  ? 185 LEU B O   1 
ATOM 1426 C CB  . LEU B 2 78  ? 23.848  2.010   -3.770  1.00 85.46  ? 185 LEU B CB  1 
ATOM 1427 C CG  . LEU B 2 78  ? 24.851  2.869   -3.008  1.00 85.48  ? 185 LEU B CG  1 
ATOM 1428 C CD1 . LEU B 2 78  ? 24.379  4.187   -2.424  1.00 80.10  ? 185 LEU B CD1 1 
ATOM 1429 C CD2 . LEU B 2 78  ? 25.328  2.098   -1.794  1.00 86.86  ? 185 LEU B CD2 1 
ATOM 1430 N N   . SER B 2 79  ? 21.401  2.327   -6.479  1.00 80.10  ? 186 SER B N   1 
ATOM 1431 C CA  . SER B 2 79  ? 20.240  1.621   -7.018  1.00 78.59  ? 186 SER B CA  1 
ATOM 1432 C C   . SER B 2 79  ? 20.566  0.217   -7.520  1.00 83.87  ? 186 SER B C   1 
ATOM 1433 O O   . SER B 2 79  ? 21.606  -0.032  -8.108  1.00 87.40  ? 186 SER B O   1 
ATOM 1434 C CB  . SER B 2 79  ? 19.635  2.467   -8.146  1.00 75.72  ? 186 SER B CB  1 
ATOM 1435 O OG  . SER B 2 79  ? 18.799  3.530   -7.682  1.00 69.51  ? 186 SER B OG  1 
ATOM 1436 N N   . SER B 2 80  ? 19.650  -0.710  -7.276  1.00 84.13  ? 187 SER B N   1 
ATOM 1437 C CA  . SER B 2 80  ? 19.845  -2.087  -7.729  1.00 89.31  ? 187 SER B CA  1 
ATOM 1438 C C   . SER B 2 80  ? 18.745  -2.320  -8.766  1.00 87.15  ? 187 SER B C   1 
ATOM 1439 O O   . SER B 2 80  ? 17.804  -1.547  -8.831  1.00 82.33  ? 187 SER B O   1 
ATOM 1440 C CB  . SER B 2 80  ? 19.660  -3.046  -6.534  1.00 91.37  ? 187 SER B CB  1 
ATOM 1441 O OG  . SER B 2 80  ? 20.666  -2.951  -5.517  1.00 93.37  ? 187 SER B OG  1 
ATOM 1442 N N   . LEU B 2 81  ? 18.839  -3.431  -9.518  1.00 90.16  ? 188 LEU B N   1 
ATOM 1443 C CA  . LEU B 2 81  ? 17.849  -3.714  -10.567 1.00 88.95  ? 188 LEU B CA  1 
ATOM 1444 C C   . LEU B 2 81  ? 16.475  -3.972  -9.961  1.00 86.74  ? 188 LEU B C   1 
ATOM 1445 O O   . LEU B 2 81  ? 15.458  -3.674  -10.551 1.00 84.01  ? 188 LEU B O   1 
ATOM 1446 C CB  . LEU B 2 81  ? 18.265  -5.009  -11.265 1.00 93.65  ? 188 LEU B CB  1 
ATOM 1447 C CG  . LEU B 2 81  ? 17.319  -5.499  -12.357 1.00 95.36  ? 188 LEU B CG  1 
ATOM 1448 C CD1 . LEU B 2 81  ? 17.215  -4.507  -13.503 1.00 99.37  ? 188 LEU B CD1 1 
ATOM 1449 C CD2 . LEU B 2 81  ? 17.828  -6.837  -12.878 1.00 93.89  ? 188 LEU B CD2 1 
ATOM 1450 N N   . THR B 2 82  ? 16.497  -4.506  -8.730  1.00 87.89  ? 189 THR B N   1 
ATOM 1451 C CA  . THR B 2 82  ? 15.261  -4.835  -8.015  1.00 85.09  ? 189 THR B CA  1 
ATOM 1452 C C   . THR B 2 82  ? 14.528  -3.600  -7.481  1.00 77.95  ? 189 THR B C   1 
ATOM 1453 O O   . THR B 2 82  ? 13.501  -3.747  -6.837  1.00 73.93  ? 189 THR B O   1 
ATOM 1454 C CB  . THR B 2 82  ? 15.616  -5.748  -6.817  1.00 88.65  ? 189 THR B CB  1 
ATOM 1455 O OG1 . THR B 2 82  ? 16.113  -5.002  -5.696  1.00 86.66  ? 189 THR B OG1 1 
ATOM 1456 C CG2 . THR B 2 82  ? 16.537  -6.911  -7.194  1.00 95.31  ? 189 THR B CG2 1 
ATOM 1457 N N   . ASP B 2 83  ? 15.033  -2.387  -7.721  1.00 75.62  ? 190 ASP B N   1 
ATOM 1458 C CA  . ASP B 2 83  ? 14.326  -1.218  -7.208  1.00 67.77  ? 190 ASP B CA  1 
ATOM 1459 C C   . ASP B 2 83  ? 13.377  -0.725  -8.287  1.00 65.70  ? 190 ASP B C   1 
ATOM 1460 O O   . ASP B 2 83  ? 12.589  0.172   -8.052  1.00 60.01  ? 190 ASP B O   1 
ATOM 1461 C CB  . ASP B 2 83  ? 15.312  -0.106  -6.842  1.00 66.46  ? 190 ASP B CB  1 
ATOM 1462 C CG  . ASP B 2 83  ? 16.252  -0.581  -5.754  1.00 69.97  ? 190 ASP B CG  1 
ATOM 1463 O OD1 . ASP B 2 83  ? 15.851  -1.442  -4.946  1.00 70.48  ? 190 ASP B OD1 1 
ATOM 1464 O OD2 . ASP B 2 83  ? 17.397  -0.088  -5.690  1.00 72.57  ? 190 ASP B OD2 1 
ATOM 1465 N N   . SER B 2 84  ? 13.498  -1.306  -9.477  1.00 70.25  ? 191 SER B N   1 
ATOM 1466 C CA  . SER B 2 84  ? 12.585  -0.943  -10.565 1.00 69.96  ? 191 SER B CA  1 
ATOM 1467 C C   . SER B 2 84  ? 11.150  -1.123  -10.096 1.00 66.90  ? 191 SER B C   1 
ATOM 1468 O O   . SER B 2 84  ? 10.806  -2.205  -9.646  1.00 67.79  ? 191 SER B O   1 
ATOM 1469 C CB  . SER B 2 84  ? 12.814  -1.943  -11.711 1.00 75.19  ? 191 SER B CB  1 
ATOM 1470 O OG  . SER B 2 84  ? 14.166  -2.007  -12.167 1.00 80.94  ? 191 SER B OG  1 
ATOM 1471 N N   . ALA B 2 85  ? 10.333  -0.068  -10.220 1.00 63.22  ? 192 ALA B N   1 
ATOM 1472 C CA  . ALA B 2 85  ? 8.950   -0.195  -9.765  1.00 60.93  ? 192 ALA B CA  1 
ATOM 1473 C C   . ALA B 2 85  ? 8.321   1.191   -9.779  1.00 57.73  ? 192 ALA B C   1 
ATOM 1474 O O   . ALA B 2 85  ? 8.998   2.177   -10.009 1.00 56.05  ? 192 ALA B O   1 
ATOM 1475 C CB  . ALA B 2 85  ? 8.888   -0.717  -8.333  1.00 57.38  ? 192 ALA B CB  1 
ATOM 1476 N N   . VAL B 2 86  ? 7.007   1.207   -9.536  1.00 57.10  ? 193 VAL B N   1 
ATOM 1477 C CA  . VAL B 2 86  ? 6.283   2.473   -9.456  1.00 54.33  ? 193 VAL B CA  1 
ATOM 1478 C C   . VAL B 2 86  ? 6.368   2.908   -8.008  1.00 46.56  ? 193 VAL B C   1 
ATOM 1479 O O   . VAL B 2 86  ? 6.259   2.095   -7.105  1.00 43.97  ? 193 VAL B O   1 
ATOM 1480 C CB  . VAL B 2 86  ? 4.820   2.196   -9.812  1.00 59.42  ? 193 VAL B CB  1 
ATOM 1481 C CG1 . VAL B 2 86  ? 3.884   2.864   -8.841  1.00 56.09  ? 193 VAL B CG1 1 
ATOM 1482 C CG2 . VAL B 2 86  ? 4.441   2.623   -11.223 1.00 66.30  ? 193 VAL B CG2 1 
ATOM 1483 N N   . TYR B 2 87  ? 6.589   4.198   -7.783  1.00 43.45  ? 194 TYR B N   1 
ATOM 1484 C CA  . TYR B 2 87  ? 6.740   4.634   -6.398  1.00 35.72  ? 194 TYR B CA  1 
ATOM 1485 C C   . TYR B 2 87  ? 5.605   5.589   -6.048  1.00 33.19  ? 194 TYR B C   1 
ATOM 1486 O O   . TYR B 2 87  ? 5.298   6.518   -6.779  1.00 36.52  ? 194 TYR B O   1 
ATOM 1487 C CB  . TYR B 2 87  ? 8.115   5.280   -6.191  1.00 33.14  ? 194 TYR B CB  1 
ATOM 1488 C CG  . TYR B 2 87  ? 9.238   4.246   -6.081  1.00 34.89  ? 194 TYR B CG  1 
ATOM 1489 C CD1 . TYR B 2 87  ? 9.612   3.515   -7.139  1.00 41.65  ? 194 TYR B CD1 1 
ATOM 1490 C CD2 . TYR B 2 87  ? 9.880   4.068   -4.915  1.00 31.14  ? 194 TYR B CD2 1 
ATOM 1491 C CE1 . TYR B 2 87  ? 10.591  2.599   -7.044  1.00 45.23  ? 194 TYR B CE1 1 
ATOM 1492 C CE2 . TYR B 2 87  ? 10.874  3.154   -4.821  1.00 35.48  ? 194 TYR B CE2 1 
ATOM 1493 C CZ  . TYR B 2 87  ? 11.225  2.417   -5.879  1.00 42.31  ? 194 TYR B CZ  1 
ATOM 1494 O OH  . TYR B 2 87  ? 12.242  1.475   -5.801  1.00 47.27  ? 194 TYR B OH  1 
ATOM 1495 N N   . TYR B 2 88  ? 5.018   5.295   -4.886  1.00 28.95  ? 195 TYR B N   1 
ATOM 1496 C CA  . TYR B 2 88  ? 3.912   6.100   -4.386  1.00 27.95  ? 195 TYR B CA  1 
ATOM 1497 C C   . TYR B 2 88  ? 4.239   6.565   -2.962  1.00 20.62  ? 195 TYR B C   1 
ATOM 1498 O O   . TYR B 2 88  ? 5.083   6.022   -2.287  1.00 16.74  ? 195 TYR B O   1 
ATOM 1499 C CB  . TYR B 2 88  ? 2.713   5.188   -4.259  1.00 31.61  ? 195 TYR B CB  1 
ATOM 1500 C CG  . TYR B 2 88  ? 2.128   4.497   -5.477  1.00 40.97  ? 195 TYR B CG  1 
ATOM 1501 C CD1 . TYR B 2 88  ? 1.411   5.170   -6.387  1.00 46.98  ? 195 TYR B CD1 1 
ATOM 1502 C CD2 . TYR B 2 88  ? 2.313   3.182   -5.627  1.00 43.79  ? 195 TYR B CD2 1 
ATOM 1503 C CE1 . TYR B 2 88  ? 0.919   4.526   -7.473  1.00 55.72  ? 195 TYR B CE1 1 
ATOM 1504 C CE2 . TYR B 2 88  ? 1.802   2.538   -6.691  1.00 52.17  ? 195 TYR B CE2 1 
ATOM 1505 C CZ  . TYR B 2 88  ? 1.110   3.212   -7.629  1.00 58.14  ? 195 TYR B CZ  1 
ATOM 1506 O OH  . TYR B 2 88  ? 0.658   2.528   -8.758  1.00 66.65  ? 195 TYR B OH  1 
ATOM 1507 N N   . CYS B 2 89  ? 3.497   7.610   -2.576  1.00 20.60  ? 196 CYS B N   1 
ATOM 1508 C CA  . CYS B 2 89  ? 3.622   8.148   -1.222  1.00 15.04  ? 196 CYS B CA  1 
ATOM 1509 C C   . CYS B 2 89  ? 2.205   8.220   -0.707  1.00 17.92  ? 196 CYS B C   1 
ATOM 1510 O O   . CYS B 2 89  ? 1.300   8.383   -1.507  1.00 22.95  ? 196 CYS B O   1 
ATOM 1511 C CB  . CYS B 2 89  ? 4.202   9.558   -1.302  1.00 13.66  ? 196 CYS B CB  1 
ATOM 1512 S SG  . CYS B 2 89  ? 4.108   10.160  -3.002  1.00 20.65  ? 196 CYS B SG  1 
ATOM 1513 N N   . THR B 2 90  ? 2.074   8.080   0.620   1.00 16.18  ? 197 THR B N   1 
ATOM 1514 C CA  . THR B 2 90  ? 0.757   8.149   1.233   1.00 21.29  ? 197 THR B CA  1 
ATOM 1515 C C   . THR B 2 90  ? 0.822   8.645   2.658   1.00 20.01  ? 197 THR B C   1 
ATOM 1516 O O   . THR B 2 90  ? 1.875   8.623   3.261   1.00 15.19  ? 197 THR B O   1 
ATOM 1517 C CB  . THR B 2 90  ? -0.090  6.926   1.050   1.00 26.47  ? 197 THR B CB  1 
ATOM 1518 O OG1 . THR B 2 90  ? 0.500   5.700   1.425   1.00 24.20  ? 197 THR B OG1 1 
ATOM 1519 C CG2 . THR B 2 90  ? -0.586  6.940   -0.338  1.00 30.93  ? 197 THR B CG2 1 
ATOM 1520 N N   . ARG B 2 91  ? -0.317  9.149   3.136   1.00 25.15  ? 198 ARG B N   1 
ATOM 1521 C CA  . ARG B 2 91  ? -0.366  9.653   4.501   1.00 25.45  ? 198 ARG B CA  1 
ATOM 1522 C C   . ARG B 2 91  ? -0.979  8.576   5.363   1.00 28.47  ? 198 ARG B C   1 
ATOM 1523 O O   . ARG B 2 91  ? -1.772  7.765   4.920   1.00 32.59  ? 198 ARG B O   1 
ATOM 1524 C CB  . ARG B 2 91  ? -1.257  10.886  4.626   1.00 30.77  ? 198 ARG B CB  1 
ATOM 1525 C CG  . ARG B 2 91  ? -1.855  11.459  3.341   1.00 33.89  ? 198 ARG B CG  1 
ATOM 1526 C CD  . ARG B 2 91  ? -3.316  11.046  3.108   1.00 40.85  ? 198 ARG B CD  1 
ATOM 1527 N NE  . ARG B 2 91  ? -4.114  12.200  2.644   1.00 45.52  ? 198 ARG B NE  1 
ATOM 1528 C CZ  . ARG B 2 91  ? -5.282  11.967  2.009   1.00 51.37  ? 198 ARG B CZ  1 
ATOM 1529 N NH1 . ARG B 2 91  ? -5.725  10.788  1.776   1.00 54.24  ? 198 ARG B NH1 1 
ATOM 1530 N NH2 . ARG B 2 91  ? -6.009  12.986  1.600   1.00 55.19  ? 198 ARG B NH2 1 
ATOM 1531 N N   . LYS B 2 92  ? -0.641  8.587   6.625   1.00 27.90  ? 199 LYS B N   1 
ATOM 1532 C CA  . LYS B 2 92  ? -1.140  7.564   7.514   1.00 30.78  ? 199 LYS B CA  1 
ATOM 1533 C C   . LYS B 2 92  ? -1.844  8.441   8.512   1.00 34.35  ? 199 LYS B C   1 
ATOM 1534 O O   . LYS B 2 92  ? -1.230  9.261   9.191   1.00 32.93  ? 199 LYS B O   1 
ATOM 1535 C CB  . LYS B 2 92  ? 0.078   6.868   8.126   1.00 26.94  ? 199 LYS B CB  1 
ATOM 1536 C CG  . LYS B 2 92  ? -0.129  5.645   9.022   1.00 39.69  ? 199 LYS B CG  1 
ATOM 1537 C CD  . LYS B 2 92  ? -0.812  5.915   10.359  1.00 55.08  ? 199 LYS B CD  1 
ATOM 1538 C CE  . LYS B 2 92  ? -0.101  7.014   11.144  1.00 51.23  ? 199 LYS B CE  1 
ATOM 1539 N NZ  . LYS B 2 92  ? -0.908  7.398   12.307  1.00 71.01  ? 199 LYS B NZ  1 
ATOM 1540 N N   . ASP B 2 93  ? -3.152  8.326   8.504   1.00 39.23  ? 200 ASP B N   1 
ATOM 1541 C CA  . ASP B 2 93  ? -3.955  9.127   9.418   1.00 45.31  ? 200 ASP B CA  1 
ATOM 1542 C C   . ASP B 2 93  ? -3.795  8.527   10.794  1.00 53.15  ? 200 ASP B C   1 
ATOM 1543 O O   . ASP B 2 93  ? -3.457  7.350   10.894  1.00 50.37  ? 200 ASP B O   1 
ATOM 1544 C CB  . ASP B 2 93  ? -5.435  9.006   9.065   1.00 62.83  ? 200 ASP B CB  1 
ATOM 1545 C CG  . ASP B 2 93  ? -5.782  9.468   7.666   1.00 51.39  ? 200 ASP B CG  1 
ATOM 1546 O OD1 . ASP B 2 93  ? -5.173  10.448  7.190   1.00 46.60  ? 200 ASP B OD1 1 
ATOM 1547 O OD2 . ASP B 2 93  ? -6.685  8.869   7.042   1.00 53.58  ? 200 ASP B OD2 1 
ATOM 1548 N N   . TYR B 2 94  ? -4.074  9.343   11.800  1.00 74.98  ? 201 TYR B N   1 
ATOM 1549 C CA  . TYR B 2 94  ? -3.752  9.032   13.198  1.00 96.96  ? 201 TYR B CA  1 
ATOM 1550 C C   . TYR B 2 94  ? -4.331  7.700   13.620  1.00 99.58  ? 201 TYR B C   1 
ATOM 1551 O O   . TYR B 2 94  ? -3.622  6.715   13.787  1.00 99.13  ? 201 TYR B O   1 
ATOM 1552 C CB  . TYR B 2 94  ? -4.323  10.117  14.116  1.00 100.00 ? 201 TYR B CB  1 
ATOM 1553 C CG  . TYR B 2 94  ? -3.504  11.391  14.151  1.00 100.00 ? 201 TYR B CG  1 
ATOM 1554 C CD1 . TYR B 2 94  ? -3.574  12.291  13.160  1.00 100.00 ? 201 TYR B CD1 1 
ATOM 1555 C CD2 . TYR B 2 94  ? -2.730  11.639  15.218  1.00 100.00 ? 201 TYR B CD2 1 
ATOM 1556 C CE1 . TYR B 2 94  ? -2.850  13.416  13.218  1.00 100.00 ? 201 TYR B CE1 1 
ATOM 1557 C CE2 . TYR B 2 94  ? -2.010  12.768  15.279  1.00 100.00 ? 201 TYR B CE2 1 
ATOM 1558 C CZ  . TYR B 2 94  ? -2.062  13.653  14.274  1.00 100.00 ? 201 TYR B CZ  1 
ATOM 1559 O OH  . TYR B 2 94  ? -1.293  14.789  14.306  1.00 100.00 ? 201 TYR B OH  1 
ATOM 1560 N N   . GLY B 2 95  ? -5.644  7.615   13.714  1.00 100.00 ? 202 GLY B N   1 
ATOM 1561 C CA  . GLY B 2 95  ? -6.234  6.342   14.130  1.00 100.00 ? 202 GLY B CA  1 
ATOM 1562 C C   . GLY B 2 95  ? -6.466  5.432   12.927  1.00 100.00 ? 202 GLY B C   1 
ATOM 1563 O O   . GLY B 2 95  ? -7.323  4.560   12.920  1.00 100.00 ? 202 GLY B O   1 
ATOM 1564 N N   . THR B 2 96  ? -5.698  5.663   11.890  1.00 100.00 ? 203 THR B N   1 
ATOM 1565 C CA  . THR B 2 96  ? -5.765  4.792   10.742  1.00 90.43  ? 203 THR B CA  1 
ATOM 1566 C C   . THR B 2 96  ? -4.596  3.868   10.808  1.00 85.67  ? 203 THR B C   1 
ATOM 1567 O O   . THR B 2 96  ? -3.556  4.123   11.414  1.00 93.17  ? 203 THR B O   1 
ATOM 1568 C CB  . THR B 2 96  ? -5.701  5.658   9.495   1.00 72.08  ? 203 THR B CB  1 
ATOM 1569 O OG1 . THR B 2 96  ? -6.844  6.488   9.460   1.00 76.28  ? 203 THR B OG1 1 
ATOM 1570 C CG2 . THR B 2 96  ? -5.420  5.020   8.134   1.00 50.58  ? 203 THR B CG2 1 
ATOM 1571 N N   . GLU B 2 97  ? -4.872  2.768   10.159  1.00 74.42  ? 204 GLU B N   1 
ATOM 1572 C CA  . GLU B 2 97  ? -3.904  1.733   10.035  1.00 78.12  ? 204 GLU B CA  1 
ATOM 1573 C C   . GLU B 2 97  ? -2.914  2.018   8.917   1.00 52.70  ? 204 GLU B C   1 
ATOM 1574 O O   . GLU B 2 97  ? -1.953  2.767   9.051   1.00 45.48  ? 204 GLU B O   1 
ATOM 1575 C CB  . GLU B 2 97  ? -4.624  0.382   10.011  1.00 94.22  ? 204 GLU B CB  1 
ATOM 1576 C CG  . GLU B 2 97  ? -5.593  0.165   11.186  1.00 98.87  ? 204 GLU B CG  1 
ATOM 1577 C CD  . GLU B 2 97  ? -4.975  -0.209  12.521  1.00 100.00 ? 204 GLU B CD  1 
ATOM 1578 O OE1 . GLU B 2 97  ? -3.989  -0.960  12.503  1.00 99.93  ? 204 GLU B OE1 1 
ATOM 1579 O OE2 . GLU B 2 97  ? -5.452  0.228   13.590  1.00 100.00 ? 204 GLU B OE2 1 
ATOM 1580 N N   . VAL B 2 98  ? -3.088  1.315   7.833   1.00 54.91  ? 205 VAL B N   1 
ATOM 1581 C CA  . VAL B 2 98  ? -2.036  1.315   6.834   1.00 44.46  ? 205 VAL B CA  1 
ATOM 1582 C C   . VAL B 2 98  ? -2.140  2.629   6.082   1.00 40.82  ? 205 VAL B C   1 
ATOM 1583 O O   . VAL B 2 98  ? -2.890  3.543   6.423   1.00 42.64  ? 205 VAL B O   1 
ATOM 1584 C CB  . VAL B 2 98  ? -2.465  0.161   5.962   1.00 47.82  ? 205 VAL B CB  1 
ATOM 1585 C CG1 . VAL B 2 98  ? -2.336  -1.196  6.640   1.00 50.02  ? 205 VAL B CG1 1 
ATOM 1586 C CG2 . VAL B 2 98  ? -3.936  0.453   6.076   1.00 53.30  ? 205 VAL B CG2 1 
ATOM 1587 N N   . PHE B 2 99  ? -1.332  2.756   5.068   1.00 37.02  ? 206 PHE B N   1 
ATOM 1588 C CA  . PHE B 2 99  ? -1.069  4.087   4.566   1.00 33.46  ? 206 PHE B CA  1 
ATOM 1589 C C   . PHE B 2 99  ? -2.013  4.378   3.421   1.00 38.18  ? 206 PHE B C   1 
ATOM 1590 O O   . PHE B 2 99  ? -2.214  3.549   2.535   1.00 41.29  ? 206 PHE B O   1 
ATOM 1591 C CB  . PHE B 2 99  ? 0.367   4.036   4.099   1.00 26.37  ? 206 PHE B CB  1 
ATOM 1592 C CG  . PHE B 2 99  ? 1.273   3.710   5.261   1.00 23.34  ? 206 PHE B CG  1 
ATOM 1593 C CD1 . PHE B 2 99  ? 1.611   4.701   6.096   1.00 21.32  ? 206 PHE B CD1 1 
ATOM 1594 C CD2 . PHE B 2 99  ? 1.945   2.552   5.274   1.00 24.80  ? 206 PHE B CD2 1 
ATOM 1595 C CE1 . PHE B 2 99  ? 2.670   4.572   6.900   1.00 18.90  ? 206 PHE B CE1 1 
ATOM 1596 C CE2 . PHE B 2 99  ? 3.028   2.442   6.044   1.00 22.86  ? 206 PHE B CE2 1 
ATOM 1597 C CZ  . PHE B 2 99  ? 3.404   3.461   6.834   1.00 20.30  ? 206 PHE B CZ  1 
ATOM 1598 N N   . VAL B 2 100 ? -2.621  5.544   3.468   1.00 39.62  ? 207 VAL B N   1 
ATOM 1599 C CA  . VAL B 2 100 ? -3.727  5.851   2.570   1.00 46.39  ? 207 VAL B CA  1 
ATOM 1600 C C   . VAL B 2 100 ? -3.342  6.781   1.420   1.00 44.34  ? 207 VAL B C   1 
ATOM 1601 O O   . VAL B 2 100 ? -2.847  7.892   1.629   1.00 39.84  ? 207 VAL B O   1 
ATOM 1602 C CB  . VAL B 2 100 ? -4.907  6.407   3.378   1.00 52.00  ? 207 VAL B CB  1 
ATOM 1603 C CG1 . VAL B 2 100 ? -5.551  5.365   4.288   1.00 55.90  ? 207 VAL B CG1 1 
ATOM 1604 C CG2 . VAL B 2 100 ? -4.658  7.712   4.134   1.00 48.39  ? 207 VAL B CG2 1 
ATOM 1605 N N   . TYR B 2 101 ? -3.594  6.221   0.232   1.00 48.37  ? 208 TYR B N   1 
ATOM 1606 C CA  . TYR B 2 101 ? -3.345  6.837   -1.102  1.00 48.43  ? 208 TYR B CA  1 
ATOM 1607 C C   . TYR B 2 101 ? -3.434  8.361   -1.331  1.00 47.91  ? 208 TYR B C   1 
ATOM 1608 O O   . TYR B 2 101 ? -4.212  9.020   -0.669  1.00 50.69  ? 208 TYR B O   1 
ATOM 1609 C CB  . TYR B 2 101 ? -3.191  5.880   -2.322  1.00 52.33  ? 208 TYR B CB  1 
ATOM 1610 C CG  . TYR B 2 101 ? -1.899  5.063   -2.379  1.00 46.50  ? 208 TYR B CG  1 
ATOM 1611 C CD1 . TYR B 2 101 ? -1.685  3.984   -1.596  1.00 45.01  ? 208 TYR B CD1 1 
ATOM 1612 C CD2 . TYR B 2 101 ? -0.861  5.633   -2.988  1.00 41.68  ? 208 TYR B CD2 1 
ATOM 1613 C CE1 . TYR B 2 101 ? -0.445  3.509   -1.363  1.00 38.79  ? 208 TYR B CE1 1 
ATOM 1614 C CE2 . TYR B 2 101 ? 0.356   5.199   -2.687  1.00 35.45  ? 208 TYR B CE2 1 
ATOM 1615 C CZ  . TYR B 2 101 ? 0.597   4.165   -1.877  1.00 33.83  ? 208 TYR B CZ  1 
ATOM 1616 O OH  . TYR B 2 101 ? 1.901   3.795   -1.667  1.00 28.40  ? 208 TYR B OH  1 
ATOM 1617 N N   . TRP B 2 102 ? -2.660  8.884   -2.308  1.00 45.67  ? 209 TRP B N   1 
ATOM 1618 C CA  . TRP B 2 102 ? -2.969  10.203  -2.853  1.00 47.91  ? 209 TRP B CA  1 
ATOM 1619 C C   . TRP B 2 102 ? -1.928  10.435  -3.937  1.00 45.20  ? 209 TRP B C   1 
ATOM 1620 O O   . TRP B 2 102 ? -1.875  11.491  -4.547  1.00 46.93  ? 209 TRP B O   1 
ATOM 1621 C CB  . TRP B 2 102 ? -2.928  11.347  -1.829  1.00 44.51  ? 209 TRP B CB  1 
ATOM 1622 C CG  . TRP B 2 102 ? -1.647  11.422  -1.005  1.00 36.87  ? 209 TRP B CG  1 
ATOM 1623 C CD1 . TRP B 2 102 ? -1.279  10.495  -0.026  1.00 33.18  ? 209 TRP B CD1 1 
ATOM 1624 C CD2 . TRP B 2 102 ? -0.636  12.393  -0.988  1.00 33.73  ? 209 TRP B CD2 1 
ATOM 1625 N NE1 . TRP B 2 102 ? -0.065  10.879  0.554   1.00 27.11  ? 209 TRP B NE1 1 
ATOM 1626 C CE2 . TRP B 2 102 ? 0.296   12.039  -0.081  1.00 27.75  ? 209 TRP B CE2 1 
ATOM 1627 C CE3 . TRP B 2 102 ? -0.484  13.511  -1.710  1.00 35.78  ? 209 TRP B CE3 1 
ATOM 1628 C CZ2 . TRP B 2 102 ? 1.381   12.778  0.180   1.00 25.33  ? 209 TRP B CZ2 1 
ATOM 1629 C CZ3 . TRP B 2 102 ? 0.624   14.250  -1.474  1.00 33.50  ? 209 TRP B CZ3 1 
ATOM 1630 C CH2 . TRP B 2 102 ? 1.538   13.903  -0.544  1.00 29.06  ? 209 TRP B CH2 1 
ATOM 1631 N N   . GLY B 2 103 ? -1.075  9.436   -4.152  1.00 42.49  ? 210 GLY B N   1 
ATOM 1632 C CA  . GLY B 2 103 ? -0.030  9.630   -5.156  1.00 42.06  ? 210 GLY B CA  1 
ATOM 1633 C C   . GLY B 2 103 ? -0.492  8.934   -6.425  1.00 50.27  ? 210 GLY B C   1 
ATOM 1634 O O   . GLY B 2 103 ? -1.203  7.948   -6.351  1.00 54.05  ? 210 GLY B O   1 
ATOM 1635 N N   . GLN B 2 104 ? -0.050  9.432   -7.588  1.00 53.18  ? 211 GLN B N   1 
ATOM 1636 C CA  . GLN B 2 104 ? -0.479  8.771   -8.821  1.00 62.12  ? 211 GLN B CA  1 
ATOM 1637 C C   . GLN B 2 104 ? 0.665   7.919   -9.374  1.00 61.52  ? 211 GLN B C   1 
ATOM 1638 O O   . GLN B 2 104 ? 0.550   7.294   -10.412 1.00 68.01  ? 211 GLN B O   1 
ATOM 1639 C CB  . GLN B 2 104 ? -0.990  9.768   -9.869  1.00 68.24  ? 211 GLN B CB  1 
ATOM 1640 C CG  . GLN B 2 104 ? -1.750  9.032   -10.975 1.00 77.23  ? 211 GLN B CG  1 
ATOM 1641 C CD  . GLN B 2 104 ? -2.387  9.947   -11.999 1.00 82.98  ? 211 GLN B CD  1 
ATOM 1642 O OE1 . GLN B 2 104 ? -2.047  9.941   -13.176 1.00 86.93  ? 211 GLN B OE1 1 
ATOM 1643 N NE2 . GLN B 2 104 ? -3.347  10.736  -11.587 1.00 83.95  ? 211 GLN B NE2 1 
ATOM 1644 N N   . GLY B 2 105 ? 1.789   7.909   -8.653  1.00 53.78  ? 212 GLY B N   1 
ATOM 1645 C CA  . GLY B 2 105 ? 2.893   7.050   -9.088  1.00 54.10  ? 212 GLY B CA  1 
ATOM 1646 C C   . GLY B 2 105 ? 4.049   7.912   -9.606  1.00 52.87  ? 212 GLY B C   1 
ATOM 1647 O O   . GLY B 2 105 ? 4.046   9.114   -9.463  1.00 51.38  ? 212 GLY B O   1 
ATOM 1648 N N   . THR B 2 106 ? 5.011   7.165   -10.209 1.00 54.88  ? 213 THR B N   1 
ATOM 1649 C CA  . THR B 2 106 ? 6.228   7.757   -10.768 1.00 55.80  ? 213 THR B CA  1 
ATOM 1650 C C   . THR B 2 106 ? 7.196   6.566   -10.946 1.00 55.96  ? 213 THR B C   1 
ATOM 1651 O O   . THR B 2 106 ? 7.759   6.040   -10.009 1.00 50.99  ? 213 THR B O   1 
ATOM 1652 C CB  . THR B 2 106 ? 6.856   8.833   -9.889  1.00 50.61  ? 213 THR B CB  1 
ATOM 1653 O OG1 . THR B 2 106 ? 7.899   9.522   -10.563 1.00 54.47  ? 213 THR B OG1 1 
ATOM 1654 C CG2 . THR B 2 106 ? 7.255   8.318   -8.508  1.00 43.28  ? 213 THR B CG2 1 
ATOM 1655 N N   . LEU B 2 107 ? 7.328   6.144   -12.203 1.00 61.95  ? 214 LEU B N   1 
ATOM 1656 C CA  . LEU B 2 107 ? 8.067   4.904   -12.489 1.00 63.35  ? 214 LEU B CA  1 
ATOM 1657 C C   . LEU B 2 107 ? 9.580   5.082   -12.569 1.00 63.71  ? 214 LEU B C   1 
ATOM 1658 O O   . LEU B 2 107 ? 10.093  5.822   -13.399 1.00 65.98  ? 214 LEU B O   1 
ATOM 1659 C CB  . LEU B 2 107 ? 7.591   4.384   -13.848 1.00 71.04  ? 214 LEU B CB  1 
ATOM 1660 C CG  . LEU B 2 107 ? 8.005   2.937   -14.127 1.00 73.68  ? 214 LEU B CG  1 
ATOM 1661 C CD1 . LEU B 2 107 ? 7.317   1.943   -13.196 1.00 75.75  ? 214 LEU B CD1 1 
ATOM 1662 C CD2 . LEU B 2 107 ? 7.715   2.499   -15.558 1.00 85.50  ? 214 LEU B CD2 1 
ATOM 1663 N N   . VAL B 2 108 ? 10.266  4.337   -11.702 1.00 61.07  ? 215 VAL B N   1 
ATOM 1664 C CA  . VAL B 2 108 ? 11.729  4.288   -11.750 1.00 62.27  ? 215 VAL B CA  1 
ATOM 1665 C C   . VAL B 2 108 ? 12.120  2.972   -12.398 1.00 66.38  ? 215 VAL B C   1 
ATOM 1666 O O   . VAL B 2 108 ? 11.568  1.926   -12.099 1.00 66.58  ? 215 VAL B O   1 
ATOM 1667 C CB  . VAL B 2 108 ? 12.322  4.246   -10.341 1.00 57.71  ? 215 VAL B CB  1 
ATOM 1668 C CG1 . VAL B 2 108 ? 13.835  4.035   -10.350 1.00 61.05  ? 215 VAL B CG1 1 
ATOM 1669 C CG2 . VAL B 2 108 ? 12.052  5.524   -9.581  1.00 53.57  ? 215 VAL B CG2 1 
ATOM 1670 N N   . THR B 2 109 ? 13.100  3.056   -13.289 1.00 70.06  ? 216 THR B N   1 
ATOM 1671 C CA  . THR B 2 109 ? 13.524  1.851   -13.997 1.00 74.09  ? 216 THR B CA  1 
ATOM 1672 C C   . THR B 2 109 ? 15.053  1.714   -13.924 1.00 75.95  ? 216 THR B C   1 
ATOM 1673 O O   . THR B 2 109 ? 15.751  2.510   -14.525 1.00 77.25  ? 216 THR B O   1 
ATOM 1674 C CB  . THR B 2 109 ? 13.048  1.963   -15.455 1.00 78.83  ? 216 THR B CB  1 
ATOM 1675 O OG1 . THR B 2 109 ? 11.703  2.430   -15.562 1.00 75.93  ? 216 THR B OG1 1 
ATOM 1676 C CG2 . THR B 2 109 ? 13.193  0.628   -16.176 1.00 88.62  ? 216 THR B CG2 1 
ATOM 1677 N N   . VAL B 2 110 ? 15.558  0.705   -13.201 1.00 79.48  ? 217 VAL B N   1 
ATOM 1678 C CA  . VAL B 2 110 ? 17.022  0.519   -13.124 1.00 83.84  ? 217 VAL B CA  1 
ATOM 1679 C C   . VAL B 2 110 ? 17.530  -0.512  -14.126 1.00 95.33  ? 217 VAL B C   1 
ATOM 1680 O O   . VAL B 2 110 ? 17.311  -1.697  -13.932 1.00 99.83  ? 217 VAL B O   1 
ATOM 1681 C CB  . VAL B 2 110 ? 17.448  0.008   -11.741 1.00 81.34  ? 217 VAL B CB  1 
ATOM 1682 C CG1 . VAL B 2 110 ? 18.967  -0.164  -11.675 1.00 84.23  ? 217 VAL B CG1 1 
ATOM 1683 C CG2 . VAL B 2 110 ? 16.995  0.939   -10.622 1.00 75.44  ? 217 VAL B CG2 1 
ATOM 1684 N N   . SER B 2 111 ? 18.228  -0.075  -15.171 1.00 95.20  ? 218 SER B N   1 
ATOM 1685 C CA  . SER B 2 111 ? 18.757  -1.049  -16.127 1.00 99.45  ? 218 SER B CA  1 
ATOM 1686 C C   . SER B 2 111 ? 20.062  -0.580  -16.772 1.00 98.10  ? 218 SER B C   1 
ATOM 1687 O O   . SER B 2 111 ? 20.193  0.636   -17.045 1.00 93.71  ? 218 SER B O   1 
ATOM 1688 C CB  . SER B 2 111 ? 17.735  -1.337  -17.228 1.00 100.00 ? 218 SER B CB  1 
ATOM 1689 O OG  . SER B 2 111 ? 18.227  -2.294  -18.170 1.00 100.00 ? 218 SER B OG  1 
ATOM 1690 O OXT . SER B 2 111 ? 20.950  -1.413  -17.018 1.00 99.94  ? 218 SER B OXT 1 
# 
